data_8Q5L
# 
_entry.id   8Q5L 
# 
_audit_conform.dict_name       mmcif_pdbx.dic 
_audit_conform.dict_version    5.385 
_audit_conform.dict_location   http://mmcif.pdb.org/dictionaries/ascii/mmcif_pdbx.dic 
# 
loop_
_database_2.database_id 
_database_2.database_code 
_database_2.pdbx_database_accession 
_database_2.pdbx_DOI 
PDB   8Q5L         pdb_00008q5l 10.2210/pdb8q5l/pdb 
WWPDB D_1292132642 ?            ?                   
# 
loop_
_pdbx_audit_revision_history.ordinal 
_pdbx_audit_revision_history.data_content_type 
_pdbx_audit_revision_history.major_revision 
_pdbx_audit_revision_history.minor_revision 
_pdbx_audit_revision_history.revision_date 
1 'Structure model' 1 0 2024-01-17 
2 'Structure model' 1 1 2024-02-07 
# 
_pdbx_audit_revision_details.ordinal             1 
_pdbx_audit_revision_details.revision_ordinal    1 
_pdbx_audit_revision_details.data_content_type   'Structure model' 
_pdbx_audit_revision_details.provider            repository 
_pdbx_audit_revision_details.type                'Initial release' 
_pdbx_audit_revision_details.description         ? 
_pdbx_audit_revision_details.details             ? 
# 
_pdbx_audit_revision_group.ordinal             1 
_pdbx_audit_revision_group.revision_ordinal    2 
_pdbx_audit_revision_group.data_content_type   'Structure model' 
_pdbx_audit_revision_group.group               'Database references' 
# 
loop_
_pdbx_audit_revision_category.ordinal 
_pdbx_audit_revision_category.revision_ordinal 
_pdbx_audit_revision_category.data_content_type 
_pdbx_audit_revision_category.category 
1 2 'Structure model' citation        
2 2 'Structure model' citation_author 
# 
loop_
_pdbx_audit_revision_item.ordinal 
_pdbx_audit_revision_item.revision_ordinal 
_pdbx_audit_revision_item.data_content_type 
_pdbx_audit_revision_item.item 
1 2 'Structure model' '_citation.journal_volume'          
2 2 'Structure model' '_citation.page_first'              
3 2 'Structure model' '_citation.page_last'               
4 2 'Structure model' '_citation_author.identifier_ORCID' 
# 
_pdbx_database_status.status_code                     REL 
_pdbx_database_status.status_code_sf                  REL 
_pdbx_database_status.status_code_mr                  ? 
_pdbx_database_status.entry_id                        8Q5L 
_pdbx_database_status.recvd_initial_deposition_date   2023-08-09 
_pdbx_database_status.SG_entry                        N 
_pdbx_database_status.deposit_site                    PDBE 
_pdbx_database_status.process_site                    PDBE 
_pdbx_database_status.status_code_cs                  ? 
_pdbx_database_status.status_code_nmr_data            ? 
_pdbx_database_status.methods_development_category    ? 
_pdbx_database_status.pdb_format_compatible           Y 
# 
_pdbx_database_related.db_name        PDB 
_pdbx_database_related.details        . 
_pdbx_database_related.db_id          8Q5K 
_pdbx_database_related.content_type   unspecified 
# 
_pdbx_contact_author.id                 2 
_pdbx_contact_author.email              jonas.emsley@nottingham.ac.uk 
_pdbx_contact_author.name_first         Jonas 
_pdbx_contact_author.name_last          Emsley 
_pdbx_contact_author.name_mi            ? 
_pdbx_contact_author.role               'principal investigator/group leader' 
_pdbx_contact_author.identifier_ORCID   0000-0002-8949-8030 
# 
loop_
_audit_author.name 
_audit_author.pdbx_ordinal 
_audit_author.identifier_ORCID 
'Markham-Lee, Z.J.' 1 0000-0002-8048-0926 
'Emsley, J.'        2 ?                   
# 
_citation.abstract                  ? 
_citation.abstract_id_CAS           ? 
_citation.book_id_ISBN              ? 
_citation.book_publisher            ? 
_citation.book_publisher_city       ? 
_citation.book_title                ? 
_citation.coordinate_linkage        ? 
_citation.country                   US 
_citation.database_id_Medline       ? 
_citation.details                   ? 
_citation.id                        primary 
_citation.journal_abbrev            J.Med.Chem. 
_citation.journal_id_ASTM           JMCMAR 
_citation.journal_id_CSD            0151 
_citation.journal_id_ISSN           0022-2623 
_citation.journal_full              ? 
_citation.journal_issue             ? 
_citation.journal_volume            67 
_citation.language                  ? 
_citation.page_first                1008 
_citation.page_last                 1023 
_citation.title                     
;Design, Synthesis, and Evaluation of New 1 H -Benzo[ d ]imidazole Based PqsR Inhibitors as Adjuvant Therapy for Pseudomonas aeruginosa Infections.
;
_citation.year                      2024 
_citation.database_id_CSD           ? 
_citation.pdbx_database_id_DOI      10.1021/acs.jmedchem.3c00973 
_citation.pdbx_database_id_PubMed   38170170 
_citation.pdbx_database_id_patent   ? 
_citation.unpublished_flag          ? 
# 
loop_
_citation_author.citation_id 
_citation_author.name 
_citation_author.ordinal 
_citation_author.identifier_ORCID 
primary 'Soukarieh, F.'       1  ? 
primary 'Mashabi, A.'         2  ? 
primary 'Richardson, W.'      3  ? 
primary 'Oton, E.V.'          4  ? 
primary 'Romero, M.'          5  ? 
primary 'Dubern, J.F.'        6  ? 
primary 'Robertson, S.N.'     7  ? 
primary 'Lucanto, S.'         8  ? 
primary 'Markham-Lee, Z.'     9  ? 
primary 'Sou, T.'             10 ? 
primary 'Kukavica-Ibrulj, I.' 11 ? 
primary 'Levesque, R.C.'      12 ? 
primary 'Bergstrom, C.A.S.'   13 ? 
primary 'Halliday, N.'        14 ? 
primary 'Kellam, B.'          15 ? 
primary 'Emsley, J.'          16 ? 
primary 'Heeb, S.'            17 ? 
primary 'Williams, P.'        18 ? 
primary 'Stocks, M.J.'        19 ? 
primary 'Camara, M.'          20 ? 
# 
loop_
_entity.id 
_entity.type 
_entity.src_method 
_entity.pdbx_description 
_entity.formula_weight 
_entity.pdbx_number_of_molecules 
_entity.pdbx_ec 
_entity.pdbx_mutation 
_entity.pdbx_fragment 
_entity.details 
1 polymer     man 'Transcriptional regulator MvfR'                                                                               
24288.475 1 ? ? ? ? 
2 non-polymer syn '2-[4-[(2~{S})-3-[(6-chloranyl-1-propan-2-yl-benzimidazol-2-yl)amino]-2-oxidanyl-propoxy]phenyl]ethanenitrile' 
398.886   1 ? ? ? ? 
3 water       nat water                                                                                                          
18.015    1 ? ? ? ? 
# 
_entity_poly.entity_id                      1 
_entity_poly.type                           'polypeptide(L)' 
_entity_poly.nstd_linkage                   no 
_entity_poly.nstd_monomer                   no 
_entity_poly.pdbx_seq_one_letter_code       
;NLRVLLDTAIPPSFCDTVSSVLLDDFNMVSLIRTSPADSLATIKQDNAEIDIAITIDEELKISRFNQCVLGYTKAFVVAH
PQHPLCNASLHSIASLANYRQISLGSRSGQHSNLLRPVSDKVLFVENFDDMLRLVEAGVGWGIAPHYFVEERLRNGTLAV
LSELYEPGGIDTKVYCYYNTALESERSFLRFLESARQRLRELGRQRFDDAPAWQPS
;
_entity_poly.pdbx_seq_one_letter_code_can   
;NLRVLLDTAIPPSFCDTVSSVLLDDFNMVSLIRTSPADSLATIKQDNAEIDIAITIDEELKISRFNQCVLGYTKAFVVAH
PQHPLCNASLHSIASLANYRQISLGSRSGQHSNLLRPVSDKVLFVENFDDMLRLVEAGVGWGIAPHYFVEERLRNGTLAV
LSELYEPGGIDTKVYCYYNTALESERSFLRFLESARQRLRELGRQRFDDAPAWQPS
;
_entity_poly.pdbx_strand_id                 A 
_entity_poly.pdbx_target_identifier         ? 
# 
loop_
_pdbx_entity_nonpoly.entity_id 
_pdbx_entity_nonpoly.name 
_pdbx_entity_nonpoly.comp_id 
2 '2-[4-[(2~{S})-3-[(6-chloranyl-1-propan-2-yl-benzimidazol-2-yl)amino]-2-oxidanyl-propoxy]phenyl]ethanenitrile' JVO 
3 water                                                                                                          HOH 
# 
loop_
_entity_poly_seq.entity_id 
_entity_poly_seq.num 
_entity_poly_seq.mon_id 
_entity_poly_seq.hetero 
1 1   ASN n 
1 2   LEU n 
1 3   ARG n 
1 4   VAL n 
1 5   LEU n 
1 6   LEU n 
1 7   ASP n 
1 8   THR n 
1 9   ALA n 
1 10  ILE n 
1 11  PRO n 
1 12  PRO n 
1 13  SER n 
1 14  PHE n 
1 15  CYS n 
1 16  ASP n 
1 17  THR n 
1 18  VAL n 
1 19  SER n 
1 20  SER n 
1 21  VAL n 
1 22  LEU n 
1 23  LEU n 
1 24  ASP n 
1 25  ASP n 
1 26  PHE n 
1 27  ASN n 
1 28  MET n 
1 29  VAL n 
1 30  SER n 
1 31  LEU n 
1 32  ILE n 
1 33  ARG n 
1 34  THR n 
1 35  SER n 
1 36  PRO n 
1 37  ALA n 
1 38  ASP n 
1 39  SER n 
1 40  LEU n 
1 41  ALA n 
1 42  THR n 
1 43  ILE n 
1 44  LYS n 
1 45  GLN n 
1 46  ASP n 
1 47  ASN n 
1 48  ALA n 
1 49  GLU n 
1 50  ILE n 
1 51  ASP n 
1 52  ILE n 
1 53  ALA n 
1 54  ILE n 
1 55  THR n 
1 56  ILE n 
1 57  ASP n 
1 58  GLU n 
1 59  GLU n 
1 60  LEU n 
1 61  LYS n 
1 62  ILE n 
1 63  SER n 
1 64  ARG n 
1 65  PHE n 
1 66  ASN n 
1 67  GLN n 
1 68  CYS n 
1 69  VAL n 
1 70  LEU n 
1 71  GLY n 
1 72  TYR n 
1 73  THR n 
1 74  LYS n 
1 75  ALA n 
1 76  PHE n 
1 77  VAL n 
1 78  VAL n 
1 79  ALA n 
1 80  HIS n 
1 81  PRO n 
1 82  GLN n 
1 83  HIS n 
1 84  PRO n 
1 85  LEU n 
1 86  CYS n 
1 87  ASN n 
1 88  ALA n 
1 89  SER n 
1 90  LEU n 
1 91  HIS n 
1 92  SER n 
1 93  ILE n 
1 94  ALA n 
1 95  SER n 
1 96  LEU n 
1 97  ALA n 
1 98  ASN n 
1 99  TYR n 
1 100 ARG n 
1 101 GLN n 
1 102 ILE n 
1 103 SER n 
1 104 LEU n 
1 105 GLY n 
1 106 SER n 
1 107 ARG n 
1 108 SER n 
1 109 GLY n 
1 110 GLN n 
1 111 HIS n 
1 112 SER n 
1 113 ASN n 
1 114 LEU n 
1 115 LEU n 
1 116 ARG n 
1 117 PRO n 
1 118 VAL n 
1 119 SER n 
1 120 ASP n 
1 121 LYS n 
1 122 VAL n 
1 123 LEU n 
1 124 PHE n 
1 125 VAL n 
1 126 GLU n 
1 127 ASN n 
1 128 PHE n 
1 129 ASP n 
1 130 ASP n 
1 131 MET n 
1 132 LEU n 
1 133 ARG n 
1 134 LEU n 
1 135 VAL n 
1 136 GLU n 
1 137 ALA n 
1 138 GLY n 
1 139 VAL n 
1 140 GLY n 
1 141 TRP n 
1 142 GLY n 
1 143 ILE n 
1 144 ALA n 
1 145 PRO n 
1 146 HIS n 
1 147 TYR n 
1 148 PHE n 
1 149 VAL n 
1 150 GLU n 
1 151 GLU n 
1 152 ARG n 
1 153 LEU n 
1 154 ARG n 
1 155 ASN n 
1 156 GLY n 
1 157 THR n 
1 158 LEU n 
1 159 ALA n 
1 160 VAL n 
1 161 LEU n 
1 162 SER n 
1 163 GLU n 
1 164 LEU n 
1 165 TYR n 
1 166 GLU n 
1 167 PRO n 
1 168 GLY n 
1 169 GLY n 
1 170 ILE n 
1 171 ASP n 
1 172 THR n 
1 173 LYS n 
1 174 VAL n 
1 175 TYR n 
1 176 CYS n 
1 177 TYR n 
1 178 TYR n 
1 179 ASN n 
1 180 THR n 
1 181 ALA n 
1 182 LEU n 
1 183 GLU n 
1 184 SER n 
1 185 GLU n 
1 186 ARG n 
1 187 SER n 
1 188 PHE n 
1 189 LEU n 
1 190 ARG n 
1 191 PHE n 
1 192 LEU n 
1 193 GLU n 
1 194 SER n 
1 195 ALA n 
1 196 ARG n 
1 197 GLN n 
1 198 ARG n 
1 199 LEU n 
1 200 ARG n 
1 201 GLU n 
1 202 LEU n 
1 203 GLY n 
1 204 ARG n 
1 205 GLN n 
1 206 ARG n 
1 207 PHE n 
1 208 ASP n 
1 209 ASP n 
1 210 ALA n 
1 211 PRO n 
1 212 ALA n 
1 213 TRP n 
1 214 GLN n 
1 215 PRO n 
1 216 SER n 
# 
_entity_src_gen.entity_id                          1 
_entity_src_gen.pdbx_src_id                        1 
_entity_src_gen.pdbx_alt_source_flag               sample 
_entity_src_gen.pdbx_seq_type                      'Biological sequence' 
_entity_src_gen.pdbx_beg_seq_num                   1 
_entity_src_gen.pdbx_end_seq_num                   216 
_entity_src_gen.gene_src_common_name               ? 
_entity_src_gen.gene_src_genus                     ? 
_entity_src_gen.pdbx_gene_src_gene                 mvfR 
_entity_src_gen.gene_src_species                   ? 
_entity_src_gen.gene_src_strain                    ? 
_entity_src_gen.gene_src_tissue                    ? 
_entity_src_gen.gene_src_tissue_fraction           ? 
_entity_src_gen.gene_src_details                   ? 
_entity_src_gen.pdbx_gene_src_fragment             ? 
_entity_src_gen.pdbx_gene_src_scientific_name      'Pseudomonas aeruginosa UCBPP-PA14' 
_entity_src_gen.pdbx_gene_src_ncbi_taxonomy_id     208963 
_entity_src_gen.pdbx_gene_src_variant              ? 
_entity_src_gen.pdbx_gene_src_cell_line            ? 
_entity_src_gen.pdbx_gene_src_atcc                 ? 
_entity_src_gen.pdbx_gene_src_organ                ? 
_entity_src_gen.pdbx_gene_src_organelle            ? 
_entity_src_gen.pdbx_gene_src_cell                 ? 
_entity_src_gen.pdbx_gene_src_cellular_location    ? 
_entity_src_gen.host_org_common_name               ? 
_entity_src_gen.pdbx_host_org_scientific_name      'Escherichia coli' 
_entity_src_gen.pdbx_host_org_ncbi_taxonomy_id     562 
_entity_src_gen.host_org_genus                     ? 
_entity_src_gen.pdbx_host_org_gene                 ? 
_entity_src_gen.pdbx_host_org_organ                ? 
_entity_src_gen.host_org_species                   ? 
_entity_src_gen.pdbx_host_org_tissue               ? 
_entity_src_gen.pdbx_host_org_tissue_fraction      ? 
_entity_src_gen.pdbx_host_org_strain               ? 
_entity_src_gen.pdbx_host_org_variant              ? 
_entity_src_gen.pdbx_host_org_cell_line            ? 
_entity_src_gen.pdbx_host_org_atcc                 ? 
_entity_src_gen.pdbx_host_org_culture_collection   ? 
_entity_src_gen.pdbx_host_org_cell                 ? 
_entity_src_gen.pdbx_host_org_organelle            ? 
_entity_src_gen.pdbx_host_org_cellular_location    ? 
_entity_src_gen.pdbx_host_org_vector_type          ? 
_entity_src_gen.pdbx_host_org_vector               ? 
_entity_src_gen.host_org_details                   ? 
_entity_src_gen.expression_system_id               ? 
_entity_src_gen.plasmid_name                       ? 
_entity_src_gen.plasmid_details                    ? 
_entity_src_gen.pdbx_description                   ? 
# 
loop_
_chem_comp.id 
_chem_comp.type 
_chem_comp.mon_nstd_flag 
_chem_comp.name 
_chem_comp.pdbx_synonyms 
_chem_comp.formula 
_chem_comp.formula_weight 
ALA 'L-peptide linking' y ALANINE ? 'C3 H7 N O2'       89.093  
ARG 'L-peptide linking' y ARGININE ? 'C6 H15 N4 O2 1'   175.209 
ASN 'L-peptide linking' y ASPARAGINE ? 'C4 H8 N2 O3'      132.118 
ASP 'L-peptide linking' y 'ASPARTIC ACID' ? 'C4 H7 N O4'       133.103 
CYS 'L-peptide linking' y CYSTEINE ? 'C3 H7 N O2 S'     121.158 
GLN 'L-peptide linking' y GLUTAMINE ? 'C5 H10 N2 O3'     146.144 
GLU 'L-peptide linking' y 'GLUTAMIC ACID' ? 'C5 H9 N O4'       147.129 
GLY 'peptide linking'   y GLYCINE ? 'C2 H5 N O2'       75.067  
HIS 'L-peptide linking' y HISTIDINE ? 'C6 H10 N3 O2 1'   156.162 
HOH non-polymer         . WATER ? 'H2 O'             18.015  
ILE 'L-peptide linking' y ISOLEUCINE ? 'C6 H13 N O2'      131.173 
JVO non-polymer         . 
'2-[4-[(2~{S})-3-[(6-chloranyl-1-propan-2-yl-benzimidazol-2-yl)amino]-2-oxidanyl-propoxy]phenyl]ethanenitrile' ? 
'C21 H23 Cl N4 O2' 398.886 
LEU 'L-peptide linking' y LEUCINE ? 'C6 H13 N O2'      131.173 
LYS 'L-peptide linking' y LYSINE ? 'C6 H15 N2 O2 1'   147.195 
MET 'L-peptide linking' y METHIONINE ? 'C5 H11 N O2 S'    149.211 
PHE 'L-peptide linking' y PHENYLALANINE ? 'C9 H11 N O2'      165.189 
PRO 'L-peptide linking' y PROLINE ? 'C5 H9 N O2'       115.130 
SER 'L-peptide linking' y SERINE ? 'C3 H7 N O3'       105.093 
THR 'L-peptide linking' y THREONINE ? 'C4 H9 N O3'       119.119 
TRP 'L-peptide linking' y TRYPTOPHAN ? 'C11 H12 N2 O2'    204.225 
TYR 'L-peptide linking' y TYROSINE ? 'C9 H11 N O3'      181.189 
VAL 'L-peptide linking' y VALINE ? 'C5 H11 N O2'      117.146 
# 
loop_
_pdbx_poly_seq_scheme.asym_id 
_pdbx_poly_seq_scheme.entity_id 
_pdbx_poly_seq_scheme.seq_id 
_pdbx_poly_seq_scheme.mon_id 
_pdbx_poly_seq_scheme.ndb_seq_num 
_pdbx_poly_seq_scheme.pdb_seq_num 
_pdbx_poly_seq_scheme.auth_seq_num 
_pdbx_poly_seq_scheme.pdb_mon_id 
_pdbx_poly_seq_scheme.auth_mon_id 
_pdbx_poly_seq_scheme.pdb_strand_id 
_pdbx_poly_seq_scheme.pdb_ins_code 
_pdbx_poly_seq_scheme.hetero 
A 1 1   ASN 1   94  94  ASN ASN A . n 
A 1 2   LEU 2   95  95  LEU LEU A . n 
A 1 3   ARG 3   96  96  ARG ARG A . n 
A 1 4   VAL 4   97  97  VAL VAL A . n 
A 1 5   LEU 5   98  98  LEU LEU A . n 
A 1 6   LEU 6   99  99  LEU LEU A . n 
A 1 7   ASP 7   100 100 ASP ASP A . n 
A 1 8   THR 8   101 101 THR THR A . n 
A 1 9   ALA 9   102 102 ALA ALA A . n 
A 1 10  ILE 10  103 103 ILE ILE A . n 
A 1 11  PRO 11  104 104 PRO PRO A . n 
A 1 12  PRO 12  105 105 PRO PRO A . n 
A 1 13  SER 13  106 106 SER SER A . n 
A 1 14  PHE 14  107 107 PHE PHE A . n 
A 1 15  CYS 15  108 108 CYS CYS A . n 
A 1 16  ASP 16  109 109 ASP ASP A . n 
A 1 17  THR 17  110 110 THR THR A . n 
A 1 18  VAL 18  111 111 VAL VAL A . n 
A 1 19  SER 19  112 112 SER SER A . n 
A 1 20  SER 20  113 113 SER SER A . n 
A 1 21  VAL 21  114 114 VAL VAL A . n 
A 1 22  LEU 22  115 115 LEU LEU A . n 
A 1 23  LEU 23  116 116 LEU LEU A . n 
A 1 24  ASP 24  117 117 ASP ASP A . n 
A 1 25  ASP 25  118 118 ASP ASP A . n 
A 1 26  PHE 26  119 119 PHE PHE A . n 
A 1 27  ASN 27  120 120 ASN ASN A . n 
A 1 28  MET 28  121 121 MET MET A . n 
A 1 29  VAL 29  122 122 VAL VAL A . n 
A 1 30  SER 30  123 123 SER SER A . n 
A 1 31  LEU 31  124 124 LEU LEU A . n 
A 1 32  ILE 32  125 125 ILE ILE A . n 
A 1 33  ARG 33  126 126 ARG ARG A . n 
A 1 34  THR 34  127 127 THR THR A . n 
A 1 35  SER 35  128 128 SER SER A . n 
A 1 36  PRO 36  129 129 PRO PRO A . n 
A 1 37  ALA 37  130 130 ALA ALA A . n 
A 1 38  ASP 38  131 131 ASP ASP A . n 
A 1 39  SER 39  132 132 SER SER A . n 
A 1 40  LEU 40  133 133 LEU LEU A . n 
A 1 41  ALA 41  134 134 ALA ALA A . n 
A 1 42  THR 42  135 135 THR THR A . n 
A 1 43  ILE 43  136 136 ILE ILE A . n 
A 1 44  LYS 44  137 137 LYS LYS A . n 
A 1 45  GLN 45  138 138 GLN GLN A . n 
A 1 46  ASP 46  139 139 ASP ASP A . n 
A 1 47  ASN 47  140 140 ASN ASN A . n 
A 1 48  ALA 48  141 141 ALA ALA A . n 
A 1 49  GLU 49  142 142 GLU GLU A . n 
A 1 50  ILE 50  143 143 ILE ILE A . n 
A 1 51  ASP 51  144 144 ASP ASP A . n 
A 1 52  ILE 52  145 145 ILE ILE A . n 
A 1 53  ALA 53  146 146 ALA ALA A . n 
A 1 54  ILE 54  147 147 ILE ILE A . n 
A 1 55  THR 55  148 148 THR THR A . n 
A 1 56  ILE 56  149 149 ILE ILE A . n 
A 1 57  ASP 57  150 150 ASP ASP A . n 
A 1 58  GLU 58  151 151 GLU GLU A . n 
A 1 59  GLU 59  152 152 GLU GLU A . n 
A 1 60  LEU 60  153 153 LEU LEU A . n 
A 1 61  LYS 61  154 154 LYS LYS A . n 
A 1 62  ILE 62  155 155 ILE ILE A . n 
A 1 63  SER 63  156 156 SER SER A . n 
A 1 64  ARG 64  157 157 ARG ARG A . n 
A 1 65  PHE 65  158 158 PHE PHE A . n 
A 1 66  ASN 66  159 159 ASN ASN A . n 
A 1 67  GLN 67  160 160 GLN GLN A . n 
A 1 68  CYS 68  161 161 CYS CYS A . n 
A 1 69  VAL 69  162 162 VAL VAL A . n 
A 1 70  LEU 70  163 163 LEU LEU A . n 
A 1 71  GLY 71  164 164 GLY GLY A . n 
A 1 72  TYR 72  165 165 TYR TYR A . n 
A 1 73  THR 73  166 166 THR THR A . n 
A 1 74  LYS 74  167 167 LYS LYS A . n 
A 1 75  ALA 75  168 168 ALA ALA A . n 
A 1 76  PHE 76  169 169 PHE PHE A . n 
A 1 77  VAL 77  170 170 VAL VAL A . n 
A 1 78  VAL 78  171 171 VAL VAL A . n 
A 1 79  ALA 79  172 172 ALA ALA A . n 
A 1 80  HIS 80  173 173 HIS HIS A . n 
A 1 81  PRO 81  174 174 PRO PRO A . n 
A 1 82  GLN 82  175 175 GLN GLN A . n 
A 1 83  HIS 83  176 176 HIS HIS A . n 
A 1 84  PRO 84  177 177 PRO PRO A . n 
A 1 85  LEU 85  178 178 LEU LEU A . n 
A 1 86  CYS 86  179 179 CYS CYS A . n 
A 1 87  ASN 87  180 180 ASN ASN A . n 
A 1 88  ALA 88  181 181 ALA ALA A . n 
A 1 89  SER 89  182 182 SER SER A . n 
A 1 90  LEU 90  183 183 LEU LEU A . n 
A 1 91  HIS 91  184 184 HIS HIS A . n 
A 1 92  SER 92  185 185 SER SER A . n 
A 1 93  ILE 93  186 186 ILE ILE A . n 
A 1 94  ALA 94  187 187 ALA ALA A . n 
A 1 95  SER 95  188 188 SER SER A . n 
A 1 96  LEU 96  189 189 LEU LEU A . n 
A 1 97  ALA 97  190 190 ALA ALA A . n 
A 1 98  ASN 98  191 191 ASN ASN A . n 
A 1 99  TYR 99  192 192 TYR TYR A . n 
A 1 100 ARG 100 193 193 ARG ARG A . n 
A 1 101 GLN 101 194 194 GLN GLN A . n 
A 1 102 ILE 102 195 195 ILE ILE A . n 
A 1 103 SER 103 196 196 SER SER A . n 
A 1 104 LEU 104 197 197 LEU LEU A . n 
A 1 105 GLY 105 198 198 GLY GLY A . n 
A 1 106 SER 106 199 199 SER SER A . n 
A 1 107 ARG 107 200 200 ARG ARG A . n 
A 1 108 SER 108 201 201 SER SER A . n 
A 1 109 GLY 109 202 202 GLY GLY A . n 
A 1 110 GLN 110 203 203 GLN GLN A . n 
A 1 111 HIS 111 204 204 HIS HIS A . n 
A 1 112 SER 112 205 205 SER SER A . n 
A 1 113 ASN 113 206 206 ASN ASN A . n 
A 1 114 LEU 114 207 207 LEU LEU A . n 
A 1 115 LEU 115 208 208 LEU LEU A . n 
A 1 116 ARG 116 209 209 ARG ARG A . n 
A 1 117 PRO 117 210 210 PRO PRO A . n 
A 1 118 VAL 118 211 211 VAL VAL A . n 
A 1 119 SER 119 212 212 SER SER A . n 
A 1 120 ASP 120 213 213 ASP ASP A . n 
A 1 121 LYS 121 214 214 LYS LYS A . n 
A 1 122 VAL 122 215 215 VAL VAL A . n 
A 1 123 LEU 123 216 216 LEU LEU A . n 
A 1 124 PHE 124 217 217 PHE PHE A . n 
A 1 125 VAL 125 218 218 VAL VAL A . n 
A 1 126 GLU 126 219 219 GLU GLU A . n 
A 1 127 ASN 127 220 220 ASN ASN A . n 
A 1 128 PHE 128 221 221 PHE PHE A . n 
A 1 129 ASP 129 222 222 ASP ASP A . n 
A 1 130 ASP 130 223 223 ASP ASP A . n 
A 1 131 MET 131 224 224 MET MET A . n 
A 1 132 LEU 132 225 225 LEU LEU A . n 
A 1 133 ARG 133 226 226 ARG ARG A . n 
A 1 134 LEU 134 227 227 LEU LEU A . n 
A 1 135 VAL 135 228 228 VAL VAL A . n 
A 1 136 GLU 136 229 229 GLU GLU A . n 
A 1 137 ALA 137 230 230 ALA ALA A . n 
A 1 138 GLY 138 231 231 GLY GLY A . n 
A 1 139 VAL 139 232 232 VAL VAL A . n 
A 1 140 GLY 140 233 233 GLY GLY A . n 
A 1 141 TRP 141 234 234 TRP TRP A . n 
A 1 142 GLY 142 235 235 GLY GLY A . n 
A 1 143 ILE 143 236 236 ILE ILE A . n 
A 1 144 ALA 144 237 237 ALA ALA A . n 
A 1 145 PRO 145 238 238 PRO PRO A . n 
A 1 146 HIS 146 239 239 HIS HIS A . n 
A 1 147 TYR 147 240 240 TYR TYR A . n 
A 1 148 PHE 148 241 241 PHE PHE A . n 
A 1 149 VAL 149 242 242 VAL VAL A . n 
A 1 150 GLU 150 243 243 GLU GLU A . n 
A 1 151 GLU 151 244 244 GLU GLU A . n 
A 1 152 ARG 152 245 245 ARG ARG A . n 
A 1 153 LEU 153 246 246 LEU LEU A . n 
A 1 154 ARG 154 247 247 ARG ARG A . n 
A 1 155 ASN 155 248 248 ASN ASN A . n 
A 1 156 GLY 156 249 249 GLY GLY A . n 
A 1 157 THR 157 250 250 THR THR A . n 
A 1 158 LEU 158 251 251 LEU LEU A . n 
A 1 159 ALA 159 252 252 ALA ALA A . n 
A 1 160 VAL 160 253 253 VAL VAL A . n 
A 1 161 LEU 161 254 254 LEU LEU A . n 
A 1 162 SER 162 255 255 SER SER A . n 
A 1 163 GLU 163 256 256 GLU GLU A . n 
A 1 164 LEU 164 257 257 LEU LEU A . n 
A 1 165 TYR 165 258 258 TYR TYR A . n 
A 1 166 GLU 166 259 259 GLU GLU A . n 
A 1 167 PRO 167 260 260 PRO PRO A . n 
A 1 168 GLY 168 261 261 GLY GLY A . n 
A 1 169 GLY 169 262 262 GLY GLY A . n 
A 1 170 ILE 170 263 263 ILE ILE A . n 
A 1 171 ASP 171 264 264 ASP ASP A . n 
A 1 172 THR 172 265 265 THR THR A . n 
A 1 173 LYS 173 266 266 LYS LYS A . n 
A 1 174 VAL 174 267 267 VAL VAL A . n 
A 1 175 TYR 175 268 268 TYR TYR A . n 
A 1 176 CYS 176 269 269 CYS CYS A . n 
A 1 177 TYR 177 270 270 TYR TYR A . n 
A 1 178 TYR 178 271 271 TYR TYR A . n 
A 1 179 ASN 179 272 272 ASN ASN A . n 
A 1 180 THR 180 273 273 THR THR A . n 
A 1 181 ALA 181 274 274 ALA ALA A . n 
A 1 182 LEU 182 275 275 LEU LEU A . n 
A 1 183 GLU 183 276 276 GLU GLU A . n 
A 1 184 SER 184 277 277 SER SER A . n 
A 1 185 GLU 185 278 278 GLU GLU A . n 
A 1 186 ARG 186 279 279 ARG ARG A . n 
A 1 187 SER 187 280 280 SER SER A . n 
A 1 188 PHE 188 281 281 PHE PHE A . n 
A 1 189 LEU 189 282 282 LEU LEU A . n 
A 1 190 ARG 190 283 283 ARG ARG A . n 
A 1 191 PHE 191 284 284 PHE PHE A . n 
A 1 192 LEU 192 285 285 LEU LEU A . n 
A 1 193 GLU 193 286 286 GLU GLU A . n 
A 1 194 SER 194 287 287 SER SER A . n 
A 1 195 ALA 195 288 288 ALA ALA A . n 
A 1 196 ARG 196 289 289 ARG ARG A . n 
A 1 197 GLN 197 290 290 GLN GLN A . n 
A 1 198 ARG 198 291 291 ARG ARG A . n 
A 1 199 LEU 199 292 292 LEU LEU A . n 
A 1 200 ARG 200 293 293 ARG ARG A . n 
A 1 201 GLU 201 294 294 GLU GLU A . n 
A 1 202 LEU 202 295 295 LEU LEU A . n 
A 1 203 GLY 203 296 296 GLY GLY A . n 
A 1 204 ARG 204 297 ?   ?   ?   A . n 
A 1 205 GLN 205 298 ?   ?   ?   A . n 
A 1 206 ARG 206 299 ?   ?   ?   A . n 
A 1 207 PHE 207 300 ?   ?   ?   A . n 
A 1 208 ASP 208 301 ?   ?   ?   A . n 
A 1 209 ASP 209 302 ?   ?   ?   A . n 
A 1 210 ALA 210 303 ?   ?   ?   A . n 
A 1 211 PRO 211 304 ?   ?   ?   A . n 
A 1 212 ALA 212 305 ?   ?   ?   A . n 
A 1 213 TRP 213 306 ?   ?   ?   A . n 
A 1 214 GLN 214 307 ?   ?   ?   A . n 
A 1 215 PRO 215 308 ?   ?   ?   A . n 
A 1 216 SER 216 309 ?   ?   ?   A . n 
# 
loop_
_pdbx_nonpoly_scheme.asym_id 
_pdbx_nonpoly_scheme.entity_id 
_pdbx_nonpoly_scheme.mon_id 
_pdbx_nonpoly_scheme.ndb_seq_num 
_pdbx_nonpoly_scheme.pdb_seq_num 
_pdbx_nonpoly_scheme.auth_seq_num 
_pdbx_nonpoly_scheme.pdb_mon_id 
_pdbx_nonpoly_scheme.auth_mon_id 
_pdbx_nonpoly_scheme.pdb_strand_id 
_pdbx_nonpoly_scheme.pdb_ins_code 
B 2 JVO 1 401 301 JVO SEN A . 
C 3 HOH 1 501 1   HOH HOH A . 
# 
loop_
_software.citation_id 
_software.classification 
_software.compiler_name 
_software.compiler_version 
_software.contact_author 
_software.contact_author_email 
_software.date 
_software.description 
_software.dependencies 
_software.hardware 
_software.language 
_software.location 
_software.mods 
_software.name 
_software.os 
_software.os_version 
_software.type 
_software.version 
_software.pdbx_ordinal 
? refinement       ? ? ? ? ? ? ? ? ? ? ? REFMAC  ? ? ? 5.8.0258 1 
? 'data reduction' ? ? ? ? ? ? ? ? ? ? ? DIALS   ? ? ? .        2 
? 'data scaling'   ? ? ? ? ? ? ? ? ? ? ? Aimless ? ? ? .        3 
? phasing          ? ? ? ? ? ? ? ? ? ? ? PHASER  ? ? ? .        4 
# 
_cell.angle_alpha                  90.00 
_cell.angle_alpha_esd              ? 
_cell.angle_beta                   90.00 
_cell.angle_beta_esd               ? 
_cell.angle_gamma                  120.00 
_cell.angle_gamma_esd              ? 
_cell.entry_id                     8Q5L 
_cell.details                      ? 
_cell.formula_units_Z              ? 
_cell.length_a                     121.121 
_cell.length_a_esd                 ? 
_cell.length_b                     121.121 
_cell.length_b_esd                 ? 
_cell.length_c                     115.534 
_cell.length_c_esd                 ? 
_cell.volume                       ? 
_cell.volume_esd                   ? 
_cell.Z_PDB                        12 
_cell.reciprocal_angle_alpha       ? 
_cell.reciprocal_angle_beta        ? 
_cell.reciprocal_angle_gamma       ? 
_cell.reciprocal_angle_alpha_esd   ? 
_cell.reciprocal_angle_beta_esd    ? 
_cell.reciprocal_angle_gamma_esd   ? 
_cell.reciprocal_length_a          ? 
_cell.reciprocal_length_b          ? 
_cell.reciprocal_length_c          ? 
_cell.reciprocal_length_a_esd      ? 
_cell.reciprocal_length_b_esd      ? 
_cell.reciprocal_length_c_esd      ? 
_cell.pdbx_unique_axis             ? 
_cell.pdbx_esd_method              ? 
# 
_symmetry.entry_id                         8Q5L 
_symmetry.cell_setting                     ? 
_symmetry.Int_Tables_number                179 
_symmetry.space_group_name_Hall            ? 
_symmetry.space_group_name_H-M             'P 65 2 2' 
_symmetry.pdbx_full_space_group_name_H-M   ? 
# 
_exptl.absorpt_coefficient_mu     ? 
_exptl.absorpt_correction_T_max   ? 
_exptl.absorpt_correction_T_min   ? 
_exptl.absorpt_correction_type    ? 
_exptl.absorpt_process_details    ? 
_exptl.entry_id                   8Q5L 
_exptl.crystals_number            1 
_exptl.details                    ? 
_exptl.method                     'X-RAY DIFFRACTION' 
_exptl.method_details             ? 
# 
_exptl_crystal.colour                       ? 
_exptl_crystal.density_diffrn               ? 
_exptl_crystal.density_Matthews             5.04 
_exptl_crystal.density_method               ? 
_exptl_crystal.density_percent_sol          75.58 
_exptl_crystal.description                  ? 
_exptl_crystal.F_000                        ? 
_exptl_crystal.id                           1 
_exptl_crystal.preparation                  ? 
_exptl_crystal.size_max                     ? 
_exptl_crystal.size_mid                     ? 
_exptl_crystal.size_min                     ? 
_exptl_crystal.size_rad                     ? 
_exptl_crystal.colour_lustre                ? 
_exptl_crystal.colour_modifier              ? 
_exptl_crystal.colour_primary               ? 
_exptl_crystal.density_meas                 ? 
_exptl_crystal.density_meas_esd             ? 
_exptl_crystal.density_meas_gt              ? 
_exptl_crystal.density_meas_lt              ? 
_exptl_crystal.density_meas_temp            ? 
_exptl_crystal.density_meas_temp_esd        ? 
_exptl_crystal.density_meas_temp_gt         ? 
_exptl_crystal.density_meas_temp_lt         ? 
_exptl_crystal.pdbx_crystal_image_url       ? 
_exptl_crystal.pdbx_crystal_image_format    ? 
_exptl_crystal.pdbx_mosaicity               ? 
_exptl_crystal.pdbx_mosaicity_esd           ? 
_exptl_crystal.pdbx_mosaic_method           ? 
_exptl_crystal.pdbx_mosaic_block_size       ? 
_exptl_crystal.pdbx_mosaic_block_size_esd   ? 
# 
_exptl_crystal_grow.apparatus       ? 
_exptl_crystal_grow.atmosphere      ? 
_exptl_crystal_grow.crystal_id      1 
_exptl_crystal_grow.details         ? 
_exptl_crystal_grow.method          'VAPOR DIFFUSION, SITTING DROP' 
_exptl_crystal_grow.method_ref      ? 
_exptl_crystal_grow.pH              ? 
_exptl_crystal_grow.pressure        ? 
_exptl_crystal_grow.pressure_esd    ? 
_exptl_crystal_grow.seeding         ? 
_exptl_crystal_grow.seeding_ref     ? 
_exptl_crystal_grow.temp_details    ? 
_exptl_crystal_grow.temp_esd        ? 
_exptl_crystal_grow.time            ? 
_exptl_crystal_grow.pdbx_details    '0.1 M Trisodium citrate (pH range 5.8-6.2), 0.2 M Ammonium acetate and MPD (3-8%)' 
_exptl_crystal_grow.pdbx_pH_range   5.8-6.2 
_exptl_crystal_grow.temp            292 
# 
_diffrn.ambient_environment              ? 
_diffrn.ambient_temp                     100 
_diffrn.ambient_temp_details             ? 
_diffrn.ambient_temp_esd                 ? 
_diffrn.crystal_id                       1 
_diffrn.crystal_support                  ? 
_diffrn.crystal_treatment                ? 
_diffrn.details                          ? 
_diffrn.id                               1 
_diffrn.ambient_pressure                 ? 
_diffrn.ambient_pressure_esd             ? 
_diffrn.ambient_pressure_gt              ? 
_diffrn.ambient_pressure_lt              ? 
_diffrn.ambient_temp_gt                  ? 
_diffrn.ambient_temp_lt                  ? 
_diffrn.pdbx_serial_crystal_experiment   N 
# 
_diffrn_detector.details                      ? 
_diffrn_detector.detector                     CCD 
_diffrn_detector.diffrn_id                    1 
_diffrn_detector.type                         'ADSC QUANTUM 315r' 
_diffrn_detector.area_resol_mean              ? 
_diffrn_detector.dtime                        ? 
_diffrn_detector.pdbx_frames_total            ? 
_diffrn_detector.pdbx_collection_time_total   ? 
_diffrn_detector.pdbx_collection_date         2019-09-01 
_diffrn_detector.pdbx_frequency               ? 
_diffrn_detector.id                           ? 
_diffrn_detector.number_of_axes               ? 
# 
_diffrn_radiation.collimation                      ? 
_diffrn_radiation.diffrn_id                        1 
_diffrn_radiation.filter_edge                      ? 
_diffrn_radiation.inhomogeneity                    ? 
_diffrn_radiation.monochromator                    ? 
_diffrn_radiation.polarisn_norm                    ? 
_diffrn_radiation.polarisn_ratio                   ? 
_diffrn_radiation.probe                            ? 
_diffrn_radiation.type                             ? 
_diffrn_radiation.xray_symbol                      ? 
_diffrn_radiation.wavelength_id                    1 
_diffrn_radiation.pdbx_monochromatic_or_laue_m_l   M 
_diffrn_radiation.pdbx_wavelength_list             ? 
_diffrn_radiation.pdbx_wavelength                  ? 
_diffrn_radiation.pdbx_diffrn_protocol             'SINGLE WAVELENGTH' 
_diffrn_radiation.pdbx_analyzer                    ? 
_diffrn_radiation.pdbx_scattering_type             x-ray 
# 
_diffrn_radiation_wavelength.id           1 
_diffrn_radiation_wavelength.wavelength   0.9686 
_diffrn_radiation_wavelength.wt           1.0 
# 
_diffrn_source.current                     ? 
_diffrn_source.details                     ? 
_diffrn_source.diffrn_id                   1 
_diffrn_source.power                       ? 
_diffrn_source.size                        ? 
_diffrn_source.source                      SYNCHROTRON 
_diffrn_source.target                      ? 
_diffrn_source.type                        'DIAMOND BEAMLINE I24' 
_diffrn_source.voltage                     ? 
_diffrn_source.take-off_angle              ? 
_diffrn_source.pdbx_wavelength_list        0.9686 
_diffrn_source.pdbx_wavelength             ? 
_diffrn_source.pdbx_synchrotron_beamline   I24 
_diffrn_source.pdbx_synchrotron_site       Diamond 
# 
_reflns.B_iso_Wilson_estimate                          ? 
_reflns.entry_id                                       8Q5L 
_reflns.data_reduction_details                         ? 
_reflns.data_reduction_method                          ? 
_reflns.d_resolution_high                              2.9 
_reflns.d_resolution_low                               105.11 
_reflns.details                                        ? 
_reflns.limit_h_max                                    ? 
_reflns.limit_h_min                                    ? 
_reflns.limit_k_max                                    ? 
_reflns.limit_k_min                                    ? 
_reflns.limit_l_max                                    ? 
_reflns.limit_l_min                                    ? 
_reflns.number_all                                     ? 
_reflns.number_obs                                     11410 
_reflns.observed_criterion                             ? 
_reflns.observed_criterion_F_max                       ? 
_reflns.observed_criterion_F_min                       ? 
_reflns.observed_criterion_I_max                       ? 
_reflns.observed_criterion_I_min                       ? 
_reflns.observed_criterion_sigma_F                     ? 
_reflns.observed_criterion_sigma_I                     ? 
_reflns.percent_possible_obs                           98.1 
_reflns.R_free_details                                 ? 
_reflns.Rmerge_F_all                                   ? 
_reflns.Rmerge_F_obs                                   ? 
_reflns.Friedel_coverage                               ? 
_reflns.number_gt                                      ? 
_reflns.threshold_expression                           ? 
_reflns.pdbx_redundancy                                16.1 
_reflns.pdbx_netI_over_av_sigmaI                       ? 
_reflns.pdbx_netI_over_sigmaI                          10.1 
_reflns.pdbx_res_netI_over_av_sigmaI_2                 ? 
_reflns.pdbx_res_netI_over_sigmaI_2                    ? 
_reflns.pdbx_chi_squared                               ? 
_reflns.pdbx_scaling_rejects                           ? 
_reflns.pdbx_d_res_high_opt                            ? 
_reflns.pdbx_d_res_low_opt                             ? 
_reflns.pdbx_d_res_opt_method                          ? 
_reflns.phase_calculation_details                      ? 
_reflns.pdbx_Rrim_I_all                                ? 
_reflns.pdbx_Rpim_I_all                                ? 
_reflns.pdbx_d_opt                                     ? 
_reflns.pdbx_number_measured_all                       ? 
_reflns.pdbx_diffrn_id                                 1 
_reflns.pdbx_ordinal                                   1 
_reflns.pdbx_CC_half                                   0.998 
_reflns.pdbx_CC_star                                   ? 
_reflns.pdbx_R_split                                   ? 
_reflns.pdbx_Rmerge_I_obs                              ? 
_reflns.pdbx_Rmerge_I_all                              ? 
_reflns.pdbx_Rsym_value                                ? 
_reflns.pdbx_CC_split_method                           ? 
_reflns.pdbx_aniso_diffraction_limit_axis_1_ortho[1]   ? 
_reflns.pdbx_aniso_diffraction_limit_axis_1_ortho[2]   ? 
_reflns.pdbx_aniso_diffraction_limit_axis_1_ortho[3]   ? 
_reflns.pdbx_aniso_diffraction_limit_axis_2_ortho[1]   ? 
_reflns.pdbx_aniso_diffraction_limit_axis_2_ortho[2]   ? 
_reflns.pdbx_aniso_diffraction_limit_axis_2_ortho[3]   ? 
_reflns.pdbx_aniso_diffraction_limit_axis_3_ortho[1]   ? 
_reflns.pdbx_aniso_diffraction_limit_axis_3_ortho[2]   ? 
_reflns.pdbx_aniso_diffraction_limit_axis_3_ortho[3]   ? 
_reflns.pdbx_aniso_diffraction_limit_1                 ? 
_reflns.pdbx_aniso_diffraction_limit_2                 ? 
_reflns.pdbx_aniso_diffraction_limit_3                 ? 
_reflns.pdbx_aniso_B_tensor_eigenvector_1_ortho[1]     ? 
_reflns.pdbx_aniso_B_tensor_eigenvector_1_ortho[2]     ? 
_reflns.pdbx_aniso_B_tensor_eigenvector_1_ortho[3]     ? 
_reflns.pdbx_aniso_B_tensor_eigenvector_2_ortho[1]     ? 
_reflns.pdbx_aniso_B_tensor_eigenvector_2_ortho[2]     ? 
_reflns.pdbx_aniso_B_tensor_eigenvector_2_ortho[3]     ? 
_reflns.pdbx_aniso_B_tensor_eigenvector_3_ortho[1]     ? 
_reflns.pdbx_aniso_B_tensor_eigenvector_3_ortho[2]     ? 
_reflns.pdbx_aniso_B_tensor_eigenvector_3_ortho[3]     ? 
_reflns.pdbx_aniso_B_tensor_eigenvalue_1               ? 
_reflns.pdbx_aniso_B_tensor_eigenvalue_2               ? 
_reflns.pdbx_aniso_B_tensor_eigenvalue_3               ? 
_reflns.pdbx_orthogonalization_convention              ? 
_reflns.pdbx_percent_possible_ellipsoidal              ? 
_reflns.pdbx_percent_possible_spherical                ? 
_reflns.pdbx_percent_possible_ellipsoidal_anomalous    ? 
_reflns.pdbx_percent_possible_spherical_anomalous      ? 
_reflns.pdbx_redundancy_anomalous                      ? 
_reflns.pdbx_CC_half_anomalous                         ? 
_reflns.pdbx_absDiff_over_sigma_anomalous              ? 
_reflns.pdbx_percent_possible_anomalous                ? 
_reflns.pdbx_observed_signal_threshold                 ? 
_reflns.pdbx_signal_type                               ? 
_reflns.pdbx_signal_details                            ? 
_reflns.pdbx_signal_software_id                        ? 
# 
_reflns_shell.d_res_high                                    2.9 
_reflns_shell.d_res_low                                     3.1 
_reflns_shell.meanI_over_sigI_all                           ? 
_reflns_shell.meanI_over_sigI_obs                           2.2 
_reflns_shell.number_measured_all                           ? 
_reflns_shell.number_measured_obs                           ? 
_reflns_shell.number_possible                               ? 
_reflns_shell.number_unique_all                             ? 
_reflns_shell.number_unique_obs                             1602 
_reflns_shell.percent_possible_obs                          ? 
_reflns_shell.Rmerge_F_all                                  ? 
_reflns_shell.Rmerge_F_obs                                  ? 
_reflns_shell.meanI_over_sigI_gt                            ? 
_reflns_shell.meanI_over_uI_all                             ? 
_reflns_shell.meanI_over_uI_gt                              ? 
_reflns_shell.number_measured_gt                            ? 
_reflns_shell.number_unique_gt                              ? 
_reflns_shell.percent_possible_gt                           ? 
_reflns_shell.Rmerge_F_gt                                   ? 
_reflns_shell.Rmerge_I_gt                                   ? 
_reflns_shell.pdbx_redundancy                               ? 
_reflns_shell.pdbx_chi_squared                              ? 
_reflns_shell.pdbx_netI_over_sigmaI_all                     ? 
_reflns_shell.pdbx_netI_over_sigmaI_obs                     ? 
_reflns_shell.pdbx_Rrim_I_all                               ? 
_reflns_shell.pdbx_Rpim_I_all                               ? 
_reflns_shell.pdbx_rejects                                  ? 
_reflns_shell.pdbx_ordinal                                  1 
_reflns_shell.pdbx_diffrn_id                                1 
_reflns_shell.pdbx_CC_half                                  0.653 
_reflns_shell.pdbx_CC_star                                  ? 
_reflns_shell.pdbx_R_split                                  ? 
_reflns_shell.percent_possible_all                          ? 
_reflns_shell.Rmerge_I_all                                  ? 
_reflns_shell.Rmerge_I_obs                                  ? 
_reflns_shell.pdbx_Rsym_value                               ? 
_reflns_shell.pdbx_percent_possible_ellipsoidal             ? 
_reflns_shell.pdbx_percent_possible_spherical               ? 
_reflns_shell.pdbx_percent_possible_ellipsoidal_anomalous   ? 
_reflns_shell.pdbx_percent_possible_spherical_anomalous     ? 
_reflns_shell.pdbx_redundancy_anomalous                     ? 
_reflns_shell.pdbx_CC_half_anomalous                        ? 
_reflns_shell.pdbx_absDiff_over_sigma_anomalous             ? 
_reflns_shell.pdbx_percent_possible_anomalous               ? 
# 
_refine.aniso_B[1][1]                            2.86 
_refine.aniso_B[1][2]                            1.43 
_refine.aniso_B[1][3]                            0.00 
_refine.aniso_B[2][2]                            2.86 
_refine.aniso_B[2][3]                            0.00 
_refine.aniso_B[3][3]                            -9.26 
_refine.B_iso_max                                ? 
_refine.B_iso_mean                               90.062 
_refine.B_iso_min                                ? 
_refine.correlation_coeff_Fo_to_Fc               0.932 
_refine.correlation_coeff_Fo_to_Fc_free          0.927 
_refine.details                                  'HYDROGENS HAVE BEEN ADDED IN THE RIDING POSITIONS' 
_refine.diff_density_max                         ? 
_refine.diff_density_max_esd                     ? 
_refine.diff_density_min                         ? 
_refine.diff_density_min_esd                     ? 
_refine.diff_density_rms                         ? 
_refine.diff_density_rms_esd                     ? 
_refine.entry_id                                 8Q5L 
_refine.pdbx_refine_id                           'X-RAY DIFFRACTION' 
_refine.ls_abs_structure_details                 ? 
_refine.ls_abs_structure_Flack                   ? 
_refine.ls_abs_structure_Flack_esd               ? 
_refine.ls_abs_structure_Rogers                  ? 
_refine.ls_abs_structure_Rogers_esd              ? 
_refine.ls_d_res_high                            2.90 
_refine.ls_d_res_low                             105.11 
_refine.ls_extinction_coef                       ? 
_refine.ls_extinction_coef_esd                   ? 
_refine.ls_extinction_expression                 ? 
_refine.ls_extinction_method                     ? 
_refine.ls_goodness_of_fit_all                   ? 
_refine.ls_goodness_of_fit_all_esd               ? 
_refine.ls_goodness_of_fit_obs                   ? 
_refine.ls_goodness_of_fit_obs_esd               ? 
_refine.ls_hydrogen_treatment                    ? 
_refine.ls_matrix_type                           ? 
_refine.ls_number_constraints                    ? 
_refine.ls_number_parameters                     ? 
_refine.ls_number_reflns_all                     ? 
_refine.ls_number_reflns_obs                     10831 
_refine.ls_number_reflns_R_free                  547 
_refine.ls_number_reflns_R_work                  ? 
_refine.ls_number_restraints                     ? 
_refine.ls_percent_reflns_obs                    98.11 
_refine.ls_percent_reflns_R_free                 4.8 
_refine.ls_R_factor_all                          ? 
_refine.ls_R_factor_obs                          0.22132 
_refine.ls_R_factor_R_free                       0.25003 
_refine.ls_R_factor_R_free_error                 ? 
_refine.ls_R_factor_R_free_error_details         ? 
_refine.ls_R_factor_R_work                       0.21983 
_refine.ls_R_Fsqd_factor_obs                     ? 
_refine.ls_R_I_factor_obs                        ? 
_refine.ls_redundancy_reflns_all                 ? 
_refine.ls_redundancy_reflns_obs                 ? 
_refine.ls_restrained_S_all                      ? 
_refine.ls_restrained_S_obs                      ? 
_refine.ls_shift_over_esd_max                    ? 
_refine.ls_shift_over_esd_mean                   ? 
_refine.ls_structure_factor_coef                 ? 
_refine.ls_weighting_details                     ? 
_refine.ls_weighting_scheme                      ? 
_refine.ls_wR_factor_all                         ? 
_refine.ls_wR_factor_obs                         ? 
_refine.ls_wR_factor_R_free                      ? 
_refine.ls_wR_factor_R_work                      ? 
_refine.occupancy_max                            ? 
_refine.occupancy_min                            ? 
_refine.solvent_model_details                    MASK 
_refine.solvent_model_param_bsol                 ? 
_refine.solvent_model_param_ksol                 ? 
_refine.pdbx_R_complete                          ? 
_refine.ls_R_factor_gt                           ? 
_refine.ls_goodness_of_fit_gt                    ? 
_refine.ls_goodness_of_fit_ref                   ? 
_refine.ls_shift_over_su_max                     ? 
_refine.ls_shift_over_su_max_lt                  ? 
_refine.ls_shift_over_su_mean                    ? 
_refine.ls_shift_over_su_mean_lt                 ? 
_refine.pdbx_ls_sigma_I                          ? 
_refine.pdbx_ls_sigma_F                          ? 
_refine.pdbx_ls_sigma_Fsqd                       ? 
_refine.pdbx_data_cutoff_high_absF               ? 
_refine.pdbx_data_cutoff_high_rms_absF           ? 
_refine.pdbx_data_cutoff_low_absF                ? 
_refine.pdbx_isotropic_thermal_model             ? 
_refine.pdbx_ls_cross_valid_method               THROUGHOUT 
_refine.pdbx_method_to_determine_struct          'MOLECULAR REPLACEMENT' 
_refine.pdbx_starting_model                      ? 
_refine.pdbx_stereochemistry_target_values       'MAXIMUM LIKELIHOOD' 
_refine.pdbx_R_Free_selection_details            RANDOM 
_refine.pdbx_stereochem_target_val_spec_case     ? 
_refine.pdbx_overall_ESU_R                       0.400 
_refine.pdbx_overall_ESU_R_Free                  0.287 
_refine.pdbx_solvent_vdw_probe_radii             1.20 
_refine.pdbx_solvent_ion_probe_radii             0.80 
_refine.pdbx_solvent_shrinkage_radii             0.80 
_refine.pdbx_real_space_R                        ? 
_refine.pdbx_density_correlation                 ? 
_refine.pdbx_pd_number_of_powder_patterns        ? 
_refine.pdbx_pd_number_of_points                 ? 
_refine.pdbx_pd_meas_number_of_points            ? 
_refine.pdbx_pd_proc_ls_prof_R_factor            ? 
_refine.pdbx_pd_proc_ls_prof_wR_factor           ? 
_refine.pdbx_pd_Marquardt_correlation_coeff      ? 
_refine.pdbx_pd_Fsqrd_R_factor                   ? 
_refine.pdbx_pd_ls_matrix_band_width             ? 
_refine.pdbx_overall_phase_error                 ? 
_refine.pdbx_overall_SU_R_free_Cruickshank_DPI   ? 
_refine.pdbx_overall_SU_R_free_Blow_DPI          ? 
_refine.pdbx_overall_SU_R_Blow_DPI               ? 
_refine.pdbx_TLS_residual_ADP_flag               ? 
_refine.pdbx_diffrn_id                           1 
_refine.overall_SU_B                             16.033 
_refine.overall_SU_ML                            0.275 
_refine.overall_SU_R_Cruickshank_DPI             ? 
_refine.overall_SU_R_free                        ? 
_refine.overall_FOM_free_R_set                   ? 
_refine.overall_FOM_work_R_set                   ? 
_refine.pdbx_average_fsc_overall                 ? 
_refine.pdbx_average_fsc_work                    ? 
_refine.pdbx_average_fsc_free                    ? 
# 
_refine_hist.pdbx_refine_id                   'X-RAY DIFFRACTION' 
_refine_hist.cycle_id                         1 
_refine_hist.details                          ? 
_refine_hist.d_res_high                       2.90 
_refine_hist.d_res_low                        105.11 
_refine_hist.number_atoms_solvent             1 
_refine_hist.number_atoms_total               1627 
_refine_hist.number_reflns_all                ? 
_refine_hist.number_reflns_obs                ? 
_refine_hist.number_reflns_R_free             ? 
_refine_hist.number_reflns_R_work             ? 
_refine_hist.R_factor_all                     ? 
_refine_hist.R_factor_obs                     ? 
_refine_hist.R_factor_R_free                  ? 
_refine_hist.R_factor_R_work                  ? 
_refine_hist.pdbx_number_residues_total       ? 
_refine_hist.pdbx_B_iso_mean_ligand           ? 
_refine_hist.pdbx_B_iso_mean_solvent          ? 
_refine_hist.pdbx_number_atoms_protein        1598 
_refine_hist.pdbx_number_atoms_nucleic_acid   0 
_refine_hist.pdbx_number_atoms_ligand         28 
_refine_hist.pdbx_number_atoms_lipid          ? 
_refine_hist.pdbx_number_atoms_carb           ? 
_refine_hist.pdbx_pseudo_atom_details         ? 
# 
loop_
_refine_ls_restr.pdbx_refine_id 
_refine_ls_restr.criterion 
_refine_ls_restr.dev_ideal 
_refine_ls_restr.dev_ideal_target 
_refine_ls_restr.number 
_refine_ls_restr.rejects 
_refine_ls_restr.type 
_refine_ls_restr.weight 
_refine_ls_restr.pdbx_restraint_function 
'X-RAY DIFFRACTION' ? 0.006  0.013  1658 ? r_bond_refined_d             ? ? 
'X-RAY DIFFRACTION' ? 0.001  0.017  1539 ? r_bond_other_d               ? ? 
'X-RAY DIFFRACTION' ? 1.390  1.638  2251 ? r_angle_refined_deg          ? ? 
'X-RAY DIFFRACTION' ? 1.128  1.568  3555 ? r_angle_other_deg            ? ? 
'X-RAY DIFFRACTION' ? 7.734  5.000  202  ? r_dihedral_angle_1_deg       ? ? 
'X-RAY DIFFRACTION' ? 32.549 21.304 92   ? r_dihedral_angle_2_deg       ? ? 
'X-RAY DIFFRACTION' ? 16.697 15.000 275  ? r_dihedral_angle_3_deg       ? ? 
'X-RAY DIFFRACTION' ? 11.777 15.000 14   ? r_dihedral_angle_4_deg       ? ? 
'X-RAY DIFFRACTION' ? 0.052  0.200  215  ? r_chiral_restr               ? ? 
'X-RAY DIFFRACTION' ? 0.005  0.020  1858 ? r_gen_planes_refined         ? ? 
'X-RAY DIFFRACTION' ? 0.001  0.020  361  ? r_gen_planes_other           ? ? 
'X-RAY DIFFRACTION' ? ?      ?      ?    ? r_nbd_refined                ? ? 
'X-RAY DIFFRACTION' ? ?      ?      ?    ? r_nbd_other                  ? ? 
'X-RAY DIFFRACTION' ? ?      ?      ?    ? r_nbtor_refined              ? ? 
'X-RAY DIFFRACTION' ? ?      ?      ?    ? r_nbtor_other                ? ? 
'X-RAY DIFFRACTION' ? ?      ?      ?    ? r_xyhbond_nbd_refined        ? ? 
'X-RAY DIFFRACTION' ? ?      ?      ?    ? r_xyhbond_nbd_other          ? ? 
'X-RAY DIFFRACTION' ? ?      ?      ?    ? r_metal_ion_refined          ? ? 
'X-RAY DIFFRACTION' ? ?      ?      ?    ? r_metal_ion_other            ? ? 
'X-RAY DIFFRACTION' ? ?      ?      ?    ? r_symmetry_vdw_refined       ? ? 
'X-RAY DIFFRACTION' ? ?      ?      ?    ? r_symmetry_vdw_other         ? ? 
'X-RAY DIFFRACTION' ? ?      ?      ?    ? r_symmetry_hbond_refined     ? ? 
'X-RAY DIFFRACTION' ? ?      ?      ?    ? r_symmetry_hbond_other       ? ? 
'X-RAY DIFFRACTION' ? ?      ?      ?    ? r_symmetry_metal_ion_refined ? ? 
'X-RAY DIFFRACTION' ? ?      ?      ?    ? r_symmetry_metal_ion_other   ? ? 
'X-RAY DIFFRACTION' ? 4.928  9.563  811  ? r_mcbond_it                  ? ? 
'X-RAY DIFFRACTION' ? 4.916  9.554  809  ? r_mcbond_other               ? ? 
'X-RAY DIFFRACTION' ? 7.844  14.349 1012 ? r_mcangle_it                 ? ? 
'X-RAY DIFFRACTION' ? 7.837  14.350 1012 ? r_mcangle_other              ? ? 
'X-RAY DIFFRACTION' ? 4.614  9.967  847  ? r_scbond_it                  ? ? 
'X-RAY DIFFRACTION' ? 4.611  9.963  848  ? r_scbond_other               ? ? 
'X-RAY DIFFRACTION' ? ?      ?      ?    ? r_scangle_it                 ? ? 
'X-RAY DIFFRACTION' ? 7.567  14.746 1240 ? r_scangle_other              ? ? 
'X-RAY DIFFRACTION' ? 11.570 ?      1752 ? r_long_range_B_refined       ? ? 
'X-RAY DIFFRACTION' ? 11.567 ?      1753 ? r_long_range_B_other         ? ? 
'X-RAY DIFFRACTION' ? ?      ?      ?    ? r_rigid_bond_restr           ? ? 
'X-RAY DIFFRACTION' ? ?      ?      ?    ? r_sphericity_free            ? ? 
'X-RAY DIFFRACTION' ? ?      ?      ?    ? r_sphericity_bonded          ? ? 
# 
_refine_ls_shell.pdbx_refine_id                   'X-RAY DIFFRACTION' 
_refine_ls_shell.d_res_high                       2.900 
_refine_ls_shell.d_res_low                        2.975 
_refine_ls_shell.number_reflns_all                ? 
_refine_ls_shell.number_reflns_obs                ? 
_refine_ls_shell.number_reflns_R_free             27 
_refine_ls_shell.number_reflns_R_work             801 
_refine_ls_shell.percent_reflns_obs               100.00 
_refine_ls_shell.percent_reflns_R_free            ? 
_refine_ls_shell.R_factor_all                     ? 
_refine_ls_shell.R_factor_obs                     ? 
_refine_ls_shell.R_factor_R_free_error            ? 
_refine_ls_shell.R_factor_R_work                  0.398 
_refine_ls_shell.redundancy_reflns_all            ? 
_refine_ls_shell.redundancy_reflns_obs            ? 
_refine_ls_shell.wR_factor_all                    ? 
_refine_ls_shell.wR_factor_obs                    ? 
_refine_ls_shell.wR_factor_R_free                 ? 
_refine_ls_shell.wR_factor_R_work                 ? 
_refine_ls_shell.pdbx_R_complete                  ? 
_refine_ls_shell.pdbx_total_number_of_bins_used   20 
_refine_ls_shell.pdbx_phase_error                 ? 
_refine_ls_shell.pdbx_fsc_work                    ? 
_refine_ls_shell.pdbx_fsc_free                    ? 
_refine_ls_shell.R_factor_R_free                  0.434 
# 
_struct.entry_id                     8Q5L 
_struct.title                        
;PqsR coinducer binding domain of Pseudomonas aeruginosa with ligand 2f: 2-(4-(3-((6-chloro-1-isopropyl-1H-benzo[d]imidazol-2-yl)amino)-2-hydroxypropoxy)phenyl)acetonitrile
;
_struct.pdbx_model_details           ? 
_struct.pdbx_formula_weight          ? 
_struct.pdbx_formula_weight_method   ? 
_struct.pdbx_model_type_details      ? 
_struct.pdbx_CASP_flag               N 
# 
_struct_keywords.entry_id        8Q5L 
_struct_keywords.text            'Transcriptional regulator, TRANSCRIPTION' 
_struct_keywords.pdbx_keywords   TRANSCRIPTION 
# 
loop_
_struct_asym.id 
_struct_asym.pdbx_blank_PDB_chainid_flag 
_struct_asym.pdbx_modified 
_struct_asym.entity_id 
_struct_asym.details 
A N N 1 ? 
B N N 2 ? 
C N N 3 ? 
# 
_struct_ref.id                         1 
_struct_ref.db_name                    UNP 
_struct_ref.db_code                    A0A0H2Z7A6_PSEAB 
_struct_ref.pdbx_db_accession          A0A0H2Z7A6 
_struct_ref.pdbx_db_isoform            ? 
_struct_ref.entity_id                  1 
_struct_ref.pdbx_seq_one_letter_code   
;NLRVLLDTAIPPSFCDTVSSVLLDDFNMVSLIRTSPADSLATIKQDNAEIDIAITIDEELKISRFNQCVLGYTKAFVVAH
PQHPLCNASLHSIASLANYRQISLGSRSGQHSNLLRPVSDKVLFVENFDDMLRLVEAGVGWGIAPHYFVEERLRNGTLAV
LSELYEPGGIDTKVYCYYNTALESERSFLRFLESARQRLRELGRQRFDDAPAWQPS
;
_struct_ref.pdbx_align_begin           94 
# 
_struct_ref_seq.align_id                      1 
_struct_ref_seq.ref_id                        1 
_struct_ref_seq.pdbx_PDB_id_code              8Q5L 
_struct_ref_seq.pdbx_strand_id                A 
_struct_ref_seq.seq_align_beg                 1 
_struct_ref_seq.pdbx_seq_align_beg_ins_code   ? 
_struct_ref_seq.seq_align_end                 216 
_struct_ref_seq.pdbx_seq_align_end_ins_code   ? 
_struct_ref_seq.pdbx_db_accession             A0A0H2Z7A6 
_struct_ref_seq.db_align_beg                  94 
_struct_ref_seq.pdbx_db_align_beg_ins_code    ? 
_struct_ref_seq.db_align_end                  309 
_struct_ref_seq.pdbx_db_align_end_ins_code    ? 
_struct_ref_seq.pdbx_auth_seq_align_beg       94 
_struct_ref_seq.pdbx_auth_seq_align_end       309 
# 
_pdbx_struct_assembly.id                   1 
_pdbx_struct_assembly.details              author_defined_assembly 
_pdbx_struct_assembly.method_details       PISA 
_pdbx_struct_assembly.oligomeric_details   monomeric 
_pdbx_struct_assembly.oligomeric_count     1 
# 
loop_
_pdbx_struct_assembly_gen.assembly_id 
_pdbx_struct_assembly_gen.oper_expression 
_pdbx_struct_assembly_gen.asym_id_list 
1 1 A,B,C 
1 2 A,B,C 
# 
_pdbx_struct_assembly_auth_evidence.id                     1 
_pdbx_struct_assembly_auth_evidence.assembly_id            1 
_pdbx_struct_assembly_auth_evidence.experimental_support   none 
_pdbx_struct_assembly_auth_evidence.details                ? 
# 
loop_
_pdbx_struct_oper_list.id 
_pdbx_struct_oper_list.type 
_pdbx_struct_oper_list.name 
_pdbx_struct_oper_list.symmetry_operation 
_pdbx_struct_oper_list.matrix[1][1] 
_pdbx_struct_oper_list.matrix[1][2] 
_pdbx_struct_oper_list.matrix[1][3] 
_pdbx_struct_oper_list.vector[1] 
_pdbx_struct_oper_list.matrix[2][1] 
_pdbx_struct_oper_list.matrix[2][2] 
_pdbx_struct_oper_list.matrix[2][3] 
_pdbx_struct_oper_list.vector[2] 
_pdbx_struct_oper_list.matrix[3][1] 
_pdbx_struct_oper_list.matrix[3][2] 
_pdbx_struct_oper_list.matrix[3][3] 
_pdbx_struct_oper_list.vector[3] 
1 'identity operation'       1_555 x,y,z 1.0        0.0        -0.0        0.0      0.0        1.0         0.0         0.0      0.0         0.0         1.0         0.0       
2 'point symmetry operation' ?     ?     0.05928602 0.98449761 -0.16507457 -3.82915 0.98449761 -0.08501053 -0.15341987 -0.10011 -0.16507457 -0.15341987 -0.97427549 -25.16876 
# 
loop_
_struct_conf.conf_type_id 
_struct_conf.id 
_struct_conf.pdbx_PDB_helix_id 
_struct_conf.beg_label_comp_id 
_struct_conf.beg_label_asym_id 
_struct_conf.beg_label_seq_id 
_struct_conf.pdbx_beg_PDB_ins_code 
_struct_conf.end_label_comp_id 
_struct_conf.end_label_asym_id 
_struct_conf.end_label_seq_id 
_struct_conf.pdbx_end_PDB_ins_code 
_struct_conf.beg_auth_comp_id 
_struct_conf.beg_auth_asym_id 
_struct_conf.beg_auth_seq_id 
_struct_conf.end_auth_comp_id 
_struct_conf.end_auth_asym_id 
_struct_conf.end_auth_seq_id 
_struct_conf.pdbx_PDB_helix_class 
_struct_conf.details 
_struct_conf.pdbx_PDB_helix_length 
HELX_P HELX_P1 AA1 PRO A 11  ? PHE A 26  ? PRO A 104 PHE A 119 1 ? 16 
HELX_P HELX_P2 AA2 SER A 35  ? GLN A 45  ? SER A 128 GLN A 138 1 ? 11 
HELX_P HELX_P3 AA3 SER A 89  ? LEU A 96  ? SER A 182 LEU A 189 1 ? 8  
HELX_P HELX_P4 AA4 ASN A 127 ? ALA A 137 ? ASN A 220 ALA A 230 1 ? 11 
HELX_P HELX_P5 AA5 HIS A 146 ? ASN A 155 ? HIS A 239 ASN A 248 1 ? 10 
HELX_P HELX_P6 AA6 SER A 162 ? TYR A 165 ? SER A 255 TYR A 258 5 ? 4  
HELX_P HELX_P7 AA7 ALA A 181 ? GLU A 183 ? ALA A 274 GLU A 276 5 ? 3  
HELX_P HELX_P8 AA8 GLU A 185 ? GLU A 201 ? GLU A 278 GLU A 294 1 ? 17 
# 
_struct_conf_type.id          HELX_P 
_struct_conf_type.criteria    ? 
_struct_conf_type.reference   ? 
# 
loop_
_struct_sheet.id 
_struct_sheet.type 
_struct_sheet.number_strands 
_struct_sheet.details 
AA1 ? 6 ? 
AA2 ? 6 ? 
AA3 ? 2 ? 
# 
loop_
_struct_sheet_order.sheet_id 
_struct_sheet_order.range_id_1 
_struct_sheet_order.range_id_2 
_struct_sheet_order.offset 
_struct_sheet_order.sense 
AA1 1 2 ? parallel      
AA1 2 3 ? parallel      
AA1 3 4 ? anti-parallel 
AA1 4 5 ? anti-parallel 
AA1 5 6 ? anti-parallel 
AA2 1 2 ? parallel      
AA2 2 3 ? parallel      
AA2 3 4 ? anti-parallel 
AA2 4 5 ? anti-parallel 
AA2 5 6 ? anti-parallel 
AA3 1 2 ? parallel      
# 
loop_
_struct_sheet_range.sheet_id 
_struct_sheet_range.id 
_struct_sheet_range.beg_label_comp_id 
_struct_sheet_range.beg_label_asym_id 
_struct_sheet_range.beg_label_seq_id 
_struct_sheet_range.pdbx_beg_PDB_ins_code 
_struct_sheet_range.end_label_comp_id 
_struct_sheet_range.end_label_asym_id 
_struct_sheet_range.end_label_seq_id 
_struct_sheet_range.pdbx_end_PDB_ins_code 
_struct_sheet_range.beg_auth_comp_id 
_struct_sheet_range.beg_auth_asym_id 
_struct_sheet_range.beg_auth_seq_id 
_struct_sheet_range.end_auth_comp_id 
_struct_sheet_range.end_auth_asym_id 
_struct_sheet_range.end_auth_seq_id 
AA1 1 VAL A 29  ? THR A 34  ? VAL A 122 THR A 127 
AA1 2 LEU A 2   ? ASP A 7   ? LEU A 95  ASP A 100 
AA1 3 ILE A 52  ? THR A 55  ? ILE A 145 THR A 148 
AA1 4 ILE A 170 ? ASN A 179 ? ILE A 263 ASN A 272 
AA1 5 PHE A 65  ? ALA A 79  ? PHE A 158 ALA A 172 
AA1 6 GLY A 142 ? PRO A 145 ? GLY A 235 PRO A 238 
AA2 1 VAL A 29  ? THR A 34  ? VAL A 122 THR A 127 
AA2 2 LEU A 2   ? ASP A 7   ? LEU A 95  ASP A 100 
AA2 3 ILE A 52  ? THR A 55  ? ILE A 145 THR A 148 
AA2 4 ILE A 170 ? ASN A 179 ? ILE A 263 ASN A 272 
AA2 5 PHE A 65  ? ALA A 79  ? PHE A 158 ALA A 172 
AA2 6 ALA A 159 ? VAL A 160 ? ALA A 252 VAL A 253 
AA3 1 GLN A 101 ? LEU A 104 ? GLN A 194 LEU A 197 
AA3 2 VAL A 122 ? VAL A 125 ? VAL A 215 VAL A 218 
# 
loop_
_pdbx_struct_sheet_hbond.sheet_id 
_pdbx_struct_sheet_hbond.range_id_1 
_pdbx_struct_sheet_hbond.range_id_2 
_pdbx_struct_sheet_hbond.range_1_label_atom_id 
_pdbx_struct_sheet_hbond.range_1_label_comp_id 
_pdbx_struct_sheet_hbond.range_1_label_asym_id 
_pdbx_struct_sheet_hbond.range_1_label_seq_id 
_pdbx_struct_sheet_hbond.range_1_PDB_ins_code 
_pdbx_struct_sheet_hbond.range_1_auth_atom_id 
_pdbx_struct_sheet_hbond.range_1_auth_comp_id 
_pdbx_struct_sheet_hbond.range_1_auth_asym_id 
_pdbx_struct_sheet_hbond.range_1_auth_seq_id 
_pdbx_struct_sheet_hbond.range_2_label_atom_id 
_pdbx_struct_sheet_hbond.range_2_label_comp_id 
_pdbx_struct_sheet_hbond.range_2_label_asym_id 
_pdbx_struct_sheet_hbond.range_2_label_seq_id 
_pdbx_struct_sheet_hbond.range_2_PDB_ins_code 
_pdbx_struct_sheet_hbond.range_2_auth_atom_id 
_pdbx_struct_sheet_hbond.range_2_auth_comp_id 
_pdbx_struct_sheet_hbond.range_2_auth_asym_id 
_pdbx_struct_sheet_hbond.range_2_auth_seq_id 
AA1 1 2 O ILE A 32  ? O ILE A 125 N LEU A 6   ? N LEU A 99  
AA1 2 3 N LEU A 5   ? N LEU A 98  O ILE A 52  ? O ILE A 145 
AA1 3 4 N ALA A 53  ? N ALA A 146 O TYR A 177 ? O TYR A 270 
AA1 4 5 O VAL A 174 ? O VAL A 267 N GLY A 71  ? N GLY A 164 
AA1 5 6 N VAL A 78  ? N VAL A 171 O GLY A 142 ? O GLY A 235 
AA2 1 2 O ILE A 32  ? O ILE A 125 N LEU A 6   ? N LEU A 99  
AA2 2 3 N LEU A 5   ? N LEU A 98  O ILE A 52  ? O ILE A 145 
AA2 3 4 N ALA A 53  ? N ALA A 146 O TYR A 177 ? O TYR A 270 
AA2 4 5 O VAL A 174 ? O VAL A 267 N GLY A 71  ? N GLY A 164 
AA2 5 6 N ALA A 79  ? N ALA A 172 O ALA A 159 ? O ALA A 252 
AA3 1 2 N GLN A 101 ? N GLN A 194 O LEU A 123 ? O LEU A 216 
# 
_pdbx_validate_close_contact.id               1 
_pdbx_validate_close_contact.PDB_model_num    1 
_pdbx_validate_close_contact.auth_atom_id_1   O 
_pdbx_validate_close_contact.auth_asym_id_1   A 
_pdbx_validate_close_contact.auth_comp_id_1   LEU 
_pdbx_validate_close_contact.auth_seq_id_1    227 
_pdbx_validate_close_contact.PDB_ins_code_1   ? 
_pdbx_validate_close_contact.label_alt_id_1   ? 
_pdbx_validate_close_contact.auth_atom_id_2   O 
_pdbx_validate_close_contact.auth_asym_id_2   A 
_pdbx_validate_close_contact.auth_comp_id_2   ALA 
_pdbx_validate_close_contact.auth_seq_id_2    230 
_pdbx_validate_close_contact.PDB_ins_code_2   ? 
_pdbx_validate_close_contact.label_alt_id_2   ? 
_pdbx_validate_close_contact.dist             2.15 
# 
loop_
_pdbx_validate_rmsd_bond.id 
_pdbx_validate_rmsd_bond.PDB_model_num 
_pdbx_validate_rmsd_bond.auth_atom_id_1 
_pdbx_validate_rmsd_bond.auth_asym_id_1 
_pdbx_validate_rmsd_bond.auth_comp_id_1 
_pdbx_validate_rmsd_bond.auth_seq_id_1 
_pdbx_validate_rmsd_bond.PDB_ins_code_1 
_pdbx_validate_rmsd_bond.label_alt_id_1 
_pdbx_validate_rmsd_bond.auth_atom_id_2 
_pdbx_validate_rmsd_bond.auth_asym_id_2 
_pdbx_validate_rmsd_bond.auth_comp_id_2 
_pdbx_validate_rmsd_bond.auth_seq_id_2 
_pdbx_validate_rmsd_bond.PDB_ins_code_2 
_pdbx_validate_rmsd_bond.label_alt_id_2 
_pdbx_validate_rmsd_bond.bond_value 
_pdbx_validate_rmsd_bond.bond_target_value 
_pdbx_validate_rmsd_bond.bond_deviation 
_pdbx_validate_rmsd_bond.bond_standard_deviation 
_pdbx_validate_rmsd_bond.linker_flag 
1 1 CG A ASP 118 ? ? OD2 A ASP 118 ? ? 1.391 1.249 0.142 0.023 N 
2 1 N  A PRO 177 ? ? CA  A PRO 177 ? ? 1.675 1.468 0.207 0.017 N 
# 
loop_
_pdbx_validate_rmsd_angle.id 
_pdbx_validate_rmsd_angle.PDB_model_num 
_pdbx_validate_rmsd_angle.auth_atom_id_1 
_pdbx_validate_rmsd_angle.auth_asym_id_1 
_pdbx_validate_rmsd_angle.auth_comp_id_1 
_pdbx_validate_rmsd_angle.auth_seq_id_1 
_pdbx_validate_rmsd_angle.PDB_ins_code_1 
_pdbx_validate_rmsd_angle.label_alt_id_1 
_pdbx_validate_rmsd_angle.auth_atom_id_2 
_pdbx_validate_rmsd_angle.auth_asym_id_2 
_pdbx_validate_rmsd_angle.auth_comp_id_2 
_pdbx_validate_rmsd_angle.auth_seq_id_2 
_pdbx_validate_rmsd_angle.PDB_ins_code_2 
_pdbx_validate_rmsd_angle.label_alt_id_2 
_pdbx_validate_rmsd_angle.auth_atom_id_3 
_pdbx_validate_rmsd_angle.auth_asym_id_3 
_pdbx_validate_rmsd_angle.auth_comp_id_3 
_pdbx_validate_rmsd_angle.auth_seq_id_3 
_pdbx_validate_rmsd_angle.PDB_ins_code_3 
_pdbx_validate_rmsd_angle.label_alt_id_3 
_pdbx_validate_rmsd_angle.angle_value 
_pdbx_validate_rmsd_angle.angle_target_value 
_pdbx_validate_rmsd_angle.angle_deviation 
_pdbx_validate_rmsd_angle.angle_standard_deviation 
_pdbx_validate_rmsd_angle.linker_flag 
1 1 CB A ASP 118 ? ? CG A ASP 118 ? ? OD1 A ASP 118 ? ? 112.49 118.30 -5.81 0.90 N 
2 1 C  A HIS 176 ? ? N  A PRO 177 ? ? CA  A PRO 177 ? ? 136.50 119.30 17.20 1.50 Y 
3 1 CA A PRO 177 ? ? N  A PRO 177 ? ? CD  A PRO 177 ? ? 102.67 111.70 -9.03 1.40 N 
# 
_pdbx_entry_details.entry_id                 8Q5L 
_pdbx_entry_details.has_ligand_of_interest   Y 
_pdbx_entry_details.compound_details         ? 
_pdbx_entry_details.source_details           ? 
_pdbx_entry_details.nonpolymer_details       ? 
_pdbx_entry_details.sequence_details         ? 
# 
loop_
_pdbx_unobs_or_zero_occ_residues.id 
_pdbx_unobs_or_zero_occ_residues.PDB_model_num 
_pdbx_unobs_or_zero_occ_residues.polymer_flag 
_pdbx_unobs_or_zero_occ_residues.occupancy_flag 
_pdbx_unobs_or_zero_occ_residues.auth_asym_id 
_pdbx_unobs_or_zero_occ_residues.auth_comp_id 
_pdbx_unobs_or_zero_occ_residues.auth_seq_id 
_pdbx_unobs_or_zero_occ_residues.PDB_ins_code 
_pdbx_unobs_or_zero_occ_residues.label_asym_id 
_pdbx_unobs_or_zero_occ_residues.label_comp_id 
_pdbx_unobs_or_zero_occ_residues.label_seq_id 
1  1 Y 1 A ARG 297 ? A ARG 204 
2  1 Y 1 A GLN 298 ? A GLN 205 
3  1 Y 1 A ARG 299 ? A ARG 206 
4  1 Y 1 A PHE 300 ? A PHE 207 
5  1 Y 1 A ASP 301 ? A ASP 208 
6  1 Y 1 A ASP 302 ? A ASP 209 
7  1 Y 1 A ALA 303 ? A ALA 210 
8  1 Y 1 A PRO 304 ? A PRO 211 
9  1 Y 1 A ALA 305 ? A ALA 212 
10 1 Y 1 A TRP 306 ? A TRP 213 
11 1 Y 1 A GLN 307 ? A GLN 214 
12 1 Y 1 A PRO 308 ? A PRO 215 
13 1 Y 1 A SER 309 ? A SER 216 
# 
loop_
_chem_comp_atom.comp_id 
_chem_comp_atom.atom_id 
_chem_comp_atom.type_symbol 
_chem_comp_atom.pdbx_aromatic_flag 
_chem_comp_atom.pdbx_stereo_config 
_chem_comp_atom.pdbx_ordinal 
ALA N    N  N N 1   
ALA CA   C  N S 2   
ALA C    C  N N 3   
ALA O    O  N N 4   
ALA CB   C  N N 5   
ALA OXT  O  N N 6   
ALA H    H  N N 7   
ALA H2   H  N N 8   
ALA HA   H  N N 9   
ALA HB1  H  N N 10  
ALA HB2  H  N N 11  
ALA HB3  H  N N 12  
ALA HXT  H  N N 13  
ARG N    N  N N 14  
ARG CA   C  N S 15  
ARG C    C  N N 16  
ARG O    O  N N 17  
ARG CB   C  N N 18  
ARG CG   C  N N 19  
ARG CD   C  N N 20  
ARG NE   N  N N 21  
ARG CZ   C  N N 22  
ARG NH1  N  N N 23  
ARG NH2  N  N N 24  
ARG OXT  O  N N 25  
ARG H    H  N N 26  
ARG H2   H  N N 27  
ARG HA   H  N N 28  
ARG HB2  H  N N 29  
ARG HB3  H  N N 30  
ARG HG2  H  N N 31  
ARG HG3  H  N N 32  
ARG HD2  H  N N 33  
ARG HD3  H  N N 34  
ARG HE   H  N N 35  
ARG HH11 H  N N 36  
ARG HH12 H  N N 37  
ARG HH21 H  N N 38  
ARG HH22 H  N N 39  
ARG HXT  H  N N 40  
ASN N    N  N N 41  
ASN CA   C  N S 42  
ASN C    C  N N 43  
ASN O    O  N N 44  
ASN CB   C  N N 45  
ASN CG   C  N N 46  
ASN OD1  O  N N 47  
ASN ND2  N  N N 48  
ASN OXT  O  N N 49  
ASN H    H  N N 50  
ASN H2   H  N N 51  
ASN HA   H  N N 52  
ASN HB2  H  N N 53  
ASN HB3  H  N N 54  
ASN HD21 H  N N 55  
ASN HD22 H  N N 56  
ASN HXT  H  N N 57  
ASP N    N  N N 58  
ASP CA   C  N S 59  
ASP C    C  N N 60  
ASP O    O  N N 61  
ASP CB   C  N N 62  
ASP CG   C  N N 63  
ASP OD1  O  N N 64  
ASP OD2  O  N N 65  
ASP OXT  O  N N 66  
ASP H    H  N N 67  
ASP H2   H  N N 68  
ASP HA   H  N N 69  
ASP HB2  H  N N 70  
ASP HB3  H  N N 71  
ASP HD2  H  N N 72  
ASP HXT  H  N N 73  
CYS N    N  N N 74  
CYS CA   C  N R 75  
CYS C    C  N N 76  
CYS O    O  N N 77  
CYS CB   C  N N 78  
CYS SG   S  N N 79  
CYS OXT  O  N N 80  
CYS H    H  N N 81  
CYS H2   H  N N 82  
CYS HA   H  N N 83  
CYS HB2  H  N N 84  
CYS HB3  H  N N 85  
CYS HG   H  N N 86  
CYS HXT  H  N N 87  
GLN N    N  N N 88  
GLN CA   C  N S 89  
GLN C    C  N N 90  
GLN O    O  N N 91  
GLN CB   C  N N 92  
GLN CG   C  N N 93  
GLN CD   C  N N 94  
GLN OE1  O  N N 95  
GLN NE2  N  N N 96  
GLN OXT  O  N N 97  
GLN H    H  N N 98  
GLN H2   H  N N 99  
GLN HA   H  N N 100 
GLN HB2  H  N N 101 
GLN HB3  H  N N 102 
GLN HG2  H  N N 103 
GLN HG3  H  N N 104 
GLN HE21 H  N N 105 
GLN HE22 H  N N 106 
GLN HXT  H  N N 107 
GLU N    N  N N 108 
GLU CA   C  N S 109 
GLU C    C  N N 110 
GLU O    O  N N 111 
GLU CB   C  N N 112 
GLU CG   C  N N 113 
GLU CD   C  N N 114 
GLU OE1  O  N N 115 
GLU OE2  O  N N 116 
GLU OXT  O  N N 117 
GLU H    H  N N 118 
GLU H2   H  N N 119 
GLU HA   H  N N 120 
GLU HB2  H  N N 121 
GLU HB3  H  N N 122 
GLU HG2  H  N N 123 
GLU HG3  H  N N 124 
GLU HE2  H  N N 125 
GLU HXT  H  N N 126 
GLY N    N  N N 127 
GLY CA   C  N N 128 
GLY C    C  N N 129 
GLY O    O  N N 130 
GLY OXT  O  N N 131 
GLY H    H  N N 132 
GLY H2   H  N N 133 
GLY HA2  H  N N 134 
GLY HA3  H  N N 135 
GLY HXT  H  N N 136 
HIS N    N  N N 137 
HIS CA   C  N S 138 
HIS C    C  N N 139 
HIS O    O  N N 140 
HIS CB   C  N N 141 
HIS CG   C  Y N 142 
HIS ND1  N  Y N 143 
HIS CD2  C  Y N 144 
HIS CE1  C  Y N 145 
HIS NE2  N  Y N 146 
HIS OXT  O  N N 147 
HIS H    H  N N 148 
HIS H2   H  N N 149 
HIS HA   H  N N 150 
HIS HB2  H  N N 151 
HIS HB3  H  N N 152 
HIS HD1  H  N N 153 
HIS HD2  H  N N 154 
HIS HE1  H  N N 155 
HIS HE2  H  N N 156 
HIS HXT  H  N N 157 
HOH O    O  N N 158 
HOH H1   H  N N 159 
HOH H2   H  N N 160 
ILE N    N  N N 161 
ILE CA   C  N S 162 
ILE C    C  N N 163 
ILE O    O  N N 164 
ILE CB   C  N S 165 
ILE CG1  C  N N 166 
ILE CG2  C  N N 167 
ILE CD1  C  N N 168 
ILE OXT  O  N N 169 
ILE H    H  N N 170 
ILE H2   H  N N 171 
ILE HA   H  N N 172 
ILE HB   H  N N 173 
ILE HG12 H  N N 174 
ILE HG13 H  N N 175 
ILE HG21 H  N N 176 
ILE HG22 H  N N 177 
ILE HG23 H  N N 178 
ILE HD11 H  N N 179 
ILE HD12 H  N N 180 
ILE HD13 H  N N 181 
ILE HXT  H  N N 182 
JVO O2   O  N N 183 
JVO N1   N  Y N 184 
JVO C1   C  N N 185 
JVO C2   C  N N 186 
JVO C3   C  N N 187 
JVO C4   C  Y N 188 
JVO N2   N  N N 189 
JVO C5   C  N N 190 
JVO C6   C  N S 191 
JVO O1   O  N N 192 
JVO C7   C  N N 193 
JVO C8   C  Y N 194 
JVO C9   C  Y N 195 
JVO C10  C  Y N 196 
JVO C11  C  Y N 197 
JVO C12  C  N N 198 
JVO C13  C  N N 199 
JVO N3   N  N N 200 
JVO C14  C  Y N 201 
JVO C15  C  Y N 202 
JVO N4   N  Y N 203 
JVO C16  C  Y N 204 
JVO C17  C  Y N 205 
JVO C18  C  Y N 206 
JVO C19  C  Y N 207 
JVO CL1  CL N N 208 
JVO C20  C  Y N 209 
JVO C21  C  Y N 210 
JVO H1   H  N N 211 
JVO H2   H  N N 212 
JVO H3   H  N N 213 
JVO H4   H  N N 214 
JVO H5   H  N N 215 
JVO H6   H  N N 216 
JVO H7   H  N N 217 
JVO H8   H  N N 218 
JVO H9   H  N N 219 
JVO H10  H  N N 220 
JVO H11  H  N N 221 
JVO H12  H  N N 222 
JVO H13  H  N N 223 
JVO H14  H  N N 224 
JVO H15  H  N N 225 
JVO H16  H  N N 226 
JVO H17  H  N N 227 
JVO H18  H  N N 228 
JVO H19  H  N N 229 
JVO H20  H  N N 230 
JVO H21  H  N N 231 
JVO H22  H  N N 232 
JVO H23  H  N N 233 
LEU N    N  N N 234 
LEU CA   C  N S 235 
LEU C    C  N N 236 
LEU O    O  N N 237 
LEU CB   C  N N 238 
LEU CG   C  N N 239 
LEU CD1  C  N N 240 
LEU CD2  C  N N 241 
LEU OXT  O  N N 242 
LEU H    H  N N 243 
LEU H2   H  N N 244 
LEU HA   H  N N 245 
LEU HB2  H  N N 246 
LEU HB3  H  N N 247 
LEU HG   H  N N 248 
LEU HD11 H  N N 249 
LEU HD12 H  N N 250 
LEU HD13 H  N N 251 
LEU HD21 H  N N 252 
LEU HD22 H  N N 253 
LEU HD23 H  N N 254 
LEU HXT  H  N N 255 
LYS N    N  N N 256 
LYS CA   C  N S 257 
LYS C    C  N N 258 
LYS O    O  N N 259 
LYS CB   C  N N 260 
LYS CG   C  N N 261 
LYS CD   C  N N 262 
LYS CE   C  N N 263 
LYS NZ   N  N N 264 
LYS OXT  O  N N 265 
LYS H    H  N N 266 
LYS H2   H  N N 267 
LYS HA   H  N N 268 
LYS HB2  H  N N 269 
LYS HB3  H  N N 270 
LYS HG2  H  N N 271 
LYS HG3  H  N N 272 
LYS HD2  H  N N 273 
LYS HD3  H  N N 274 
LYS HE2  H  N N 275 
LYS HE3  H  N N 276 
LYS HZ1  H  N N 277 
LYS HZ2  H  N N 278 
LYS HZ3  H  N N 279 
LYS HXT  H  N N 280 
MET N    N  N N 281 
MET CA   C  N S 282 
MET C    C  N N 283 
MET O    O  N N 284 
MET CB   C  N N 285 
MET CG   C  N N 286 
MET SD   S  N N 287 
MET CE   C  N N 288 
MET OXT  O  N N 289 
MET H    H  N N 290 
MET H2   H  N N 291 
MET HA   H  N N 292 
MET HB2  H  N N 293 
MET HB3  H  N N 294 
MET HG2  H  N N 295 
MET HG3  H  N N 296 
MET HE1  H  N N 297 
MET HE2  H  N N 298 
MET HE3  H  N N 299 
MET HXT  H  N N 300 
PHE N    N  N N 301 
PHE CA   C  N S 302 
PHE C    C  N N 303 
PHE O    O  N N 304 
PHE CB   C  N N 305 
PHE CG   C  Y N 306 
PHE CD1  C  Y N 307 
PHE CD2  C  Y N 308 
PHE CE1  C  Y N 309 
PHE CE2  C  Y N 310 
PHE CZ   C  Y N 311 
PHE OXT  O  N N 312 
PHE H    H  N N 313 
PHE H2   H  N N 314 
PHE HA   H  N N 315 
PHE HB2  H  N N 316 
PHE HB3  H  N N 317 
PHE HD1  H  N N 318 
PHE HD2  H  N N 319 
PHE HE1  H  N N 320 
PHE HE2  H  N N 321 
PHE HZ   H  N N 322 
PHE HXT  H  N N 323 
PRO N    N  N N 324 
PRO CA   C  N S 325 
PRO C    C  N N 326 
PRO O    O  N N 327 
PRO CB   C  N N 328 
PRO CG   C  N N 329 
PRO CD   C  N N 330 
PRO OXT  O  N N 331 
PRO H    H  N N 332 
PRO HA   H  N N 333 
PRO HB2  H  N N 334 
PRO HB3  H  N N 335 
PRO HG2  H  N N 336 
PRO HG3  H  N N 337 
PRO HD2  H  N N 338 
PRO HD3  H  N N 339 
PRO HXT  H  N N 340 
SER N    N  N N 341 
SER CA   C  N S 342 
SER C    C  N N 343 
SER O    O  N N 344 
SER CB   C  N N 345 
SER OG   O  N N 346 
SER OXT  O  N N 347 
SER H    H  N N 348 
SER H2   H  N N 349 
SER HA   H  N N 350 
SER HB2  H  N N 351 
SER HB3  H  N N 352 
SER HG   H  N N 353 
SER HXT  H  N N 354 
THR N    N  N N 355 
THR CA   C  N S 356 
THR C    C  N N 357 
THR O    O  N N 358 
THR CB   C  N R 359 
THR OG1  O  N N 360 
THR CG2  C  N N 361 
THR OXT  O  N N 362 
THR H    H  N N 363 
THR H2   H  N N 364 
THR HA   H  N N 365 
THR HB   H  N N 366 
THR HG1  H  N N 367 
THR HG21 H  N N 368 
THR HG22 H  N N 369 
THR HG23 H  N N 370 
THR HXT  H  N N 371 
TRP N    N  N N 372 
TRP CA   C  N S 373 
TRP C    C  N N 374 
TRP O    O  N N 375 
TRP CB   C  N N 376 
TRP CG   C  Y N 377 
TRP CD1  C  Y N 378 
TRP CD2  C  Y N 379 
TRP NE1  N  Y N 380 
TRP CE2  C  Y N 381 
TRP CE3  C  Y N 382 
TRP CZ2  C  Y N 383 
TRP CZ3  C  Y N 384 
TRP CH2  C  Y N 385 
TRP OXT  O  N N 386 
TRP H    H  N N 387 
TRP H2   H  N N 388 
TRP HA   H  N N 389 
TRP HB2  H  N N 390 
TRP HB3  H  N N 391 
TRP HD1  H  N N 392 
TRP HE1  H  N N 393 
TRP HE3  H  N N 394 
TRP HZ2  H  N N 395 
TRP HZ3  H  N N 396 
TRP HH2  H  N N 397 
TRP HXT  H  N N 398 
TYR N    N  N N 399 
TYR CA   C  N S 400 
TYR C    C  N N 401 
TYR O    O  N N 402 
TYR CB   C  N N 403 
TYR CG   C  Y N 404 
TYR CD1  C  Y N 405 
TYR CD2  C  Y N 406 
TYR CE1  C  Y N 407 
TYR CE2  C  Y N 408 
TYR CZ   C  Y N 409 
TYR OH   O  N N 410 
TYR OXT  O  N N 411 
TYR H    H  N N 412 
TYR H2   H  N N 413 
TYR HA   H  N N 414 
TYR HB2  H  N N 415 
TYR HB3  H  N N 416 
TYR HD1  H  N N 417 
TYR HD2  H  N N 418 
TYR HE1  H  N N 419 
TYR HE2  H  N N 420 
TYR HH   H  N N 421 
TYR HXT  H  N N 422 
VAL N    N  N N 423 
VAL CA   C  N S 424 
VAL C    C  N N 425 
VAL O    O  N N 426 
VAL CB   C  N N 427 
VAL CG1  C  N N 428 
VAL CG2  C  N N 429 
VAL OXT  O  N N 430 
VAL H    H  N N 431 
VAL H2   H  N N 432 
VAL HA   H  N N 433 
VAL HB   H  N N 434 
VAL HG11 H  N N 435 
VAL HG12 H  N N 436 
VAL HG13 H  N N 437 
VAL HG21 H  N N 438 
VAL HG22 H  N N 439 
VAL HG23 H  N N 440 
VAL HXT  H  N N 441 
# 
loop_
_chem_comp_bond.comp_id 
_chem_comp_bond.atom_id_1 
_chem_comp_bond.atom_id_2 
_chem_comp_bond.value_order 
_chem_comp_bond.pdbx_aromatic_flag 
_chem_comp_bond.pdbx_stereo_config 
_chem_comp_bond.pdbx_ordinal 
ALA N   CA   sing N N 1   
ALA N   H    sing N N 2   
ALA N   H2   sing N N 3   
ALA CA  C    sing N N 4   
ALA CA  CB   sing N N 5   
ALA CA  HA   sing N N 6   
ALA C   O    doub N N 7   
ALA C   OXT  sing N N 8   
ALA CB  HB1  sing N N 9   
ALA CB  HB2  sing N N 10  
ALA CB  HB3  sing N N 11  
ALA OXT HXT  sing N N 12  
ARG N   CA   sing N N 13  
ARG N   H    sing N N 14  
ARG N   H2   sing N N 15  
ARG CA  C    sing N N 16  
ARG CA  CB   sing N N 17  
ARG CA  HA   sing N N 18  
ARG C   O    doub N N 19  
ARG C   OXT  sing N N 20  
ARG CB  CG   sing N N 21  
ARG CB  HB2  sing N N 22  
ARG CB  HB3  sing N N 23  
ARG CG  CD   sing N N 24  
ARG CG  HG2  sing N N 25  
ARG CG  HG3  sing N N 26  
ARG CD  NE   sing N N 27  
ARG CD  HD2  sing N N 28  
ARG CD  HD3  sing N N 29  
ARG NE  CZ   sing N N 30  
ARG NE  HE   sing N N 31  
ARG CZ  NH1  sing N N 32  
ARG CZ  NH2  doub N N 33  
ARG NH1 HH11 sing N N 34  
ARG NH1 HH12 sing N N 35  
ARG NH2 HH21 sing N N 36  
ARG NH2 HH22 sing N N 37  
ARG OXT HXT  sing N N 38  
ASN N   CA   sing N N 39  
ASN N   H    sing N N 40  
ASN N   H2   sing N N 41  
ASN CA  C    sing N N 42  
ASN CA  CB   sing N N 43  
ASN CA  HA   sing N N 44  
ASN C   O    doub N N 45  
ASN C   OXT  sing N N 46  
ASN CB  CG   sing N N 47  
ASN CB  HB2  sing N N 48  
ASN CB  HB3  sing N N 49  
ASN CG  OD1  doub N N 50  
ASN CG  ND2  sing N N 51  
ASN ND2 HD21 sing N N 52  
ASN ND2 HD22 sing N N 53  
ASN OXT HXT  sing N N 54  
ASP N   CA   sing N N 55  
ASP N   H    sing N N 56  
ASP N   H2   sing N N 57  
ASP CA  C    sing N N 58  
ASP CA  CB   sing N N 59  
ASP CA  HA   sing N N 60  
ASP C   O    doub N N 61  
ASP C   OXT  sing N N 62  
ASP CB  CG   sing N N 63  
ASP CB  HB2  sing N N 64  
ASP CB  HB3  sing N N 65  
ASP CG  OD1  doub N N 66  
ASP CG  OD2  sing N N 67  
ASP OD2 HD2  sing N N 68  
ASP OXT HXT  sing N N 69  
CYS N   CA   sing N N 70  
CYS N   H    sing N N 71  
CYS N   H2   sing N N 72  
CYS CA  C    sing N N 73  
CYS CA  CB   sing N N 74  
CYS CA  HA   sing N N 75  
CYS C   O    doub N N 76  
CYS C   OXT  sing N N 77  
CYS CB  SG   sing N N 78  
CYS CB  HB2  sing N N 79  
CYS CB  HB3  sing N N 80  
CYS SG  HG   sing N N 81  
CYS OXT HXT  sing N N 82  
GLN N   CA   sing N N 83  
GLN N   H    sing N N 84  
GLN N   H2   sing N N 85  
GLN CA  C    sing N N 86  
GLN CA  CB   sing N N 87  
GLN CA  HA   sing N N 88  
GLN C   O    doub N N 89  
GLN C   OXT  sing N N 90  
GLN CB  CG   sing N N 91  
GLN CB  HB2  sing N N 92  
GLN CB  HB3  sing N N 93  
GLN CG  CD   sing N N 94  
GLN CG  HG2  sing N N 95  
GLN CG  HG3  sing N N 96  
GLN CD  OE1  doub N N 97  
GLN CD  NE2  sing N N 98  
GLN NE2 HE21 sing N N 99  
GLN NE2 HE22 sing N N 100 
GLN OXT HXT  sing N N 101 
GLU N   CA   sing N N 102 
GLU N   H    sing N N 103 
GLU N   H2   sing N N 104 
GLU CA  C    sing N N 105 
GLU CA  CB   sing N N 106 
GLU CA  HA   sing N N 107 
GLU C   O    doub N N 108 
GLU C   OXT  sing N N 109 
GLU CB  CG   sing N N 110 
GLU CB  HB2  sing N N 111 
GLU CB  HB3  sing N N 112 
GLU CG  CD   sing N N 113 
GLU CG  HG2  sing N N 114 
GLU CG  HG3  sing N N 115 
GLU CD  OE1  doub N N 116 
GLU CD  OE2  sing N N 117 
GLU OE2 HE2  sing N N 118 
GLU OXT HXT  sing N N 119 
GLY N   CA   sing N N 120 
GLY N   H    sing N N 121 
GLY N   H2   sing N N 122 
GLY CA  C    sing N N 123 
GLY CA  HA2  sing N N 124 
GLY CA  HA3  sing N N 125 
GLY C   O    doub N N 126 
GLY C   OXT  sing N N 127 
GLY OXT HXT  sing N N 128 
HIS N   CA   sing N N 129 
HIS N   H    sing N N 130 
HIS N   H2   sing N N 131 
HIS CA  C    sing N N 132 
HIS CA  CB   sing N N 133 
HIS CA  HA   sing N N 134 
HIS C   O    doub N N 135 
HIS C   OXT  sing N N 136 
HIS CB  CG   sing N N 137 
HIS CB  HB2  sing N N 138 
HIS CB  HB3  sing N N 139 
HIS CG  ND1  sing Y N 140 
HIS CG  CD2  doub Y N 141 
HIS ND1 CE1  doub Y N 142 
HIS ND1 HD1  sing N N 143 
HIS CD2 NE2  sing Y N 144 
HIS CD2 HD2  sing N N 145 
HIS CE1 NE2  sing Y N 146 
HIS CE1 HE1  sing N N 147 
HIS NE2 HE2  sing N N 148 
HIS OXT HXT  sing N N 149 
HOH O   H1   sing N N 150 
HOH O   H2   sing N N 151 
ILE N   CA   sing N N 152 
ILE N   H    sing N N 153 
ILE N   H2   sing N N 154 
ILE CA  C    sing N N 155 
ILE CA  CB   sing N N 156 
ILE CA  HA   sing N N 157 
ILE C   O    doub N N 158 
ILE C   OXT  sing N N 159 
ILE CB  CG1  sing N N 160 
ILE CB  CG2  sing N N 161 
ILE CB  HB   sing N N 162 
ILE CG1 CD1  sing N N 163 
ILE CG1 HG12 sing N N 164 
ILE CG1 HG13 sing N N 165 
ILE CG2 HG21 sing N N 166 
ILE CG2 HG22 sing N N 167 
ILE CG2 HG23 sing N N 168 
ILE CD1 HD11 sing N N 169 
ILE CD1 HD12 sing N N 170 
ILE CD1 HD13 sing N N 171 
ILE OXT HXT  sing N N 172 
JVO C1  C2   sing N N 173 
JVO C2  C3   sing N N 174 
JVO C2  N1   sing N N 175 
JVO C14 C15  doub Y N 176 
JVO C14 C11  sing Y N 177 
JVO C15 C8   sing Y N 178 
JVO C20 C21  doub Y N 179 
JVO C20 C19  sing Y N 180 
JVO C5  C6   sing N N 181 
JVO C5  N2   sing N N 182 
JVO N1  C21  sing Y N 183 
JVO N1  C4   sing Y N 184 
JVO CL1 C19  sing N N 185 
JVO C12 C11  sing N N 186 
JVO C12 C13  sing N N 187 
JVO C21 C16  sing Y N 188 
JVO C11 C10  doub Y N 189 
JVO C6  C7   sing N N 190 
JVO C6  O1   sing N N 191 
JVO C19 C18  doub Y N 192 
JVO C4  N2   sing N N 193 
JVO C4  N4   doub Y N 194 
JVO C8  O2   sing N N 195 
JVO C8  C9   doub Y N 196 
JVO C7  O2   sing N N 197 
JVO C13 N3   trip N N 198 
JVO C16 N4   sing Y N 199 
JVO C16 C17  doub Y N 200 
JVO C10 C9   sing Y N 201 
JVO C18 C17  sing Y N 202 
JVO C1  H1   sing N N 203 
JVO C1  H2   sing N N 204 
JVO C1  H3   sing N N 205 
JVO C2  H4   sing N N 206 
JVO C3  H5   sing N N 207 
JVO C3  H6   sing N N 208 
JVO C3  H7   sing N N 209 
JVO N2  H8   sing N N 210 
JVO C5  H9   sing N N 211 
JVO C5  H10  sing N N 212 
JVO C6  H11  sing N N 213 
JVO O1  H12  sing N N 214 
JVO C7  H13  sing N N 215 
JVO C7  H14  sing N N 216 
JVO C9  H15  sing N N 217 
JVO C10 H16  sing N N 218 
JVO C12 H17  sing N N 219 
JVO C12 H18  sing N N 220 
JVO C14 H19  sing N N 221 
JVO C15 H20  sing N N 222 
JVO C17 H21  sing N N 223 
JVO C18 H22  sing N N 224 
JVO C20 H23  sing N N 225 
LEU N   CA   sing N N 226 
LEU N   H    sing N N 227 
LEU N   H2   sing N N 228 
LEU CA  C    sing N N 229 
LEU CA  CB   sing N N 230 
LEU CA  HA   sing N N 231 
LEU C   O    doub N N 232 
LEU C   OXT  sing N N 233 
LEU CB  CG   sing N N 234 
LEU CB  HB2  sing N N 235 
LEU CB  HB3  sing N N 236 
LEU CG  CD1  sing N N 237 
LEU CG  CD2  sing N N 238 
LEU CG  HG   sing N N 239 
LEU CD1 HD11 sing N N 240 
LEU CD1 HD12 sing N N 241 
LEU CD1 HD13 sing N N 242 
LEU CD2 HD21 sing N N 243 
LEU CD2 HD22 sing N N 244 
LEU CD2 HD23 sing N N 245 
LEU OXT HXT  sing N N 246 
LYS N   CA   sing N N 247 
LYS N   H    sing N N 248 
LYS N   H2   sing N N 249 
LYS CA  C    sing N N 250 
LYS CA  CB   sing N N 251 
LYS CA  HA   sing N N 252 
LYS C   O    doub N N 253 
LYS C   OXT  sing N N 254 
LYS CB  CG   sing N N 255 
LYS CB  HB2  sing N N 256 
LYS CB  HB3  sing N N 257 
LYS CG  CD   sing N N 258 
LYS CG  HG2  sing N N 259 
LYS CG  HG3  sing N N 260 
LYS CD  CE   sing N N 261 
LYS CD  HD2  sing N N 262 
LYS CD  HD3  sing N N 263 
LYS CE  NZ   sing N N 264 
LYS CE  HE2  sing N N 265 
LYS CE  HE3  sing N N 266 
LYS NZ  HZ1  sing N N 267 
LYS NZ  HZ2  sing N N 268 
LYS NZ  HZ3  sing N N 269 
LYS OXT HXT  sing N N 270 
MET N   CA   sing N N 271 
MET N   H    sing N N 272 
MET N   H2   sing N N 273 
MET CA  C    sing N N 274 
MET CA  CB   sing N N 275 
MET CA  HA   sing N N 276 
MET C   O    doub N N 277 
MET C   OXT  sing N N 278 
MET CB  CG   sing N N 279 
MET CB  HB2  sing N N 280 
MET CB  HB3  sing N N 281 
MET CG  SD   sing N N 282 
MET CG  HG2  sing N N 283 
MET CG  HG3  sing N N 284 
MET SD  CE   sing N N 285 
MET CE  HE1  sing N N 286 
MET CE  HE2  sing N N 287 
MET CE  HE3  sing N N 288 
MET OXT HXT  sing N N 289 
PHE N   CA   sing N N 290 
PHE N   H    sing N N 291 
PHE N   H2   sing N N 292 
PHE CA  C    sing N N 293 
PHE CA  CB   sing N N 294 
PHE CA  HA   sing N N 295 
PHE C   O    doub N N 296 
PHE C   OXT  sing N N 297 
PHE CB  CG   sing N N 298 
PHE CB  HB2  sing N N 299 
PHE CB  HB3  sing N N 300 
PHE CG  CD1  doub Y N 301 
PHE CG  CD2  sing Y N 302 
PHE CD1 CE1  sing Y N 303 
PHE CD1 HD1  sing N N 304 
PHE CD2 CE2  doub Y N 305 
PHE CD2 HD2  sing N N 306 
PHE CE1 CZ   doub Y N 307 
PHE CE1 HE1  sing N N 308 
PHE CE2 CZ   sing Y N 309 
PHE CE2 HE2  sing N N 310 
PHE CZ  HZ   sing N N 311 
PHE OXT HXT  sing N N 312 
PRO N   CA   sing N N 313 
PRO N   CD   sing N N 314 
PRO N   H    sing N N 315 
PRO CA  C    sing N N 316 
PRO CA  CB   sing N N 317 
PRO CA  HA   sing N N 318 
PRO C   O    doub N N 319 
PRO C   OXT  sing N N 320 
PRO CB  CG   sing N N 321 
PRO CB  HB2  sing N N 322 
PRO CB  HB3  sing N N 323 
PRO CG  CD   sing N N 324 
PRO CG  HG2  sing N N 325 
PRO CG  HG3  sing N N 326 
PRO CD  HD2  sing N N 327 
PRO CD  HD3  sing N N 328 
PRO OXT HXT  sing N N 329 
SER N   CA   sing N N 330 
SER N   H    sing N N 331 
SER N   H2   sing N N 332 
SER CA  C    sing N N 333 
SER CA  CB   sing N N 334 
SER CA  HA   sing N N 335 
SER C   O    doub N N 336 
SER C   OXT  sing N N 337 
SER CB  OG   sing N N 338 
SER CB  HB2  sing N N 339 
SER CB  HB3  sing N N 340 
SER OG  HG   sing N N 341 
SER OXT HXT  sing N N 342 
THR N   CA   sing N N 343 
THR N   H    sing N N 344 
THR N   H2   sing N N 345 
THR CA  C    sing N N 346 
THR CA  CB   sing N N 347 
THR CA  HA   sing N N 348 
THR C   O    doub N N 349 
THR C   OXT  sing N N 350 
THR CB  OG1  sing N N 351 
THR CB  CG2  sing N N 352 
THR CB  HB   sing N N 353 
THR OG1 HG1  sing N N 354 
THR CG2 HG21 sing N N 355 
THR CG2 HG22 sing N N 356 
THR CG2 HG23 sing N N 357 
THR OXT HXT  sing N N 358 
TRP N   CA   sing N N 359 
TRP N   H    sing N N 360 
TRP N   H2   sing N N 361 
TRP CA  C    sing N N 362 
TRP CA  CB   sing N N 363 
TRP CA  HA   sing N N 364 
TRP C   O    doub N N 365 
TRP C   OXT  sing N N 366 
TRP CB  CG   sing N N 367 
TRP CB  HB2  sing N N 368 
TRP CB  HB3  sing N N 369 
TRP CG  CD1  doub Y N 370 
TRP CG  CD2  sing Y N 371 
TRP CD1 NE1  sing Y N 372 
TRP CD1 HD1  sing N N 373 
TRP CD2 CE2  doub Y N 374 
TRP CD2 CE3  sing Y N 375 
TRP NE1 CE2  sing Y N 376 
TRP NE1 HE1  sing N N 377 
TRP CE2 CZ2  sing Y N 378 
TRP CE3 CZ3  doub Y N 379 
TRP CE3 HE3  sing N N 380 
TRP CZ2 CH2  doub Y N 381 
TRP CZ2 HZ2  sing N N 382 
TRP CZ3 CH2  sing Y N 383 
TRP CZ3 HZ3  sing N N 384 
TRP CH2 HH2  sing N N 385 
TRP OXT HXT  sing N N 386 
TYR N   CA   sing N N 387 
TYR N   H    sing N N 388 
TYR N   H2   sing N N 389 
TYR CA  C    sing N N 390 
TYR CA  CB   sing N N 391 
TYR CA  HA   sing N N 392 
TYR C   O    doub N N 393 
TYR C   OXT  sing N N 394 
TYR CB  CG   sing N N 395 
TYR CB  HB2  sing N N 396 
TYR CB  HB3  sing N N 397 
TYR CG  CD1  doub Y N 398 
TYR CG  CD2  sing Y N 399 
TYR CD1 CE1  sing Y N 400 
TYR CD1 HD1  sing N N 401 
TYR CD2 CE2  doub Y N 402 
TYR CD2 HD2  sing N N 403 
TYR CE1 CZ   doub Y N 404 
TYR CE1 HE1  sing N N 405 
TYR CE2 CZ   sing Y N 406 
TYR CE2 HE2  sing N N 407 
TYR CZ  OH   sing N N 408 
TYR OH  HH   sing N N 409 
TYR OXT HXT  sing N N 410 
VAL N   CA   sing N N 411 
VAL N   H    sing N N 412 
VAL N   H2   sing N N 413 
VAL CA  C    sing N N 414 
VAL CA  CB   sing N N 415 
VAL CA  HA   sing N N 416 
VAL C   O    doub N N 417 
VAL C   OXT  sing N N 418 
VAL CB  CG1  sing N N 419 
VAL CB  CG2  sing N N 420 
VAL CB  HB   sing N N 421 
VAL CG1 HG11 sing N N 422 
VAL CG1 HG12 sing N N 423 
VAL CG1 HG13 sing N N 424 
VAL CG2 HG21 sing N N 425 
VAL CG2 HG22 sing N N 426 
VAL CG2 HG23 sing N N 427 
VAL OXT HXT  sing N N 428 
# 
loop_
_pdbx_audit_support.funding_organization 
_pdbx_audit_support.country 
_pdbx_audit_support.grant_number 
_pdbx_audit_support.ordinal 
'Engineering and Physical Sciences Research Council'             'United Kingdom' EP/N006615/1    1 
'Engineering and Physical Sciences Research Council'             'United Kingdom' EP/K005138/1    2 
'Engineering and Physical Sciences Research Council'             'United Kingdom' EP/N03371X/1    3 
'Medical Research Council (MRC, United Kingdom)'                 'United Kingdom' 'MR/ N501852/1' 4 
'Biotechnology and Biological Sciences Research Council (BBSRC)' 'United Kingdom' BB/R012415/1    5 
'Biotechnology and Biological Sciences Research Council (BBSRC)' 'United Kingdom' BB/X002950/1    6 
'Wellcome Trust'                                                 'United Kingdom' 108876/B/15/Z   7 
# 
_pdbx_entity_instance_feature.ordinal        1 
_pdbx_entity_instance_feature.comp_id        JVO 
_pdbx_entity_instance_feature.asym_id        ? 
_pdbx_entity_instance_feature.seq_num        ? 
_pdbx_entity_instance_feature.auth_comp_id   JVO 
_pdbx_entity_instance_feature.auth_asym_id   ? 
_pdbx_entity_instance_feature.auth_seq_num   ? 
_pdbx_entity_instance_feature.feature_type   'SUBJECT OF INVESTIGATION' 
_pdbx_entity_instance_feature.details        ? 
# 
_pdbx_initial_refinement_model.id               1 
_pdbx_initial_refinement_model.entity_id_list   ? 
_pdbx_initial_refinement_model.type             'experimental model' 
_pdbx_initial_refinement_model.source_name      PDB 
_pdbx_initial_refinement_model.accession_code   4JVC 
_pdbx_initial_refinement_model.details          ? 
# 
_atom_sites.entry_id                    8Q5L 
_atom_sites.Cartn_transf_matrix[1][1]   ? 
_atom_sites.Cartn_transf_matrix[1][2]   ? 
_atom_sites.Cartn_transf_matrix[1][3]   ? 
_atom_sites.Cartn_transf_matrix[2][1]   ? 
_atom_sites.Cartn_transf_matrix[2][2]   ? 
_atom_sites.Cartn_transf_matrix[2][3]   ? 
_atom_sites.Cartn_transf_matrix[3][1]   ? 
_atom_sites.Cartn_transf_matrix[3][2]   ? 
_atom_sites.Cartn_transf_matrix[3][3]   ? 
_atom_sites.Cartn_transf_vector[1]      ? 
_atom_sites.Cartn_transf_vector[2]      ? 
_atom_sites.Cartn_transf_vector[3]      ? 
_atom_sites.Cartn_transform_axes        ? 
_atom_sites.fract_transf_matrix[1][1]   0.00402784 
_atom_sites.fract_transf_matrix[1][2]   0.00828418 
_atom_sites.fract_transf_matrix[1][3]   0.00245657 
_atom_sites.fract_transf_matrix[2][1]   -0.00396078 
_atom_sites.fract_transf_matrix[2][2]   0.00539934 
_atom_sites.fract_transf_matrix[2][3]   0.00678509 
_atom_sites.fract_transf_matrix[3][1]   0.00472259 
_atom_sites.fract_transf_matrix[3][2]   -0.00407534 
_atom_sites.fract_transf_matrix[3][3]   0.00599981 
_atom_sites.fract_transf_vector[1]      -0.384926 
_atom_sites.fract_transf_vector[2]      0.078073 
_atom_sites.fract_transf_vector[3]      0.084342 
_atom_sites.solution_primary            ? 
_atom_sites.solution_secondary          ? 
_atom_sites.solution_hydrogens          ? 
_atom_sites.special_details             ? 
# 
loop_
_atom_type.symbol 
C  
CL 
N  
O  
S  
# 
loop_
_atom_site.group_PDB 
_atom_site.id 
_atom_site.type_symbol 
_atom_site.label_atom_id 
_atom_site.label_alt_id 
_atom_site.label_comp_id 
_atom_site.label_asym_id 
_atom_site.label_entity_id 
_atom_site.label_seq_id 
_atom_site.pdbx_PDB_ins_code 
_atom_site.Cartn_x 
_atom_site.Cartn_y 
_atom_site.Cartn_z 
_atom_site.occupancy 
_atom_site.B_iso_or_equiv 
_atom_site.pdbx_formal_charge 
_atom_site.auth_seq_id 
_atom_site.auth_comp_id 
_atom_site.auth_asym_id 
_atom_site.auth_atom_id 
_atom_site.pdbx_PDB_model_num 
ATOM   1    N  N   . ASN A 1 1   ? -14.227 14.817  13.079  1.00 98.69  ? 94  ASN A N   1 
ATOM   2    C  CA  . ASN A 1 1   ? -14.963 15.795  12.206  1.00 99.44  ? 94  ASN A CA  1 
ATOM   3    C  C   . ASN A 1 1   ? -14.624 15.479  10.746  1.00 100.63 ? 94  ASN A C   1 
ATOM   4    O  O   . ASN A 1 1   ? -15.568 15.230  9.970   1.00 111.15 ? 94  ASN A O   1 
ATOM   5    C  CB  . ASN A 1 1   ? -14.663 17.253  12.574  1.00 98.20  ? 94  ASN A CB  1 
ATOM   6    C  CG  . ASN A 1 1   ? -15.618 18.244  11.940  1.00 96.62  ? 94  ASN A CG  1 
ATOM   7    O  OD1 . ASN A 1 1   ? -16.792 18.304  12.294  1.00 101.71 ? 94  ASN A OD1 1 
ATOM   8    N  ND2 . ASN A 1 1   ? -15.121 19.043  11.014  1.00 88.05  ? 94  ASN A ND2 1 
ATOM   9    N  N   . LEU A 1 2   ? -13.332 15.478  10.392  1.00 93.02  ? 95  LEU A N   1 
ATOM   10   C  CA  . LEU A 1 2   ? -12.826 14.888  9.121   1.00 87.82  ? 95  LEU A CA  1 
ATOM   11   C  C   . LEU A 1 2   ? -11.975 13.660  9.443   1.00 86.42  ? 95  LEU A C   1 
ATOM   12   O  O   . LEU A 1 2   ? -10.813 13.849  9.840   1.00 95.32  ? 95  LEU A O   1 
ATOM   13   C  CB  . LEU A 1 2   ? -12.001 15.909  8.335   1.00 84.03  ? 95  LEU A CB  1 
ATOM   14   C  CG  . LEU A 1 2   ? -11.562 15.426  6.952   1.00 83.12  ? 95  LEU A CG  1 
ATOM   15   C  CD1 . LEU A 1 2   ? -12.736 15.418  5.987   1.00 83.85  ? 95  LEU A CD1 1 
ATOM   16   C  CD2 . LEU A 1 2   ? -10.434 16.275  6.399   1.00 82.76  ? 95  LEU A CD2 1 
ATOM   17   N  N   . ARG A 1 3   ? -12.528 12.457  9.263   1.00 84.12  ? 96  ARG A N   1 
ATOM   18   C  CA  . ARG A 1 3   ? -11.808 11.174  9.490   1.00 80.81  ? 96  ARG A CA  1 
ATOM   19   C  C   . ARG A 1 3   ? -11.111 10.776  8.186   1.00 73.30  ? 96  ARG A C   1 
ATOM   20   O  O   . ARG A 1 3   ? -11.729 10.880  7.125   1.00 72.85  ? 96  ARG A O   1 
ATOM   21   C  CB  . ARG A 1 3   ? -12.770 10.124  10.058  1.00 82.26  ? 96  ARG A CB  1 
ATOM   22   C  CG  . ARG A 1 3   ? -13.172 10.421  11.495  1.00 87.60  ? 96  ARG A CG  1 
ATOM   23   C  CD  . ARG A 1 3   ? -14.389 9.665   11.995  1.00 92.73  ? 96  ARG A CD  1 
ATOM   24   N  NE  . ARG A 1 3   ? -14.246 8.215   11.933  1.00 95.78  ? 96  ARG A NE  1 
ATOM   25   C  CZ  . ARG A 1 3   ? -13.474 7.475   12.729  1.00 98.19  ? 96  ARG A CZ  1 
ATOM   26   N  NH1 . ARG A 1 3   ? -12.721 8.028   13.666  1.00 100.99 ? 96  ARG A NH1 1 
ATOM   27   N  NH2 . ARG A 1 3   ? -13.446 6.164   12.572  1.00 103.02 ? 96  ARG A NH2 1 
ATOM   28   N  N   . VAL A 1 4   ? -9.838  10.397  8.283   1.00 71.01  ? 97  VAL A N   1 
ATOM   29   C  CA  . VAL A 1 4   ? -8.938  10.097  7.133   1.00 69.56  ? 97  VAL A CA  1 
ATOM   30   C  C   . VAL A 1 4   ? -8.239  8.766   7.406   1.00 70.41  ? 97  VAL A C   1 
ATOM   31   O  O   . VAL A 1 4   ? -7.553  8.650   8.433   1.00 73.19  ? 97  VAL A O   1 
ATOM   32   C  CB  . VAL A 1 4   ? -7.915  11.226  6.906   1.00 67.44  ? 97  VAL A CB  1 
ATOM   33   C  CG1 . VAL A 1 4   ? -6.947  10.906  5.774   1.00 64.77  ? 97  VAL A CG1 1 
ATOM   34   C  CG2 . VAL A 1 4   ? -8.614  12.551  6.659   1.00 70.43  ? 97  VAL A CG2 1 
ATOM   35   N  N   . LEU A 1 5   ? -8.413  7.806   6.505   1.00 73.72  ? 98  LEU A N   1 
ATOM   36   C  CA  . LEU A 1 5   ? -7.719  6.496   6.537   1.00 72.40  ? 98  LEU A CA  1 
ATOM   37   C  C   . LEU A 1 5   ? -6.447  6.604   5.693   1.00 66.66  ? 98  LEU A C   1 
ATOM   38   O  O   . LEU A 1 5   ? -6.512  7.189   4.600   1.00 66.64  ? 98  LEU A O   1 
ATOM   39   C  CB  . LEU A 1 5   ? -8.680  5.435   5.999   1.00 73.43  ? 98  LEU A CB  1 
ATOM   40   C  CG  . LEU A 1 5   ? -8.377  4.011   6.440   1.00 73.03  ? 98  LEU A CG  1 
ATOM   41   C  CD1 . LEU A 1 5   ? -9.652  3.188   6.504   1.00 74.06  ? 98  LEU A CD1 1 
ATOM   42   C  CD2 . LEU A 1 5   ? -7.356  3.378   5.508   1.00 78.27  ? 98  LEU A CD2 1 
ATOM   43   N  N   . LEU A 1 6   ? -5.328  6.110   6.214   1.00 62.73  ? 99  LEU A N   1 
ATOM   44   C  CA  . LEU A 1 6   ? -4.041  6.001   5.483   1.00 69.19  ? 99  LEU A CA  1 
ATOM   45   C  C   . LEU A 1 6   ? -3.554  4.563   5.629   1.00 73.23  ? 99  LEU A C   1 
ATOM   46   O  O   . LEU A 1 6   ? -3.299  4.142   6.763   1.00 80.08  ? 99  LEU A O   1 
ATOM   47   C  CB  . LEU A 1 6   ? -3.026  6.978   6.080   1.00 72.69  ? 99  LEU A CB  1 
ATOM   48   C  CG  . LEU A 1 6   ? -3.410  8.454   6.025   1.00 79.15  ? 99  LEU A CG  1 
ATOM   49   C  CD1 . LEU A 1 6   ? -2.886  9.198   7.241   1.00 83.24  ? 99  LEU A CD1 1 
ATOM   50   C  CD2 . LEU A 1 6   ? -2.895  9.101   4.750   1.00 84.82  ? 99  LEU A CD2 1 
ATOM   51   N  N   . ASP A 1 7   ? -3.452  3.811   4.542   1.00 75.86  ? 100 ASP A N   1 
ATOM   52   C  CA  . ASP A 1 7   ? -3.034  2.396   4.662   1.00 79.17  ? 100 ASP A CA  1 
ATOM   53   C  C   . ASP A 1 7   ? -1.522  2.392   4.910   1.00 75.23  ? 100 ASP A C   1 
ATOM   54   O  O   . ASP A 1 7   ? -0.897  3.461   4.814   1.00 67.83  ? 100 ASP A O   1 
ATOM   55   C  CB  . ASP A 1 7   ? -3.562  1.555   3.495   1.00 91.49  ? 100 ASP A CB  1 
ATOM   56   C  CG  . ASP A 1 7   ? -2.652  1.443   2.284   1.00 98.02  ? 100 ASP A CG  1 
ATOM   57   O  OD1 . ASP A 1 7   ? -1.464  1.811   2.398   1.00 103.34 ? 100 ASP A OD1 1 
ATOM   58   O  OD2 . ASP A 1 7   ? -3.142  0.966   1.237   1.00 106.38 ? 100 ASP A OD2 1 
ATOM   59   N  N   . THR A 1 8   ? -0.981  1.218   5.228   1.00 78.69  ? 101 THR A N   1 
ATOM   60   C  CA  . THR A 1 8   ? 0.390   0.978   5.744   1.00 74.28  ? 101 THR A CA  1 
ATOM   61   C  C   . THR A 1 8   ? 1.414   1.083   4.611   1.00 75.94  ? 101 THR A C   1 
ATOM   62   O  O   . THR A 1 8   ? 2.606   1.248   4.918   1.00 77.47  ? 101 THR A O   1 
ATOM   63   C  CB  . THR A 1 8   ? 0.387   -0.382  6.440   1.00 79.38  ? 101 THR A CB  1 
ATOM   64   O  OG1 . THR A 1 8   ? -0.669  -0.230  7.386   1.00 83.15  ? 101 THR A OG1 1 
ATOM   65   C  CG2 . THR A 1 8   ? 1.683   -0.760  7.118   1.00 92.77  ? 101 THR A CG2 1 
ATOM   66   N  N   . ALA A 1 9   ? 0.961   1.005   3.356   1.00 77.83  ? 102 ALA A N   1 
ATOM   67   C  CA  . ALA A 1 9   ? 1.807   1.045   2.140   1.00 77.77  ? 102 ALA A CA  1 
ATOM   68   C  C   . ALA A 1 9   ? 2.141   2.492   1.779   1.00 78.30  ? 102 ALA A C   1 
ATOM   69   O  O   . ALA A 1 9   ? 3.102   2.698   1.018   1.00 83.49  ? 102 ALA A O   1 
ATOM   70   C  CB  . ALA A 1 9   ? 1.105   0.351   0.998   1.00 79.29  ? 102 ALA A CB  1 
ATOM   71   N  N   . ILE A 1 10  ? 1.358   3.447   2.284   1.00 83.66  ? 103 ILE A N   1 
ATOM   72   C  CA  . ILE A 1 10  ? 1.553   4.906   2.042   1.00 86.90  ? 103 ILE A CA  1 
ATOM   73   C  C   . ILE A 1 10  ? 2.800   5.328   2.810   1.00 89.92  ? 103 ILE A C   1 
ATOM   74   O  O   . ILE A 1 10  ? 2.829   5.228   4.035   1.00 92.22  ? 103 ILE A O   1 
ATOM   75   C  CB  . ILE A 1 10  ? 0.316   5.720   2.468   1.00 87.98  ? 103 ILE A CB  1 
ATOM   76   C  CG1 . ILE A 1 10  ? -0.978  5.160   1.870   1.00 90.14  ? 103 ILE A CG1 1 
ATOM   77   C  CG2 . ILE A 1 10  ? 0.498   7.188   2.125   1.00 88.71  ? 103 ILE A CG2 1 
ATOM   78   C  CD1 . ILE A 1 10  ? -0.938  4.964   0.370   1.00 88.87  ? 103 ILE A CD1 1 
ATOM   79   N  N   . PRO A 1 11  ? 3.866   5.795   2.122   1.00 92.80  ? 104 PRO A N   1 
ATOM   80   C  CA  . PRO A 1 11  ? 5.098   6.192   2.803   1.00 94.59  ? 104 PRO A CA  1 
ATOM   81   C  C   . PRO A 1 11  ? 4.773   7.228   3.869   1.00 97.86  ? 104 PRO A C   1 
ATOM   82   O  O   . PRO A 1 11  ? 3.853   8.016   3.683   1.00 106.72 ? 104 PRO A O   1 
ATOM   83   C  CB  . PRO A 1 11  ? 5.970   6.798   1.695   1.00 95.07  ? 104 PRO A CB  1 
ATOM   84   C  CG  . PRO A 1 11  ? 5.418   6.201   0.411   1.00 94.14  ? 104 PRO A CG  1 
ATOM   85   C  CD  . PRO A 1 11  ? 3.940   5.990   0.665   1.00 91.58  ? 104 PRO A CD  1 
ATOM   86   N  N   . PRO A 1 12  ? 5.484   7.258   5.017   1.00 108.14 ? 105 PRO A N   1 
ATOM   87   C  CA  . PRO A 1 12  ? 5.209   8.266   6.044   1.00 112.08 ? 105 PRO A CA  1 
ATOM   88   C  C   . PRO A 1 12  ? 5.483   9.702   5.555   1.00 109.40 ? 105 PRO A C   1 
ATOM   89   O  O   . PRO A 1 12  ? 4.887   10.599  6.115   1.00 100.43 ? 105 PRO A O   1 
ATOM   90   C  CB  . PRO A 1 12  ? 6.111   7.851   7.216   1.00 113.97 ? 105 PRO A CB  1 
ATOM   91   C  CG  . PRO A 1 12  ? 7.215   7.030   6.571   1.00 113.99 ? 105 PRO A CG  1 
ATOM   92   C  CD  . PRO A 1 12  ? 6.567   6.339   5.390   1.00 108.05 ? 105 PRO A CD  1 
ATOM   93   N  N   . SER A 1 13  ? 6.319   9.878   4.518   1.00 108.97 ? 106 SER A N   1 
ATOM   94   C  CA  . SER A 1 13  ? 6.563   11.165  3.805   1.00 114.08 ? 106 SER A CA  1 
ATOM   95   C  C   . SER A 1 13  ? 5.251   11.706  3.200   1.00 119.64 ? 106 SER A C   1 
ATOM   96   O  O   . SER A 1 13  ? 5.005   12.926  3.321   1.00 112.47 ? 106 SER A O   1 
ATOM   97   C  CB  . SER A 1 13  ? 7.658   11.032  2.758   1.00 115.03 ? 106 SER A CB  1 
ATOM   98   O  OG  . SER A 1 13  ? 7.131   10.762  1.462   1.00 115.06 ? 106 SER A OG  1 
ATOM   99   N  N   . PHE A 1 14  ? 4.445   10.840  2.565   1.00 126.03 ? 107 PHE A N   1 
ATOM   100  C  CA  . PHE A 1 14  ? 3.091   11.145  2.015   1.00 124.11 ? 107 PHE A CA  1 
ATOM   101  C  C   . PHE A 1 14  ? 2.136   11.550  3.141   1.00 113.52 ? 107 PHE A C   1 
ATOM   102  O  O   . PHE A 1 14  ? 1.237   12.366  2.906   1.00 116.27 ? 107 PHE A O   1 
ATOM   103  C  CB  . PHE A 1 14  ? 2.462   9.931   1.320   1.00 128.84 ? 107 PHE A CB  1 
ATOM   104  C  CG  . PHE A 1 14  ? 2.571   9.870   -0.186  1.00 138.34 ? 107 PHE A CG  1 
ATOM   105  C  CD1 . PHE A 1 14  ? 3.802   9.727   -0.814  1.00 144.36 ? 107 PHE A CD1 1 
ATOM   106  C  CD2 . PHE A 1 14  ? 1.429   9.893   -0.979  1.00 137.02 ? 107 PHE A CD2 1 
ATOM   107  C  CE1 . PHE A 1 14  ? 3.893   9.646   -2.197  1.00 139.82 ? 107 PHE A CE1 1 
ATOM   108  C  CE2 . PHE A 1 14  ? 1.522   9.801   -2.362  1.00 132.73 ? 107 PHE A CE2 1 
ATOM   109  C  CZ  . PHE A 1 14  ? 2.753   9.684   -2.969  1.00 134.08 ? 107 PHE A CZ  1 
ATOM   110  N  N   . CYS A 1 15  ? 2.295   10.938  4.313   1.00 108.54 ? 108 CYS A N   1 
ATOM   111  C  CA  . CYS A 1 15  ? 1.366   11.063  5.463   1.00 116.30 ? 108 CYS A CA  1 
ATOM   112  C  C   . CYS A 1 15  ? 1.549   12.433  6.133   1.00 113.87 ? 108 CYS A C   1 
ATOM   113  O  O   . CYS A 1 15  ? 0.570   12.936  6.719   1.00 106.19 ? 108 CYS A O   1 
ATOM   114  C  CB  . CYS A 1 15  ? 1.570   9.921   6.455   1.00 120.77 ? 108 CYS A CB  1 
ATOM   115  S  SG  . CYS A 1 15  ? 1.340   8.265   5.741   1.00 107.36 ? 108 CYS A SG  1 
ATOM   116  N  N   . ASP A 1 16  ? 2.748   13.018  6.048   1.00 113.79 ? 109 ASP A N   1 
ATOM   117  C  CA  . ASP A 1 16  ? 3.039   14.362  6.622   1.00 121.09 ? 109 ASP A CA  1 
ATOM   118  C  C   . ASP A 1 16  ? 2.595   15.416  5.606   1.00 111.26 ? 109 ASP A C   1 
ATOM   119  O  O   . ASP A 1 16  ? 2.169   16.499  6.041   1.00 110.02 ? 109 ASP A O   1 
ATOM   120  C  CB  . ASP A 1 16  ? 4.513   14.567  6.991   1.00 132.77 ? 109 ASP A CB  1 
ATOM   121  C  CG  . ASP A 1 16  ? 5.313   13.289  7.171   1.00 140.95 ? 109 ASP A CG  1 
ATOM   122  O  OD1 . ASP A 1 16  ? 5.285   12.729  8.287   1.00 139.47 ? 109 ASP A OD1 1 
ATOM   123  O  OD2 . ASP A 1 16  ? 5.965   12.872  6.189   1.00 153.40 ? 109 ASP A OD2 1 
ATOM   124  N  N   . THR A 1 17  ? 2.722   15.101  4.311   1.00 104.62 ? 110 THR A N   1 
ATOM   125  C  CA  . THR A 1 17  ? 2.325   15.956  3.157   1.00 103.87 ? 110 THR A CA  1 
ATOM   126  C  C   . THR A 1 17  ? 0.810   16.195  3.216   1.00 103.21 ? 110 THR A C   1 
ATOM   127  O  O   . THR A 1 17  ? 0.369   17.353  3.115   1.00 104.66 ? 110 THR A O   1 
ATOM   128  C  CB  . THR A 1 17  ? 2.740   15.306  1.826   1.00 99.68  ? 110 THR A CB  1 
ATOM   129  O  OG1 . THR A 1 17  ? 4.131   14.982  1.872   1.00 95.36  ? 110 THR A OG1 1 
ATOM   130  C  CG2 . THR A 1 17  ? 2.479   16.183  0.621   1.00 98.08  ? 110 THR A CG2 1 
ATOM   131  N  N   . VAL A 1 18  ? 0.049   15.115  3.369   1.00 108.36 ? 111 VAL A N   1 
ATOM   132  C  CA  . VAL A 1 18  ? -1.407  15.176  3.572   1.00 110.14 ? 111 VAL A CA  1 
ATOM   133  C  C   . VAL A 1 18  ? -1.827  15.960  4.794   1.00 110.05 ? 111 VAL A C   1 
ATOM   134  O  O   . VAL A 1 18  ? -2.557  16.949  4.608   1.00 103.54 ? 111 VAL A O   1 
ATOM   135  C  CB  . VAL A 1 18  ? -1.954  13.681  3.705   1.00 118.62 ? 111 VAL A CB  1 
ATOM   136  C  CG1 . VAL A 1 18  ? -3.347  13.611  4.311   1.00 118.16 ? 111 VAL A CG1 1 
ATOM   137  C  CG2 . VAL A 1 18  ? -1.910  12.932  2.375   1.00 118.32 ? 111 VAL A CG2 1 
ATOM   138  N  N   . SER A 1 19  ? -1.312  15.604  5.980   1.00 115.79 ? 112 SER A N   1 
ATOM   139  C  CA  . SER A 1 19  ? -1.689  16.187  7.319   1.00 118.13 ? 112 SER A CA  1 
ATOM   140  C  C   . SER A 1 19  ? -1.451  17.647  7.336   1.00 116.16 ? 112 SER A C   1 
ATOM   141  O  O   . SER A 1 19  ? -2.323  18.385  7.833   1.00 115.11 ? 112 SER A O   1 
ATOM   142  C  CB  . SER A 1 19  ? -0.966  15.462  8.439   1.00 123.94 ? 112 SER A CB  1 
ATOM   143  O  OG  . SER A 1 19  ? 0.435   15.665  8.319   1.00 136.81 ? 112 SER A OG  1 
ATOM   144  N  N   . SER A 1 20  ? -0.284  18.068  6.842   1.00 123.48 ? 113 SER A N   1 
ATOM   145  C  CA  . SER A 1 20  ? 0.147   19.488  6.735   1.00 125.42 ? 113 SER A CA  1 
ATOM   146  C  C   . SER A 1 20  ? -0.900  20.288  5.951   1.00 119.30 ? 113 SER A C   1 
ATOM   147  O  O   . SER A 1 20  ? -1.379  21.316  6.477   1.00 117.88 ? 113 SER A O   1 
ATOM   148  C  CB  . SER A 1 20  ? 1.512   19.590  6.093   1.00 129.81 ? 113 SER A CB  1 
ATOM   149  O  OG  . SER A 1 20  ? 1.517   19.001  4.803   1.00 136.41 ? 113 SER A OG  1 
ATOM   150  N  N   . VAL A 1 21  ? -1.243  19.800  4.755   1.00 111.56 ? 114 VAL A N   1 
ATOM   151  C  CA  . VAL A 1 21  ? -2.174  20.446  3.779   1.00 110.41 ? 114 VAL A CA  1 
ATOM   152  C  C   . VAL A 1 21  ? -3.588  20.521  4.376   1.00 108.33 ? 114 VAL A C   1 
ATOM   153  O  O   . VAL A 1 21  ? -4.232  21.580  4.236   1.00 102.60 ? 114 VAL A O   1 
ATOM   154  C  CB  . VAL A 1 21  ? -2.173  19.687  2.438   1.00 112.75 ? 114 VAL A CB  1 
ATOM   155  C  CG1 . VAL A 1 21  ? -3.417  19.985  1.617   1.00 114.60 ? 114 VAL A CG1 1 
ATOM   156  C  CG2 . VAL A 1 21  ? -0.916  19.961  1.623   1.00 114.41 ? 114 VAL A CG2 1 
ATOM   157  N  N   . LEU A 1 22  ? -4.064  19.426  4.979   1.00 108.28 ? 115 LEU A N   1 
ATOM   158  C  CA  . LEU A 1 22  ? -5.444  19.296  5.531   1.00 106.13 ? 115 LEU A CA  1 
ATOM   159  C  C   . LEU A 1 22  ? -5.659  20.317  6.648   1.00 108.07 ? 115 LEU A C   1 
ATOM   160  O  O   . LEU A 1 22  ? -6.790  20.827  6.767   1.00 99.73  ? 115 LEU A O   1 
ATOM   161  C  CB  . LEU A 1 22  ? -5.659  17.879  6.075   1.00 104.41 ? 115 LEU A CB  1 
ATOM   162  C  CG  . LEU A 1 22  ? -6.190  16.848  5.079   1.00 101.84 ? 115 LEU A CG  1 
ATOM   163  C  CD1 . LEU A 1 22  ? -6.156  15.455  5.687   1.00 99.45  ? 115 LEU A CD1 1 
ATOM   164  C  CD2 . LEU A 1 22  ? -7.601  17.194  4.625   1.00 98.17  ? 115 LEU A CD2 1 
ATOM   165  N  N   . LEU A 1 23  ? -4.618  20.568  7.446   1.00 119.38 ? 116 LEU A N   1 
ATOM   166  C  CA  . LEU A 1 23  ? -4.688  21.410  8.669   1.00 128.37 ? 116 LEU A CA  1 
ATOM   167  C  C   . LEU A 1 23  ? -4.895  22.880  8.286   1.00 134.08 ? 116 LEU A C   1 
ATOM   168  O  O   . LEU A 1 23  ? -5.458  23.621  9.119   1.00 139.42 ? 116 LEU A O   1 
ATOM   169  C  CB  . LEU A 1 23  ? -3.415  21.207  9.496   1.00 126.80 ? 116 LEU A CB  1 
ATOM   170  C  CG  . LEU A 1 23  ? -3.455  20.019  10.458  1.00 127.94 ? 116 LEU A CG  1 
ATOM   171  C  CD1 . LEU A 1 23  ? -2.073  19.739  11.036  1.00 130.04 ? 116 LEU A CD1 1 
ATOM   172  C  CD2 . LEU A 1 23  ? -4.473  20.254  11.570  1.00 122.98 ? 116 LEU A CD2 1 
ATOM   173  N  N   . ASP A 1 24  ? -4.485  23.272  7.072   1.00 133.82 ? 117 ASP A N   1 
ATOM   174  C  CA  . ASP A 1 24  ? -4.700  24.636  6.510   1.00 137.65 ? 117 ASP A CA  1 
ATOM   175  C  C   . ASP A 1 24  ? -6.203  24.956  6.500   1.00 130.92 ? 117 ASP A C   1 
ATOM   176  O  O   . ASP A 1 24  ? -6.566  26.082  6.899   1.00 126.06 ? 117 ASP A O   1 
ATOM   177  C  CB  . ASP A 1 24  ? -4.093  24.776  5.107   1.00 140.96 ? 117 ASP A CB  1 
ATOM   178  C  CG  . ASP A 1 24  ? -2.574  24.655  5.041   1.00 142.19 ? 117 ASP A CG  1 
ATOM   179  O  OD1 . ASP A 1 24  ? -1.923  24.657  6.111   1.00 144.42 ? 117 ASP A OD1 1 
ATOM   180  O  OD2 . ASP A 1 24  ? -2.047  24.558  3.912   1.00 130.04 ? 117 ASP A OD2 1 
ATOM   181  N  N   . ASP A 1 25  ? -7.040  23.993  6.092   1.00 126.68 ? 118 ASP A N   1 
ATOM   182  C  CA  . ASP A 1 25  ? -8.496  24.183  5.842   1.00 121.04 ? 118 ASP A CA  1 
ATOM   183  C  C   . ASP A 1 25  ? -9.344  23.655  7.011   1.00 110.33 ? 118 ASP A C   1 
ATOM   184  O  O   . ASP A 1 25  ? -10.382 24.274  7.286   1.00 110.16 ? 118 ASP A O   1 
ATOM   185  C  CB  . ASP A 1 25  ? -8.936  23.482  4.551   1.00 122.21 ? 118 ASP A CB  1 
ATOM   186  C  CG  . ASP A 1 25  ? -8.650  24.231  3.252   1.00 126.16 ? 118 ASP A CG  1 
ATOM   187  O  OD1 . ASP A 1 25  ? -7.379  24.784  3.227   1.00 128.00 ? 118 ASP A OD1 1 
ATOM   188  O  OD2 . ASP A 1 25  ? -9.713  24.489  2.393   1.00 129.00 ? 118 ASP A OD2 1 
ATOM   189  N  N   . PHE A 1 26  ? -8.950  22.550  7.652   1.00 107.97 ? 119 PHE A N   1 
ATOM   190  C  CA  . PHE A 1 26  ? -9.790  21.809  8.635   1.00 110.11 ? 119 PHE A CA  1 
ATOM   191  C  C   . PHE A 1 26  ? -9.298  22.038  10.071  1.00 113.36 ? 119 PHE A C   1 
ATOM   192  O  O   . PHE A 1 26  ? -8.065  22.192  10.287  1.00 109.24 ? 119 PHE A O   1 
ATOM   193  C  CB  . PHE A 1 26  ? -9.819  20.319  8.291   1.00 110.34 ? 119 PHE A CB  1 
ATOM   194  C  CG  . PHE A 1 26  ? -10.614 19.984  7.054   1.00 109.72 ? 119 PHE A CG  1 
ATOM   195  C  CD1 . PHE A 1 26  ? -11.972 19.711  7.137   1.00 105.63 ? 119 PHE A CD1 1 
ATOM   196  C  CD2 . PHE A 1 26  ? -10.006 19.938  5.807   1.00 105.56 ? 119 PHE A CD2 1 
ATOM   197  C  CE1 . PHE A 1 26  ? -12.703 19.402  6.001   1.00 102.74 ? 119 PHE A CE1 1 
ATOM   198  C  CE2 . PHE A 1 26  ? -10.738 19.627  4.672   1.00 104.23 ? 119 PHE A CE2 1 
ATOM   199  C  CZ  . PHE A 1 26  ? -12.086 19.362  4.772   1.00 103.97 ? 119 PHE A CZ  1 
ATOM   200  N  N   . ASN A 1 27  ? -10.250 22.026  11.017  1.00 109.07 ? 120 ASN A N   1 
ATOM   201  C  CA  . ASN A 1 27  ? -10.058 22.337  12.462  1.00 106.38 ? 120 ASN A CA  1 
ATOM   202  C  C   . ASN A 1 27  ? -9.847  21.053  13.266  1.00 103.92 ? 120 ASN A C   1 
ATOM   203  O  O   . ASN A 1 27  ? -8.989  21.060  14.160  1.00 113.53 ? 120 ASN A O   1 
ATOM   204  C  CB  . ASN A 1 27  ? -11.255 23.077  13.064  1.00 107.10 ? 120 ASN A CB  1 
ATOM   205  C  CG  . ASN A 1 27  ? -11.199 24.577  12.871  1.00 106.98 ? 120 ASN A CG  1 
ATOM   206  O  OD1 . ASN A 1 27  ? -10.130 25.146  12.650  1.00 105.48 ? 120 ASN A OD1 1 
ATOM   207  N  ND2 . ASN A 1 27  ? -12.349 25.223  12.969  1.00 105.47 ? 120 ASN A ND2 1 
ATOM   208  N  N   . MET A 1 28  ? -10.646 20.020  12.989  1.00 103.56 ? 121 MET A N   1 
ATOM   209  C  CA  . MET A 1 28  ? -10.587 18.693  13.659  1.00 100.78 ? 121 MET A CA  1 
ATOM   210  C  C   . MET A 1 28  ? -10.351 17.622  12.579  1.00 95.91  ? 121 MET A C   1 
ATOM   211  O  O   . MET A 1 28  ? -11.180 17.494  11.654  1.00 97.16  ? 121 MET A O   1 
ATOM   212  C  CB  . MET A 1 28  ? -11.876 18.452  14.461  1.00 100.74 ? 121 MET A CB  1 
ATOM   213  C  CG  . MET A 1 28  ? -12.160 17.001  14.842  1.00 108.27 ? 121 MET A CG  1 
ATOM   214  S  SD  . MET A 1 28  ? -11.035 16.284  16.072  1.00 122.80 ? 121 MET A SD  1 
ATOM   215  C  CE  . MET A 1 28  ? -12.023 14.936  16.721  1.00 107.58 ? 121 MET A CE  1 
ATOM   216  N  N   . VAL A 1 29  ? -9.225  16.909  12.675  1.00 89.62  ? 122 VAL A N   1 
ATOM   217  C  CA  . VAL A 1 29  ? -8.730  15.924  11.667  1.00 83.23  ? 122 VAL A CA  1 
ATOM   218  C  C   . VAL A 1 29  ? -8.288  14.660  12.403  1.00 81.24  ? 122 VAL A C   1 
ATOM   219  O  O   . VAL A 1 29  ? -7.451  14.790  13.306  1.00 88.14  ? 122 VAL A O   1 
ATOM   220  C  CB  . VAL A 1 29  ? -7.561  16.520  10.862  1.00 79.32  ? 122 VAL A CB  1 
ATOM   221  C  CG1 . VAL A 1 29  ? -6.862  15.479  10.005  1.00 77.62  ? 122 VAL A CG1 1 
ATOM   222  C  CG2 . VAL A 1 29  ? -8.009  17.706  10.024  1.00 81.10  ? 122 VAL A CG2 1 
ATOM   223  N  N   . SER A 1 30  ? -8.801  13.489  12.019  1.00 80.02  ? 123 SER A N   1 
ATOM   224  C  CA  . SER A 1 30  ? -8.429  12.183  12.627  1.00 84.23  ? 123 SER A CA  1 
ATOM   225  C  C   . SER A 1 30  ? -7.756  11.293  11.573  1.00 79.62  ? 123 SER A C   1 
ATOM   226  O  O   . SER A 1 30  ? -8.335  11.126  10.495  1.00 82.55  ? 123 SER A O   1 
ATOM   227  C  CB  . SER A 1 30  ? -9.629  11.526  13.262  1.00 85.49  ? 123 SER A CB  1 
ATOM   228  O  OG  . SER A 1 30  ? -10.301 12.440  14.119  1.00 86.07  ? 123 SER A OG  1 
ATOM   229  N  N   . LEU A 1 31  ? -6.561  10.773  11.876  1.00 76.04  ? 124 LEU A N   1 
ATOM   230  C  CA  . LEU A 1 31  ? -5.729  9.941   10.964  1.00 76.37  ? 124 LEU A CA  1 
ATOM   231  C  C   . LEU A 1 31  ? -5.697  8.496   11.470  1.00 75.65  ? 124 LEU A C   1 
ATOM   232  O  O   . LEU A 1 31  ? -5.123  8.265   12.546  1.00 79.72  ? 124 LEU A O   1 
ATOM   233  C  CB  . LEU A 1 31  ? -4.307  10.510  10.907  1.00 76.58  ? 124 LEU A CB  1 
ATOM   234  C  CG  . LEU A 1 31  ? -4.187  11.988  10.549  1.00 80.68  ? 124 LEU A CG  1 
ATOM   235  C  CD1 . LEU A 1 31  ? -2.725  12.385  10.432  1.00 85.47  ? 124 LEU A CD1 1 
ATOM   236  C  CD2 . LEU A 1 31  ? -4.921  12.306  9.257   1.00 83.15  ? 124 LEU A CD2 1 
ATOM   237  N  N   . ILE A 1 32  ? -6.243  7.561   10.692  1.00 74.12  ? 125 ILE A N   1 
ATOM   238  C  CA  . ILE A 1 32  ? -6.350  6.114   11.044  1.00 73.97  ? 125 ILE A CA  1 
ATOM   239  C  C   . ILE A 1 32  ? -5.466  5.288   10.100  1.00 74.77  ? 125 ILE A C   1 
ATOM   240  O  O   . ILE A 1 32  ? -5.653  5.405   8.877   1.00 81.64  ? 125 ILE A O   1 
ATOM   241  C  CB  . ILE A 1 32  ? -7.825  5.688   10.962  1.00 72.85  ? 125 ILE A CB  1 
ATOM   242  C  CG1 . ILE A 1 32  ? -8.717  6.602   11.807  1.00 77.51  ? 125 ILE A CG1 1 
ATOM   243  C  CG2 . ILE A 1 32  ? -7.976  4.228   11.345  1.00 74.64  ? 125 ILE A CG2 1 
ATOM   244  C  CD1 . ILE A 1 32  ? -9.995  7.039   11.124  1.00 82.04  ? 125 ILE A CD1 1 
ATOM   245  N  N   . ARG A 1 33  ? -4.551  4.476   10.642  1.00 74.23  ? 126 ARG A N   1 
ATOM   246  C  CA  . ARG A 1 33  ? -3.741  3.509   9.851   1.00 76.48  ? 126 ARG A CA  1 
ATOM   247  C  C   . ARG A 1 33  ? -4.521  2.201   9.713   1.00 76.83  ? 126 ARG A C   1 
ATOM   248  O  O   . ARG A 1 33  ? -5.245  1.835   10.656  1.00 78.08  ? 126 ARG A O   1 
ATOM   249  C  CB  . ARG A 1 33  ? -2.378  3.211   10.482  1.00 77.62  ? 126 ARG A CB  1 
ATOM   250  C  CG  . ARG A 1 33  ? -1.486  4.423   10.713  1.00 82.27  ? 126 ARG A CG  1 
ATOM   251  C  CD  . ARG A 1 33  ? -1.532  5.487   9.630   1.00 83.52  ? 126 ARG A CD  1 
ATOM   252  N  NE  . ARG A 1 33  ? -0.984  5.056   8.351   1.00 84.28  ? 126 ARG A NE  1 
ATOM   253  C  CZ  . ARG A 1 33  ? 0.310   4.920   8.075   1.00 84.62  ? 126 ARG A CZ  1 
ATOM   254  N  NH1 . ARG A 1 33  ? 1.222   5.146   9.004   1.00 84.65  ? 126 ARG A NH1 1 
ATOM   255  N  NH2 . ARG A 1 33  ? 0.686   4.534   6.868   1.00 90.81  ? 126 ARG A NH2 1 
ATOM   256  N  N   . THR A 1 34  ? -4.365  1.532   8.571   1.00 80.34  ? 127 THR A N   1 
ATOM   257  C  CA  . THR A 1 34  ? -4.964  0.211   8.260   1.00 80.11  ? 127 THR A CA  1 
ATOM   258  C  C   . THR A 1 34  ? -3.989  -0.579  7.387   1.00 79.89  ? 127 THR A C   1 
ATOM   259  O  O   . THR A 1 34  ? -3.208  0.056   6.663   1.00 79.60  ? 127 THR A O   1 
ATOM   260  C  CB  . THR A 1 34  ? -6.300  0.374   7.529   1.00 82.17  ? 127 THR A CB  1 
ATOM   261  O  OG1 . THR A 1 34  ? -7.009  1.457   8.122   1.00 88.89  ? 127 THR A OG1 1 
ATOM   262  C  CG2 . THR A 1 34  ? -7.161  -0.864  7.596   1.00 88.60  ? 127 THR A CG2 1 
ATOM   263  N  N   . SER A 1 35  ? -4.039  -1.909  7.450   1.00 81.97  ? 128 SER A N   1 
ATOM   264  C  CA  . SER A 1 35  ? -3.484  -2.800  6.400   1.00 81.55  ? 128 SER A CA  1 
ATOM   265  C  C   . SER A 1 35  ? -4.129  -2.405  5.073   1.00 81.70  ? 128 SER A C   1 
ATOM   266  O  O   . SER A 1 35  ? -5.314  -2.081  5.027   1.00 86.05  ? 128 SER A O   1 
ATOM   267  C  CB  . SER A 1 35  ? -3.722  -4.254  6.734   1.00 86.91  ? 128 SER A CB  1 
ATOM   268  O  OG  . SER A 1 35  ? -3.472  -5.096  5.615   1.00 90.22  ? 128 SER A OG  1 
ATOM   269  N  N   . PRO A 1 36  ? -3.380  -2.378  3.951   1.00 75.57  ? 129 PRO A N   1 
ATOM   270  C  CA  . PRO A 1 36  ? -3.992  -2.148  2.644   1.00 75.66  ? 129 PRO A CA  1 
ATOM   271  C  C   . PRO A 1 36  ? -5.157  -3.114  2.390   1.00 77.99  ? 129 PRO A C   1 
ATOM   272  O  O   . PRO A 1 36  ? -6.098  -2.736  1.702   1.00 78.20  ? 129 PRO A O   1 
ATOM   273  C  CB  . PRO A 1 36  ? -2.843  -2.409  1.664   1.00 73.32  ? 129 PRO A CB  1 
ATOM   274  C  CG  . PRO A 1 36  ? -1.601  -2.097  2.468   1.00 73.79  ? 129 PRO A CG  1 
ATOM   275  C  CD  . PRO A 1 36  ? -1.925  -2.543  3.878   1.00 73.48  ? 129 PRO A CD  1 
ATOM   276  N  N   . ALA A 1 37  ? -5.068  -4.321  2.961   1.00 76.20  ? 130 ALA A N   1 
ATOM   277  C  CA  . ALA A 1 37  ? -6.033  -5.429  2.777   1.00 79.31  ? 130 ALA A CA  1 
ATOM   278  C  C   . ALA A 1 37  ? -7.342  -5.150  3.530   1.00 79.62  ? 130 ALA A C   1 
ATOM   279  O  O   . ALA A 1 37  ? -8.338  -5.828  3.223   1.00 79.42  ? 130 ALA A O   1 
ATOM   280  C  CB  . ALA A 1 37  ? -5.399  -6.723  3.219   1.00 80.24  ? 130 ALA A CB  1 
ATOM   281  N  N   . ASP A 1 38  ? -7.342  -4.200  4.473   1.00 84.27  ? 131 ASP A N   1 
ATOM   282  C  CA  . ASP A 1 38  ? -8.510  -3.873  5.338   1.00 85.57  ? 131 ASP A CA  1 
ATOM   283  C  C   . ASP A 1 38  ? -9.044  -2.465  5.035   1.00 85.12  ? 131 ASP A C   1 
ATOM   284  O  O   . ASP A 1 38  ? -10.131 -2.133  5.544   1.00 83.05  ? 131 ASP A O   1 
ATOM   285  C  CB  . ASP A 1 38  ? -8.130  -4.023  6.813   1.00 87.16  ? 131 ASP A CB  1 
ATOM   286  C  CG  . ASP A 1 38  ? -7.859  -5.462  7.219   1.00 97.22  ? 131 ASP A CG  1 
ATOM   287  O  OD1 . ASP A 1 38  ? -8.664  -6.339  6.832   1.00 101.12 ? 131 ASP A OD1 1 
ATOM   288  O  OD2 . ASP A 1 38  ? -6.841  -5.699  7.909   1.00 98.05  ? 131 ASP A OD2 1 
ATOM   289  N  N   . SER A 1 39  ? -8.328  -1.672  4.230   1.00 86.35  ? 132 SER A N   1 
ATOM   290  C  CA  . SER A 1 39  ? -8.616  -0.233  3.995   1.00 81.99  ? 132 SER A CA  1 
ATOM   291  C  C   . SER A 1 39  ? -10.027 -0.058  3.419   1.00 80.83  ? 132 SER A C   1 
ATOM   292  O  O   . SER A 1 39  ? -10.802 0.702   4.010   1.00 86.85  ? 132 SER A O   1 
ATOM   293  C  CB  . SER A 1 39  ? -7.570  0.400   3.119   1.00 80.28  ? 132 SER A CB  1 
ATOM   294  O  OG  . SER A 1 39  ? -7.559  -0.200  1.839   1.00 86.11  ? 132 SER A OG  1 
ATOM   295  N  N   . LEU A 1 40  ? -10.362 -0.742  2.325   1.00 84.82  ? 133 LEU A N   1 
ATOM   296  C  CA  . LEU A 1 40  ? -11.678 -0.583  1.644   1.00 85.14  ? 133 LEU A CA  1 
ATOM   297  C  C   . LEU A 1 40  ? -12.775 -1.292  2.443   1.00 83.47  ? 133 LEU A C   1 
ATOM   298  O  O   . LEU A 1 40  ? -13.900 -0.781  2.471   1.00 83.02  ? 133 LEU A O   1 
ATOM   299  C  CB  . LEU A 1 40  ? -11.590 -1.122  0.215   1.00 85.58  ? 133 LEU A CB  1 
ATOM   300  C  CG  . LEU A 1 40  ? -10.620 -0.375  -0.695  1.00 89.04  ? 133 LEU A CG  1 
ATOM   301  C  CD1 . LEU A 1 40  ? -10.507 -1.057  -2.051  1.00 89.91  ? 133 LEU A CD1 1 
ATOM   302  C  CD2 . LEU A 1 40  ? -11.037 1.079   -0.860  1.00 91.63  ? 133 LEU A CD2 1 
ATOM   303  N  N   . ALA A 1 41  ? -12.469 -2.422  3.077   1.00 85.58  ? 134 ALA A N   1 
ATOM   304  C  CA  . ALA A 1 41  ? -13.405 -3.121  3.985   1.00 88.68  ? 134 ALA A CA  1 
ATOM   305  C  C   . ALA A 1 41  ? -13.890 -2.138  5.061   1.00 87.87  ? 134 ALA A C   1 
ATOM   306  O  O   . ALA A 1 41  ? -15.098 -2.163  5.383   1.00 89.03  ? 134 ALA A O   1 
ATOM   307  C  CB  . ALA A 1 41  ? -12.736 -4.333  4.586   1.00 95.05  ? 134 ALA A CB  1 
ATOM   308  N  N   . THR A 1 42  ? -12.987 -1.289  5.567   1.00 85.81  ? 135 THR A N   1 
ATOM   309  C  CA  . THR A 1 42  ? -13.243 -0.323  6.671   1.00 84.41  ? 135 THR A CA  1 
ATOM   310  C  C   . THR A 1 42  ? -14.216 0.772   6.217   1.00 86.33  ? 135 THR A C   1 
ATOM   311  O  O   . THR A 1 42  ? -15.181 1.026   6.951   1.00 98.62  ? 135 THR A O   1 
ATOM   312  C  CB  . THR A 1 42  ? -11.951 0.322   7.185   1.00 78.78  ? 135 THR A CB  1 
ATOM   313  O  OG1 . THR A 1 42  ? -11.150 -0.685  7.802   1.00 73.40  ? 135 THR A OG1 1 
ATOM   314  C  CG2 . THR A 1 42  ? -12.209 1.423   8.186   1.00 78.29  ? 135 THR A CG2 1 
ATOM   315  N  N   . ILE A 1 43  ? -13.972 1.406   5.069   1.00 85.93  ? 136 ILE A N   1 
ATOM   316  C  CA  . ILE A 1 43  ? -14.779 2.577   4.604   1.00 92.06  ? 136 ILE A CA  1 
ATOM   317  C  C   . ILE A 1 43  ? -16.180 2.108   4.197   1.00 94.17  ? 136 ILE A C   1 
ATOM   318  O  O   . ILE A 1 43  ? -17.090 2.954   4.172   1.00 102.82 ? 136 ILE A O   1 
ATOM   319  C  CB  . ILE A 1 43  ? -14.086 3.351   3.463   1.00 91.90  ? 136 ILE A CB  1 
ATOM   320  C  CG1 . ILE A 1 43  ? -14.235 2.652   2.109   1.00 89.72  ? 136 ILE A CG1 1 
ATOM   321  C  CG2 . ILE A 1 43  ? -12.630 3.625   3.804   1.00 94.47  ? 136 ILE A CG2 1 
ATOM   322  C  CD1 . ILE A 1 43  ? -13.714 3.454   0.947   1.00 90.85  ? 136 ILE A CD1 1 
ATOM   323  N  N   . LYS A 1 44  ? -16.340 0.822   3.865   1.00 99.08  ? 137 LYS A N   1 
ATOM   324  C  CA  . LYS A 1 44  ? -17.650 0.223   3.494   1.00 101.74 ? 137 LYS A CA  1 
ATOM   325  C  C   . LYS A 1 44  ? -18.541 0.147   4.739   1.00 100.70 ? 137 LYS A C   1 
ATOM   326  O  O   . LYS A 1 44  ? -19.769 0.193   4.561   1.00 106.20 ? 137 LYS A O   1 
ATOM   327  C  CB  . LYS A 1 44  ? -17.475 -1.151  2.836   1.00 105.32 ? 137 LYS A CB  1 
ATOM   328  C  CG  . LYS A 1 44  ? -17.090 -1.114  1.362   1.00 105.25 ? 137 LYS A CG  1 
ATOM   329  C  CD  . LYS A 1 44  ? -17.465 -2.372  0.597   1.00 107.55 ? 137 LYS A CD  1 
ATOM   330  C  CE  . LYS A 1 44  ? -16.573 -2.643  -0.595  1.00 104.77 ? 137 LYS A CE  1 
ATOM   331  N  NZ  . LYS A 1 44  ? -15.286 -3.248  -0.180  1.00 103.66 ? 137 LYS A NZ  1 
ATOM   332  N  N   . GLN A 1 45  ? -17.956 0.041   5.939   1.00 100.64 ? 138 GLN A N   1 
ATOM   333  C  CA  . GLN A 1 45  ? -18.688 0.203   7.225   1.00 108.32 ? 138 GLN A CA  1 
ATOM   334  C  C   . GLN A 1 45  ? -19.173 1.655   7.340   1.00 115.72 ? 138 GLN A C   1 
ATOM   335  O  O   . GLN A 1 45  ? -18.311 2.555   7.434   1.00 115.44 ? 138 GLN A O   1 
ATOM   336  C  CB  . GLN A 1 45  ? -17.805 -0.120  8.430   1.00 111.30 ? 138 GLN A CB  1 
ATOM   337  C  CG  . GLN A 1 45  ? -17.378 -1.576  8.533   1.00 116.14 ? 138 GLN A CG  1 
ATOM   338  C  CD  . GLN A 1 45  ? -16.514 -1.813  9.751   1.00 120.97 ? 138 GLN A CD  1 
ATOM   339  O  OE1 . GLN A 1 45  ? -16.104 -0.883  10.444  1.00 119.70 ? 138 GLN A OE1 1 
ATOM   340  N  NE2 . GLN A 1 45  ? -16.225 -3.075  10.022  1.00 121.91 ? 138 GLN A NE2 1 
ATOM   341  N  N   . ASP A 1 46  ? -20.494 1.870   7.331   1.00 122.67 ? 139 ASP A N   1 
ATOM   342  C  CA  . ASP A 1 46  ? -21.133 3.211   7.447   1.00 123.41 ? 139 ASP A CA  1 
ATOM   343  C  C   . ASP A 1 46  ? -20.791 3.818   8.813   1.00 116.22 ? 139 ASP A C   1 
ATOM   344  O  O   . ASP A 1 46  ? -20.496 5.029   8.859   1.00 113.08 ? 139 ASP A O   1 
ATOM   345  C  CB  . ASP A 1 46  ? -22.655 3.146   7.280   1.00 128.96 ? 139 ASP A CB  1 
ATOM   346  C  CG  . ASP A 1 46  ? -23.120 2.560   5.959   1.00 129.68 ? 139 ASP A CG  1 
ATOM   347  O  OD1 . ASP A 1 46  ? -22.979 1.333   5.785   1.00 131.81 ? 139 ASP A OD1 1 
ATOM   348  O  OD2 . ASP A 1 46  ? -23.626 3.335   5.121   1.00 128.95 ? 139 ASP A OD2 1 
ATOM   349  N  N   . ASN A 1 47  ? -20.844 2.999   9.871   1.00 107.94 ? 140 ASN A N   1 
ATOM   350  C  CA  . ASN A 1 47  ? -20.581 3.403   11.279  1.00 112.64 ? 140 ASN A CA  1 
ATOM   351  C  C   . ASN A 1 47  ? -19.153 3.955   11.402  1.00 114.14 ? 140 ASN A C   1 
ATOM   352  O  O   . ASN A 1 47  ? -18.947 4.867   12.227  1.00 129.63 ? 140 ASN A O   1 
ATOM   353  C  CB  . ASN A 1 47  ? -20.807 2.248   12.257  1.00 114.24 ? 140 ASN A CB  1 
ATOM   354  C  CG  . ASN A 1 47  ? -19.740 1.179   12.156  1.00 121.99 ? 140 ASN A CG  1 
ATOM   355  O  OD1 . ASN A 1 47  ? -19.747 0.378   11.224  1.00 127.57 ? 140 ASN A OD1 1 
ATOM   356  N  ND2 . ASN A 1 47  ? -18.816 1.164   13.105  1.00 123.60 ? 140 ASN A ND2 1 
ATOM   357  N  N   . ALA A 1 48  ? -18.204 3.429   10.618  1.00 101.07 ? 141 ALA A N   1 
ATOM   358  C  CA  . ALA A 1 48  ? -16.784 3.857   10.609  1.00 91.93  ? 141 ALA A CA  1 
ATOM   359  C  C   . ALA A 1 48  ? -16.692 5.337   10.216  1.00 85.86  ? 141 ALA A C   1 
ATOM   360  O  O   . ALA A 1 48  ? -15.749 6.009   10.659  1.00 77.70  ? 141 ALA A O   1 
ATOM   361  C  CB  . ALA A 1 48  ? -15.980 2.982   9.680   1.00 90.67  ? 141 ALA A CB  1 
ATOM   362  N  N   . GLU A 1 49  ? -17.633 5.820   9.402   1.00 88.67  ? 142 GLU A N   1 
ATOM   363  C  CA  . GLU A 1 49  ? -17.768 7.249   9.011   1.00 93.31  ? 142 GLU A CA  1 
ATOM   364  C  C   . GLU A 1 49  ? -16.414 7.829   8.572   1.00 86.94  ? 142 GLU A C   1 
ATOM   365  O  O   . GLU A 1 49  ? -16.105 8.960   8.986   1.00 88.26  ? 142 GLU A O   1 
ATOM   366  C  CB  . GLU A 1 49  ? -18.348 8.058   10.172  1.00 103.67 ? 142 GLU A CB  1 
ATOM   367  C  CG  . GLU A 1 49  ? -19.818 7.786   10.424  1.00 116.16 ? 142 GLU A CG  1 
ATOM   368  C  CD  . GLU A 1 49  ? -20.440 8.666   11.495  1.00 125.07 ? 142 GLU A CD  1 
ATOM   369  O  OE1 . GLU A 1 49  ? -19.727 9.020   12.458  1.00 126.04 ? 142 GLU A OE1 1 
ATOM   370  O  OE2 . GLU A 1 49  ? -21.634 9.001   11.359  1.00 134.50 ? 142 GLU A OE2 1 
ATOM   371  N  N   . ILE A 1 50  ? -15.649 7.100   7.750   1.00 82.27  ? 143 ILE A N   1 
ATOM   372  C  CA  . ILE A 1 50  ? -14.453 7.640   7.035   1.00 77.77  ? 143 ILE A CA  1 
ATOM   373  C  C   . ILE A 1 50  ? -14.945 8.629   5.969   1.00 74.41  ? 143 ILE A C   1 
ATOM   374  O  O   . ILE A 1 50  ? -16.016 8.391   5.379   1.00 77.30  ? 143 ILE A O   1 
ATOM   375  C  CB  . ILE A 1 50  ? -13.579 6.517   6.434   1.00 77.06  ? 143 ILE A CB  1 
ATOM   376  C  CG1 . ILE A 1 50  ? -12.618 5.928   7.466   1.00 78.05  ? 143 ILE A CG1 1 
ATOM   377  C  CG2 . ILE A 1 50  ? -12.809 7.007   5.219   1.00 81.79  ? 143 ILE A CG2 1 
ATOM   378  C  CD1 . ILE A 1 50  ? -13.303 5.229   8.601   1.00 84.15  ? 143 ILE A CD1 1 
ATOM   379  N  N   . ASP A 1 51  ? -14.195 9.710   5.756   1.00 71.30  ? 144 ASP A N   1 
ATOM   380  C  CA  . ASP A 1 51  ? -14.506 10.790  4.784   1.00 76.46  ? 144 ASP A CA  1 
ATOM   381  C  C   . ASP A 1 51  ? -13.529 10.706  3.610   1.00 70.87  ? 144 ASP A C   1 
ATOM   382  O  O   . ASP A 1 51  ? -13.886 11.168  2.518   1.00 74.14  ? 144 ASP A O   1 
ATOM   383  C  CB  . ASP A 1 51  ? -14.433 12.175  5.440   1.00 84.75  ? 144 ASP A CB  1 
ATOM   384  C  CG  . ASP A 1 51  ? -15.519 12.443  6.473   1.00 92.74  ? 144 ASP A CG  1 
ATOM   385  O  OD1 . ASP A 1 51  ? -16.666 12.704  6.052   1.00 105.63 ? 144 ASP A OD1 1 
ATOM   386  O  OD2 . ASP A 1 51  ? -15.214 12.388  7.689   1.00 89.00  ? 144 ASP A OD2 1 
ATOM   387  N  N   . ILE A 1 52  ? -12.321 10.198  3.854   1.00 66.67  ? 145 ILE A N   1 
ATOM   388  C  CA  . ILE A 1 52  ? -11.237 10.045  2.843   1.00 65.87  ? 145 ILE A CA  1 
ATOM   389  C  C   . ILE A 1 52  ? -10.413 8.820   3.215   1.00 66.49  ? 145 ILE A C   1 
ATOM   390  O  O   . ILE A 1 52  ? -9.992  8.751   4.370   1.00 73.00  ? 145 ILE A O   1 
ATOM   391  C  CB  . ILE A 1 52  ? -10.325 11.282  2.786   1.00 67.85  ? 145 ILE A CB  1 
ATOM   392  C  CG1 . ILE A 1 52  ? -11.095 12.569  2.479   1.00 71.88  ? 145 ILE A CG1 1 
ATOM   393  C  CG2 . ILE A 1 52  ? -9.199  11.047  1.793   1.00 69.46  ? 145 ILE A CG2 1 
ATOM   394  C  CD1 . ILE A 1 52  ? -10.238 13.819  2.505   1.00 73.59  ? 145 ILE A CD1 1 
ATOM   395  N  N   . ALA A 1 53  ? -10.176 7.912   2.268   1.00 70.59  ? 146 ALA A N   1 
ATOM   396  C  CA  . ALA A 1 53  ? -9.184  6.821   2.393   1.00 70.28  ? 146 ALA A CA  1 
ATOM   397  C  C   . ALA A 1 53  ? -8.077  7.030   1.353   1.00 68.40  ? 146 ALA A C   1 
ATOM   398  O  O   . ALA A 1 53  ? -8.399  7.224   0.167   1.00 71.10  ? 146 ALA A O   1 
ATOM   399  C  CB  . ALA A 1 53  ? -9.858  5.481   2.253   1.00 67.99  ? 146 ALA A CB  1 
ATOM   400  N  N   . ILE A 1 54  ? -6.824  7.057   1.803   1.00 65.98  ? 147 ILE A N   1 
ATOM   401  C  CA  . ILE A 1 54  ? -5.613  7.001   0.937   1.00 67.32  ? 147 ILE A CA  1 
ATOM   402  C  C   . ILE A 1 54  ? -5.056  5.581   1.050   1.00 66.31  ? 147 ILE A C   1 
ATOM   403  O  O   . ILE A 1 54  ? -4.560  5.231   2.135   1.00 68.11  ? 147 ILE A O   1 
ATOM   404  C  CB  . ILE A 1 54  ? -4.587  8.086   1.333   1.00 65.89  ? 147 ILE A CB  1 
ATOM   405  C  CG1 . ILE A 1 54  ? -5.075  9.486   0.955   1.00 67.41  ? 147 ILE A CG1 1 
ATOM   406  C  CG2 . ILE A 1 54  ? -3.225  7.804   0.722   1.00 65.59  ? 147 ILE A CG2 1 
ATOM   407  C  CD1 . ILE A 1 54  ? -5.854  10.172  2.038   1.00 72.66  ? 147 ILE A CD1 1 
ATOM   408  N  N   . THR A 1 55  ? -5.173  4.792   -0.021  1.00 67.11  ? 148 THR A N   1 
ATOM   409  C  CA  . THR A 1 55  ? -4.866  3.337   -0.033  1.00 69.40  ? 148 THR A CA  1 
ATOM   410  C  C   . THR A 1 55  ? -4.412  2.911   -1.432  1.00 67.07  ? 148 THR A C   1 
ATOM   411  O  O   . THR A 1 55  ? -4.745  3.624   -2.394  1.00 67.52  ? 148 THR A O   1 
ATOM   412  C  CB  . THR A 1 55  ? -6.071  2.520   0.455   1.00 67.98  ? 148 THR A CB  1 
ATOM   413  O  OG1 . THR A 1 55  ? -5.686  1.146   0.458   1.00 70.86  ? 148 THR A OG1 1 
ATOM   414  C  CG2 . THR A 1 55  ? -7.308  2.703   -0.394  1.00 66.71  ? 148 THR A CG2 1 
ATOM   415  N  N   . ILE A 1 56  ? -3.669  1.803   -1.520  1.00 64.60  ? 149 ILE A N   1 
ATOM   416  C  CA  . ILE A 1 56  ? -3.129  1.250   -2.798  1.00 67.65  ? 149 ILE A CA  1 
ATOM   417  C  C   . ILE A 1 56  ? -4.180  0.323   -3.412  1.00 68.01  ? 149 ILE A C   1 
ATOM   418  O  O   . ILE A 1 56  ? -4.120  0.107   -4.642  1.00 71.37  ? 149 ILE A O   1 
ATOM   419  C  CB  . ILE A 1 56  ? -1.780  0.527   -2.605  1.00 68.07  ? 149 ILE A CB  1 
ATOM   420  C  CG1 . ILE A 1 56  ? -1.868  -0.609  -1.585  1.00 71.03  ? 149 ILE A CG1 1 
ATOM   421  C  CG2 . ILE A 1 56  ? -0.681  1.519   -2.259  1.00 66.01  ? 149 ILE A CG2 1 
ATOM   422  C  CD1 . ILE A 1 56  ? -0.660  -1.523  -1.585  1.00 75.54  ? 149 ILE A CD1 1 
ATOM   423  N  N   . ASP A 1 57  ? -5.110  -0.172  -2.593  1.00 67.74  ? 150 ASP A N   1 
ATOM   424  C  CA  . ASP A 1 57  ? -6.158  -1.140  -3.010  1.00 73.48  ? 150 ASP A CA  1 
ATOM   425  C  C   . ASP A 1 57  ? -7.161  -0.440  -3.931  1.00 79.03  ? 150 ASP A C   1 
ATOM   426  O  O   . ASP A 1 57  ? -7.423  0.760   -3.717  1.00 75.78  ? 150 ASP A O   1 
ATOM   427  C  CB  . ASP A 1 57  ? -6.874  -1.743  -1.802  1.00 79.46  ? 150 ASP A CB  1 
ATOM   428  C  CG  . ASP A 1 57  ? -7.506  -3.091  -2.090  1.00 83.58  ? 150 ASP A CG  1 
ATOM   429  O  OD1 . ASP A 1 57  ? -7.425  -3.533  -3.250  1.00 87.59  ? 150 ASP A OD1 1 
ATOM   430  O  OD2 . ASP A 1 57  ? -8.053  -3.697  -1.145  1.00 86.91  ? 150 ASP A OD2 1 
ATOM   431  N  N   . GLU A 1 58  ? -7.704  -1.169  -4.911  1.00 86.44  ? 151 GLU A N   1 
ATOM   432  C  CA  . GLU A 1 58  ? -8.689  -0.636  -5.889  1.00 91.83  ? 151 GLU A CA  1 
ATOM   433  C  C   . GLU A 1 58  ? -9.885  -1.585  -5.984  1.00 88.80  ? 151 GLU A C   1 
ATOM   434  O  O   . GLU A 1 58  ? -9.669  -2.807  -5.957  1.00 88.56  ? 151 GLU A O   1 
ATOM   435  C  CB  . GLU A 1 58  ? -8.034  -0.408  -7.252  1.00 100.98 ? 151 GLU A CB  1 
ATOM   436  C  CG  . GLU A 1 58  ? -7.650  -1.690  -7.968  1.00 113.45 ? 151 GLU A CG  1 
ATOM   437  C  CD  . GLU A 1 58  ? -6.684  -1.513  -9.128  1.00 122.89 ? 151 GLU A CD  1 
ATOM   438  O  OE1 . GLU A 1 58  ? -5.965  -0.490  -9.152  1.00 126.66 ? 151 GLU A OE1 1 
ATOM   439  O  OE2 . GLU A 1 58  ? -6.652  -2.404  -10.005 1.00 129.64 ? 151 GLU A OE2 1 
ATOM   440  N  N   . GLU A 1 59  ? -11.092 -1.012  -6.029  1.00 93.23  ? 152 GLU A N   1 
ATOM   441  C  CA  . GLU A 1 59  ? -12.359 -1.653  -6.469  1.00 102.37 ? 152 GLU A CA  1 
ATOM   442  C  C   . GLU A 1 59  ? -13.062 -0.668  -7.401  1.00 109.56 ? 152 GLU A C   1 
ATOM   443  O  O   . GLU A 1 59  ? -12.811 0.542   -7.253  1.00 115.47 ? 152 GLU A O   1 
ATOM   444  C  CB  . GLU A 1 59  ? -13.246 -2.008  -5.277  1.00 107.77 ? 152 GLU A CB  1 
ATOM   445  C  CG  . GLU A 1 59  ? -12.871 -3.325  -4.625  1.00 113.13 ? 152 GLU A CG  1 
ATOM   446  C  CD  . GLU A 1 59  ? -13.646 -3.629  -3.357  1.00 119.35 ? 152 GLU A CD  1 
ATOM   447  O  OE1 . GLU A 1 59  ? -13.087 -4.331  -2.488  1.00 127.35 ? 152 GLU A OE1 1 
ATOM   448  O  OE2 . GLU A 1 59  ? -14.801 -3.156  -3.235  1.00 115.29 ? 152 GLU A OE2 1 
ATOM   449  N  N   . LEU A 1 60  ? -13.904 -1.161  -8.313  1.00 122.01 ? 153 LEU A N   1 
ATOM   450  C  CA  . LEU A 1 60  ? -14.426 -0.365  -9.459  1.00 128.17 ? 153 LEU A CA  1 
ATOM   451  C  C   . LEU A 1 60  ? -15.435 0.688   -8.968  1.00 129.98 ? 153 LEU A C   1 
ATOM   452  O  O   . LEU A 1 60  ? -15.413 1.799   -9.528  1.00 135.00 ? 153 LEU A O   1 
ATOM   453  C  CB  . LEU A 1 60  ? -15.016 -1.299  -10.526 1.00 129.77 ? 153 LEU A CB  1 
ATOM   454  C  CG  . LEU A 1 60  ? -14.004 -2.145  -11.313 1.00 127.89 ? 153 LEU A CG  1 
ATOM   455  C  CD1 . LEU A 1 60  ? -14.680 -2.893  -12.456 1.00 125.71 ? 153 LEU A CD1 1 
ATOM   456  C  CD2 . LEU A 1 60  ? -12.858 -1.297  -11.854 1.00 122.81 ? 153 LEU A CD2 1 
ATOM   457  N  N   . LYS A 1 61  ? -16.261 0.394   -7.954  1.00 127.38 ? 154 LYS A N   1 
ATOM   458  C  CA  . LYS A 1 61  ? -17.153 1.418   -7.332  1.00 125.63 ? 154 LYS A CA  1 
ATOM   459  C  C   . LYS A 1 61  ? -17.650 0.965   -5.956  1.00 122.21 ? 154 LYS A C   1 
ATOM   460  O  O   . LYS A 1 61  ? -18.343 -0.070  -5.890  1.00 121.05 ? 154 LYS A O   1 
ATOM   461  C  CB  . LYS A 1 61  ? -18.366 1.722   -8.218  1.00 127.98 ? 154 LYS A CB  1 
ATOM   462  C  CG  . LYS A 1 61  ? -19.244 2.877   -7.738  1.00 130.39 ? 154 LYS A CG  1 
ATOM   463  C  CD  . LYS A 1 61  ? -18.457 4.139   -7.392  1.00 133.16 ? 154 LYS A CD  1 
ATOM   464  C  CE  . LYS A 1 61  ? -19.284 5.409   -7.363  1.00 124.85 ? 154 LYS A CE  1 
ATOM   465  N  NZ  . LYS A 1 61  ? -19.953 5.610   -6.056  1.00 124.92 ? 154 LYS A NZ  1 
ATOM   466  N  N   . ILE A 1 62  ? -17.338 1.773   -4.942  1.00 118.15 ? 155 ILE A N   1 
ATOM   467  C  CA  . ILE A 1 62  ? -17.875 1.577   -3.568  1.00 115.51 ? 155 ILE A CA  1 
ATOM   468  C  C   . ILE A 1 62  ? -19.108 2.467   -3.473  1.00 109.35 ? 155 ILE A C   1 
ATOM   469  O  O   . ILE A 1 62  ? -19.170 3.465   -4.148  1.00 108.92 ? 155 ILE A O   1 
ATOM   470  C  CB  . ILE A 1 62  ? -16.836 1.823   -2.468  1.00 114.77 ? 155 ILE A CB  1 
ATOM   471  C  CG1 . ILE A 1 62  ? -15.476 1.281   -2.874  1.00 113.61 ? 155 ILE A CG1 1 
ATOM   472  C  CG2 . ILE A 1 62  ? -17.273 1.163   -1.187  1.00 116.45 ? 155 ILE A CG2 1 
ATOM   473  C  CD1 . ILE A 1 62  ? -14.831 2.101   -3.918  1.00 119.22 ? 155 ILE A CD1 1 
ATOM   474  N  N   . SER A 1 63  ? -20.022 2.160   -2.585  1.00 110.98 ? 156 SER A N   1 
ATOM   475  C  CA  . SER A 1 63  ? -21.328 2.835   -2.669  1.00 114.18 ? 156 SER A CA  1 
ATOM   476  C  C   . SER A 1 63  ? -21.318 4.348   -2.521  1.00 114.13 ? 156 SER A C   1 
ATOM   477  O  O   . SER A 1 63  ? -21.800 4.973   -3.441  1.00 124.98 ? 156 SER A O   1 
ATOM   478  C  CB  . SER A 1 63  ? -22.141 2.307   -1.587  1.00 119.95 ? 156 SER A CB  1 
ATOM   479  O  OG  . SER A 1 63  ? -21.440 2.590   -0.396  1.00 124.48 ? 156 SER A OG  1 
ATOM   480  N  N   . ARG A 1 64  ? -20.699 4.934   -1.509  1.00 108.18 ? 157 ARG A N   1 
ATOM   481  C  CA  . ARG A 1 64  ? -20.957 6.391   -1.388  1.00 108.00 ? 157 ARG A CA  1 
ATOM   482  C  C   . ARG A 1 64  ? -19.696 7.175   -1.658  1.00 98.15  ? 157 ARG A C   1 
ATOM   483  O  O   . ARG A 1 64  ? -19.668 8.360   -1.426  1.00 89.28  ? 157 ARG A O   1 
ATOM   484  C  CB  . ARG A 1 64  ? -21.438 6.696   0.026   1.00 116.28 ? 157 ARG A CB  1 
ATOM   485  C  CG  . ARG A 1 64  ? -22.151 5.534   0.690   1.00 121.95 ? 157 ARG A CG  1 
ATOM   486  C  CD  . ARG A 1 64  ? -22.852 5.991   1.947   1.00 128.09 ? 157 ARG A CD  1 
ATOM   487  N  NE  . ARG A 1 64  ? -21.904 6.389   2.968   1.00 137.14 ? 157 ARG A NE  1 
ATOM   488  C  CZ  . ARG A 1 64  ? -21.291 5.552   3.791   1.00 141.89 ? 157 ARG A CZ  1 
ATOM   489  N  NH1 . ARG A 1 64  ? -21.525 4.254   3.718   1.00 144.99 ? 157 ARG A NH1 1 
ATOM   490  N  NH2 . ARG A 1 64  ? -20.441 6.015   4.688   1.00 138.95 ? 157 ARG A NH2 1 
ATOM   491  N  N   . PHE A 1 65  ? -18.754 6.498   -2.259  1.00 92.60  ? 158 PHE A N   1 
ATOM   492  C  CA  . PHE A 1 65  ? -17.380 7.030   -2.452  1.00 89.03  ? 158 PHE A CA  1 
ATOM   493  C  C   . PHE A 1 65  ? -17.024 7.135   -3.937  1.00 86.20  ? 158 PHE A C   1 
ATOM   494  O  O   . PHE A 1 65  ? -17.288 6.195   -4.705  1.00 98.07  ? 158 PHE A O   1 
ATOM   495  C  CB  . PHE A 1 65  ? -16.364 6.126   -1.755  1.00 89.34  ? 158 PHE A CB  1 
ATOM   496  C  CG  . PHE A 1 65  ? -16.356 6.247   -0.255  1.00 89.94  ? 158 PHE A CG  1 
ATOM   497  C  CD1 . PHE A 1 65  ? -15.619 7.240   0.367   1.00 88.96  ? 158 PHE A CD1 1 
ATOM   498  C  CD2 . PHE A 1 65  ? -17.085 5.370   0.530   1.00 89.09  ? 158 PHE A CD2 1 
ATOM   499  C  CE1 . PHE A 1 65  ? -15.614 7.351   1.747   1.00 92.57  ? 158 PHE A CE1 1 
ATOM   500  C  CE2 . PHE A 1 65  ? -17.073 5.478   1.910   1.00 91.12  ? 158 PHE A CE2 1 
ATOM   501  C  CZ  . PHE A 1 65  ? -16.339 6.469   2.515   1.00 94.41  ? 158 PHE A CZ  1 
ATOM   502  N  N   . ASN A 1 66  ? -16.406 8.255   -4.309  1.00 81.79  ? 159 ASN A N   1 
ATOM   503  C  CA  . ASN A 1 66  ? -15.699 8.444   -5.601  1.00 81.92  ? 159 ASN A CA  1 
ATOM   504  C  C   . ASN A 1 66  ? -14.215 8.114   -5.402  1.00 76.04  ? 159 ASN A C   1 
ATOM   505  O  O   . ASN A 1 66  ? -13.771 8.038   -4.249  1.00 81.82  ? 159 ASN A O   1 
ATOM   506  C  CB  . ASN A 1 66  ? -15.894 9.862   -6.139  1.00 86.40  ? 159 ASN A CB  1 
ATOM   507  C  CG  . ASN A 1 66  ? -17.352 10.213  -6.337  1.00 87.72  ? 159 ASN A CG  1 
ATOM   508  O  OD1 . ASN A 1 66  ? -18.181 9.328   -6.532  1.00 94.94  ? 159 ASN A OD1 1 
ATOM   509  N  ND2 . ASN A 1 66  ? -17.671 11.497  -6.282  1.00 85.68  ? 159 ASN A ND2 1 
ATOM   510  N  N   . GLN A 1 67  ? -13.486 7.926   -6.501  1.00 70.98  ? 160 GLN A N   1 
ATOM   511  C  CA  . GLN A 1 67  ? -12.063 7.514   -6.527  1.00 66.29  ? 160 GLN A CA  1 
ATOM   512  C  C   . GLN A 1 67  ? -11.295 8.494   -7.413  1.00 65.50  ? 160 GLN A C   1 
ATOM   513  O  O   . GLN A 1 67  ? -11.870 8.994   -8.383  1.00 72.93  ? 160 GLN A O   1 
ATOM   514  C  CB  . GLN A 1 67  ? -11.965 6.093   -7.071  1.00 69.25  ? 160 GLN A CB  1 
ATOM   515  C  CG  . GLN A 1 67  ? -10.558 5.517   -7.035  1.00 79.45  ? 160 GLN A CG  1 
ATOM   516  C  CD  . GLN A 1 67  ? -10.325 4.517   -8.141  1.00 82.47  ? 160 GLN A CD  1 
ATOM   517  O  OE1 . GLN A 1 67  ? -10.396 4.852   -9.321  1.00 86.26  ? 160 GLN A OE1 1 
ATOM   518  N  NE2 . GLN A 1 67  ? -10.030 3.283   -7.762  1.00 80.18  ? 160 GLN A NE2 1 
ATOM   519  N  N   . CYS A 1 68  ? -10.040 8.765   -7.088  1.00 67.10  ? 161 CYS A N   1 
ATOM   520  C  CA  . CYS A 1 68  ? -9.120  9.572   -7.927  1.00 68.68  ? 161 CYS A CA  1 
ATOM   521  C  C   . CYS A 1 68  ? -7.687  9.176   -7.569  1.00 63.31  ? 161 CYS A C   1 
ATOM   522  O  O   . CYS A 1 68  ? -7.527  8.395   -6.623  1.00 66.67  ? 161 CYS A O   1 
ATOM   523  C  CB  . CYS A 1 68  ? -9.379  11.061  -7.736  1.00 74.36  ? 161 CYS A CB  1 
ATOM   524  S  SG  . CYS A 1 68  ? -8.838  11.690  -6.127  1.00 83.85  ? 161 CYS A SG  1 
ATOM   525  N  N   . VAL A 1 69  ? -6.691  9.652   -8.310  1.00 60.51  ? 162 VAL A N   1 
ATOM   526  C  CA  . VAL A 1 69  ? -5.280  9.217   -8.119  1.00 66.13  ? 162 VAL A CA  1 
ATOM   527  C  C   . VAL A 1 69  ? -4.510  10.365  -7.467  1.00 67.55  ? 162 VAL A C   1 
ATOM   528  O  O   . VAL A 1 69  ? -4.561  11.476  -8.012  1.00 71.13  ? 162 VAL A O   1 
ATOM   529  C  CB  . VAL A 1 69  ? -4.652  8.769   -9.450  1.00 70.38  ? 162 VAL A CB  1 
ATOM   530  C  CG1 . VAL A 1 69  ? -3.172  8.450   -9.300  1.00 73.60  ? 162 VAL A CG1 1 
ATOM   531  C  CG2 . VAL A 1 69  ? -5.398  7.579   -10.034 1.00 71.55  ? 162 VAL A CG2 1 
ATOM   532  N  N   . LEU A 1 70  ? -3.865  10.099  -6.327  1.00 69.79  ? 163 LEU A N   1 
ATOM   533  C  CA  . LEU A 1 70  ? -3.055  11.086  -5.564  1.00 74.95  ? 163 LEU A CA  1 
ATOM   534  C  C   . LEU A 1 70  ? -1.628  11.091  -6.108  1.00 76.46  ? 163 LEU A C   1 
ATOM   535  O  O   . LEU A 1 70  ? -1.035  12.179  -6.227  1.00 79.25  ? 163 LEU A O   1 
ATOM   536  C  CB  . LEU A 1 70  ? -3.047  10.720  -4.077  1.00 79.67  ? 163 LEU A CB  1 
ATOM   537  C  CG  . LEU A 1 70  ? -4.021  11.487  -3.185  1.00 84.97  ? 163 LEU A CG  1 
ATOM   538  C  CD1 . LEU A 1 70  ? -3.655  11.289  -1.724  1.00 91.61  ? 163 LEU A CD1 1 
ATOM   539  C  CD2 . LEU A 1 70  ? -4.038  12.970  -3.517  1.00 88.20  ? 163 LEU A CD2 1 
ATOM   540  N  N   . GLY A 1 71  ? -1.096  9.904   -6.391  1.00 78.99  ? 164 GLY A N   1 
ATOM   541  C  CA  . GLY A 1 71  ? 0.259   9.732   -6.938  1.00 81.35  ? 164 GLY A CA  1 
ATOM   542  C  C   . GLY A 1 71  ? 0.615   8.269   -7.107  1.00 80.60  ? 164 GLY A C   1 
ATOM   543  O  O   . GLY A 1 71  ? -0.314  7.433   -7.242  1.00 76.02  ? 164 GLY A O   1 
ATOM   544  N  N   . TYR A 1 72  ? 1.919   7.979   -7.093  1.00 76.94  ? 165 TYR A N   1 
ATOM   545  C  CA  . TYR A 1 72  ? 2.495   6.648   -7.405  1.00 78.68  ? 165 TYR A CA  1 
ATOM   546  C  C   . TYR A 1 72  ? 3.601   6.328   -6.395  1.00 79.48  ? 165 TYR A C   1 
ATOM   547  O  O   . TYR A 1 72  ? 4.328   7.227   -5.944  1.00 76.45  ? 165 TYR A O   1 
ATOM   548  C  CB  . TYR A 1 72  ? 2.974   6.624   -8.858  1.00 82.15  ? 165 TYR A CB  1 
ATOM   549  C  CG  . TYR A 1 72  ? 2.056   7.351   -9.808  1.00 83.17  ? 165 TYR A CG  1 
ATOM   550  C  CD1 . TYR A 1 72  ? 1.004   6.699   -10.428 1.00 81.82  ? 165 TYR A CD1 1 
ATOM   551  C  CD2 . TYR A 1 72  ? 2.211   8.705   -10.055 1.00 84.42  ? 165 TYR A CD2 1 
ATOM   552  C  CE1 . TYR A 1 72  ? 0.146   7.368   -11.285 1.00 85.00  ? 165 TYR A CE1 1 
ATOM   553  C  CE2 . TYR A 1 72  ? 1.360   9.389   -10.907 1.00 83.29  ? 165 TYR A CE2 1 
ATOM   554  C  CZ  . TYR A 1 72  ? 0.321   8.721   -11.527 1.00 84.94  ? 165 TYR A CZ  1 
ATOM   555  O  OH  . TYR A 1 72  ? -0.523  9.396   -12.368 1.00 85.29  ? 165 TYR A OH  1 
ATOM   556  N  N   . THR A 1 73  ? 3.684   5.055   -6.024  1.00 84.81  ? 166 THR A N   1 
ATOM   557  C  CA  . THR A 1 73  ? 4.695   4.489   -5.101  1.00 79.46  ? 166 THR A CA  1 
ATOM   558  C  C   . THR A 1 73  ? 5.175   3.173   -5.724  1.00 80.70  ? 166 THR A C   1 
ATOM   559  O  O   . THR A 1 73  ? 4.582   2.751   -6.747  1.00 79.07  ? 166 THR A O   1 
ATOM   560  C  CB  . THR A 1 73  ? 4.106   4.394   -3.688  1.00 79.31  ? 166 THR A CB  1 
ATOM   561  O  OG1 . THR A 1 73  ? 5.180   4.214   -2.767  1.00 86.65  ? 166 THR A OG1 1 
ATOM   562  C  CG2 . THR A 1 73  ? 3.096   3.279   -3.526  1.00 78.15  ? 166 THR A CG2 1 
ATOM   563  N  N   . LYS A 1 74  ? 6.221   2.573   -5.154  1.00 80.05  ? 167 LYS A N   1 
ATOM   564  C  CA  . LYS A 1 74  ? 6.920   1.398   -5.733  1.00 78.37  ? 167 LYS A CA  1 
ATOM   565  C  C   . LYS A 1 74  ? 6.992   0.289   -4.688  1.00 70.17  ? 167 LYS A C   1 
ATOM   566  O  O   . LYS A 1 74  ? 7.587   0.509   -3.632  1.00 70.94  ? 167 LYS A O   1 
ATOM   567  C  CB  . LYS A 1 74  ? 8.309   1.805   -6.230  1.00 83.39  ? 167 LYS A CB  1 
ATOM   568  C  CG  . LYS A 1 74  ? 8.280   2.779   -7.398  1.00 92.30  ? 167 LYS A CG  1 
ATOM   569  C  CD  . LYS A 1 74  ? 9.640   3.063   -7.992  1.00 104.03 ? 167 LYS A CD  1 
ATOM   570  C  CE  . LYS A 1 74  ? 9.572   3.632   -9.396  1.00 111.96 ? 167 LYS A CE  1 
ATOM   571  N  NZ  . LYS A 1 74  ? 8.872   2.722   -10.337 1.00 112.98 ? 167 LYS A NZ  1 
ATOM   572  N  N   . ALA A 1 75  ? 6.377   -0.850  -4.986  1.00 67.59  ? 168 ALA A N   1 
ATOM   573  C  CA  . ALA A 1 75  ? 6.556   -2.119  -4.255  1.00 69.90  ? 168 ALA A CA  1 
ATOM   574  C  C   . ALA A 1 75  ? 7.727   -2.876  -4.875  1.00 70.08  ? 168 ALA A C   1 
ATOM   575  O  O   . ALA A 1 75  ? 7.962   -2.694  -6.075  1.00 75.40  ? 168 ALA A O   1 
ATOM   576  C  CB  . ALA A 1 75  ? 5.295   -2.929  -4.333  1.00 74.24  ? 168 ALA A CB  1 
ATOM   577  N  N   . PHE A 1 76  ? 8.427   -3.679  -4.076  1.00 73.12  ? 169 PHE A N   1 
ATOM   578  C  CA  . PHE A 1 76  ? 9.416   -4.686  -4.534  1.00 76.41  ? 169 PHE A CA  1 
ATOM   579  C  C   . PHE A 1 76  ? 9.036   -6.051  -3.960  1.00 77.46  ? 169 PHE A C   1 
ATOM   580  O  O   . PHE A 1 76  ? 8.547   -6.096  -2.814  1.00 76.64  ? 169 PHE A O   1 
ATOM   581  C  CB  . PHE A 1 76  ? 10.821  -4.299  -4.082  1.00 78.21  ? 169 PHE A CB  1 
ATOM   582  C  CG  . PHE A 1 76  ? 11.308  -2.981  -4.618  1.00 78.65  ? 169 PHE A CG  1 
ATOM   583  C  CD1 . PHE A 1 76  ? 10.945  -1.794  -4.006  1.00 79.72  ? 169 PHE A CD1 1 
ATOM   584  C  CD2 . PHE A 1 76  ? 12.145  -2.932  -5.722  1.00 82.32  ? 169 PHE A CD2 1 
ATOM   585  C  CE1 . PHE A 1 76  ? 11.406  -0.581  -4.495  1.00 86.06  ? 169 PHE A CE1 1 
ATOM   586  C  CE2 . PHE A 1 76  ? 12.606  -1.720  -6.210  1.00 86.13  ? 169 PHE A CE2 1 
ATOM   587  C  CZ  . PHE A 1 76  ? 12.234  -0.545  -5.596  1.00 88.28  ? 169 PHE A CZ  1 
ATOM   588  N  N   . VAL A 1 77  ? 9.237   -7.128  -4.725  1.00 78.03  ? 170 VAL A N   1 
ATOM   589  C  CA  . VAL A 1 77  ? 9.170   -8.506  -4.157  1.00 80.24  ? 170 VAL A CA  1 
ATOM   590  C  C   . VAL A 1 77  ? 10.587  -8.835  -3.675  1.00 81.50  ? 170 VAL A C   1 
ATOM   591  O  O   . VAL A 1 77  ? 11.556  -8.562  -4.420  1.00 76.50  ? 170 VAL A O   1 
ATOM   592  C  CB  . VAL A 1 77  ? 8.533   -9.577  -5.078  1.00 75.19  ? 170 VAL A CB  1 
ATOM   593  C  CG1 . VAL A 1 77  ? 8.197   -9.074  -6.470  1.00 74.83  ? 170 VAL A CG1 1 
ATOM   594  C  CG2 . VAL A 1 77  ? 9.346   -10.860 -5.143  1.00 73.41  ? 170 VAL A CG2 1 
ATOM   595  N  N   . VAL A 1 78  ? 10.680  -9.319  -2.433  1.00 81.96  ? 171 VAL A N   1 
ATOM   596  C  CA  . VAL A 1 78  ? 11.954  -9.528  -1.687  1.00 81.86  ? 171 VAL A CA  1 
ATOM   597  C  C   . VAL A 1 78  ? 11.936  -10.922 -1.061  1.00 91.01  ? 171 VAL A C   1 
ATOM   598  O  O   . VAL A 1 78  ? 10.824  -11.426 -0.738  1.00 85.01  ? 171 VAL A O   1 
ATOM   599  C  CB  . VAL A 1 78  ? 12.170  -8.442  -0.618  1.00 78.44  ? 171 VAL A CB  1 
ATOM   600  C  CG1 . VAL A 1 78  ? 12.582  -7.121  -1.242  1.00 83.16  ? 171 VAL A CG1 1 
ATOM   601  C  CG2 . VAL A 1 78  ? 10.947  -8.267  0.268   1.00 75.05  ? 171 VAL A CG2 1 
ATOM   602  N  N   . ALA A 1 79  ? 13.133  -11.503 -0.914  1.00 97.68  ? 172 ALA A N   1 
ATOM   603  C  CA  . ALA A 1 79  ? 13.397  -12.785 -0.222  1.00 100.61 ? 172 ALA A CA  1 
ATOM   604  C  C   . ALA A 1 79  ? 14.813  -12.771 0.375   1.00 107.45 ? 172 ALA A C   1 
ATOM   605  O  O   . ALA A 1 79  ? 15.580  -11.798 0.113   1.00 94.06  ? 172 ALA A O   1 
ATOM   606  C  CB  . ALA A 1 79  ? 13.198  -13.930 -1.181  1.00 98.76  ? 172 ALA A CB  1 
ATOM   607  N  N   . HIS A 1 80  ? 15.130  -13.806 1.165   1.00 108.20 ? 173 HIS A N   1 
ATOM   608  C  CA  . HIS A 1 80  ? 16.451  -14.018 1.815   1.00 109.22 ? 173 HIS A CA  1 
ATOM   609  C  C   . HIS A 1 80  ? 17.530  -14.159 0.743   1.00 100.97 ? 173 HIS A C   1 
ATOM   610  O  O   . HIS A 1 80  ? 17.394  -14.986 -0.153  1.00 94.55  ? 173 HIS A O   1 
ATOM   611  C  CB  . HIS A 1 80  ? 16.418  -15.250 2.731   1.00 117.09 ? 173 HIS A CB  1 
ATOM   612  C  CG  . HIS A 1 80  ? 17.704  -15.465 3.455   1.00 120.24 ? 173 HIS A CG  1 
ATOM   613  N  ND1 . HIS A 1 80  ? 18.130  -14.630 4.468   1.00 117.87 ? 173 HIS A ND1 1 
ATOM   614  C  CD2 . HIS A 1 80  ? 18.633  -16.440 3.345   1.00 117.20 ? 173 HIS A CD2 1 
ATOM   615  C  CE1 . HIS A 1 80  ? 19.277  -15.073 4.941   1.00 120.43 ? 173 HIS A CE1 1 
ATOM   616  N  NE2 . HIS A 1 80  ? 19.607  -16.184 4.269   1.00 118.99 ? 173 HIS A NE2 1 
ATOM   617  N  N   . PRO A 1 81  ? 18.651  -13.401 0.814   1.00 97.15  ? 174 PRO A N   1 
ATOM   618  C  CA  . PRO A 1 81  ? 19.646  -13.399 -0.263  1.00 100.26 ? 174 PRO A CA  1 
ATOM   619  C  C   . PRO A 1 81  ? 20.026  -14.790 -0.803  1.00 100.99 ? 174 PRO A C   1 
ATOM   620  O  O   . PRO A 1 81  ? 20.409  -14.863 -1.957  1.00 106.69 ? 174 PRO A O   1 
ATOM   621  C  CB  . PRO A 1 81  ? 20.865  -12.713 0.374   1.00 96.85  ? 174 PRO A CB  1 
ATOM   622  C  CG  . PRO A 1 81  ? 20.265  -11.797 1.423   1.00 96.71  ? 174 PRO A CG  1 
ATOM   623  C  CD  . PRO A 1 81  ? 19.022  -12.506 1.920   1.00 96.74  ? 174 PRO A CD  1 
ATOM   624  N  N   . GLN A 1 82  ? 19.903  -15.842 0.016   1.00 105.23 ? 175 GLN A N   1 
ATOM   625  C  CA  . GLN A 1 82  ? 20.190  -17.251 -0.379  1.00 108.09 ? 175 GLN A CA  1 
ATOM   626  C  C   . GLN A 1 82  ? 18.877  -18.030 -0.531  1.00 98.86  ? 175 GLN A C   1 
ATOM   627  O  O   . GLN A 1 82  ? 18.906  -19.260 -0.360  1.00 96.03  ? 175 GLN A O   1 
ATOM   628  C  CB  . GLN A 1 82  ? 21.126  -17.922 0.634   1.00 114.74 ? 175 GLN A CB  1 
ATOM   629  C  CG  . GLN A 1 82  ? 22.589  -17.518 0.487   1.00 120.51 ? 175 GLN A CG  1 
ATOM   630  C  CD  . GLN A 1 82  ? 22.921  -16.218 1.182   1.00 127.23 ? 175 GLN A CD  1 
ATOM   631  O  OE1 . GLN A 1 82  ? 22.548  -15.992 2.332   1.00 131.08 ? 175 GLN A OE1 1 
ATOM   632  N  NE2 . GLN A 1 82  ? 23.645  -15.352 0.491   1.00 123.42 ? 175 GLN A NE2 1 
ATOM   633  N  N   . HIS A 1 83  ? 17.777  -17.351 -0.870  1.00 96.07  ? 176 HIS A N   1 
ATOM   634  C  CA  . HIS A 1 83  ? 16.479  -17.983 -1.236  1.00 97.72  ? 176 HIS A CA  1 
ATOM   635  C  C   . HIS A 1 83  ? 16.706  -18.833 -2.484  1.00 99.14  ? 176 HIS A C   1 
ATOM   636  O  O   . HIS A 1 83  ? 17.563  -18.498 -3.305  1.00 95.88  ? 176 HIS A O   1 
ATOM   637  C  CB  . HIS A 1 83  ? 15.386  -16.917 -1.435  1.00 92.30  ? 176 HIS A CB  1 
ATOM   638  C  CG  . HIS A 1 83  ? 13.992  -17.450 -1.470  1.00 90.38  ? 176 HIS A CG  1 
ATOM   639  N  ND1 . HIS A 1 83  ? 13.376  -17.837 -2.641  1.00 89.40  ? 176 HIS A ND1 1 
ATOM   640  C  CD2 . HIS A 1 83  ? 13.080  -17.642 -0.490  1.00 96.32  ? 176 HIS A CD2 1 
ATOM   641  C  CE1 . HIS A 1 83  ? 12.152  -18.259 -2.382  1.00 90.00  ? 176 HIS A CE1 1 
ATOM   642  N  NE2 . HIS A 1 83  ? 11.942  -18.145 -1.072  1.00 90.27  ? 176 HIS A NE2 1 
ATOM   643  N  N   . PRO A 1 84  ? 15.919  -19.986 -2.825  1.00 98.03  ? 177 PRO A N   1 
ATOM   644  C  CA  . PRO A 1 84  ? 15.829  -21.060 -4.109  1.00 98.09  ? 177 PRO A CA  1 
ATOM   645  C  C   . PRO A 1 84  ? 15.881  -20.071 -5.274  1.00 102.13 ? 177 PRO A C   1 
ATOM   646  O  O   . PRO A 1 84  ? 16.652  -20.250 -6.155  1.00 104.35 ? 177 PRO A O   1 
ATOM   647  C  CB  . PRO A 1 84  ? 14.480  -21.694 -3.867  1.00 94.98  ? 177 PRO A CB  1 
ATOM   648  C  CG  . PRO A 1 84  ? 14.521  -21.867 -2.406  1.00 95.21  ? 177 PRO A CG  1 
ATOM   649  C  CD  . PRO A 1 84  ? 14.916  -20.498 -1.911  1.00 97.11  ? 177 PRO A CD  1 
ATOM   650  N  N   . LEU A 1 85  ? 15.196  -18.944 -5.140  1.00 101.75 ? 178 LEU A N   1 
ATOM   651  C  CA  . LEU A 1 85  ? 15.050  -17.993 -6.290  1.00 94.64  ? 178 LEU A CA  1 
ATOM   652  C  C   . LEU A 1 85  ? 16.057  -16.888 -6.272  1.00 96.93  ? 178 LEU A C   1 
ATOM   653  O  O   . LEU A 1 85  ? 15.892  -15.987 -7.017  1.00 96.94  ? 178 LEU A O   1 
ATOM   654  C  CB  . LEU A 1 85  ? 13.612  -17.478 -6.287  1.00 91.50  ? 178 LEU A CB  1 
ATOM   655  C  CG  . LEU A 1 85  ? 12.561  -18.554 -6.094  1.00 96.84  ? 178 LEU A CG  1 
ATOM   656  C  CD1 . LEU A 1 85  ? 11.181  -17.966 -6.064  1.00 102.25 ? 178 LEU A CD1 1 
ATOM   657  C  CD2 . LEU A 1 85  ? 12.631  -19.566 -7.196  1.00 97.84  ? 178 LEU A CD2 1 
ATOM   658  N  N   . CYS A 1 86  ? 17.147  -17.014 -5.547  1.00 110.32 ? 179 CYS A N   1 
ATOM   659  C  CA  . CYS A 1 86  ? 18.151  -15.905 -5.569  1.00 124.54 ? 179 CYS A CA  1 
ATOM   660  C  C   . CYS A 1 86  ? 18.630  -15.348 -6.888  1.00 130.41 ? 179 CYS A C   1 
ATOM   661  O  O   . CYS A 1 86  ? 18.889  -14.158 -6.924  1.00 134.91 ? 179 CYS A O   1 
ATOM   662  C  CB  . CYS A 1 86  ? 19.377  -16.273 -4.743  1.00 135.83 ? 179 CYS A CB  1 
ATOM   663  S  SG  . CYS A 1 86  ? 20.323  -17.647 -5.443  1.00 150.35 ? 179 CYS A SG  1 
ATOM   664  N  N   . ASN A 1 87  ? 18.763  -16.136 -7.952  1.00 136.13 ? 180 ASN A N   1 
ATOM   665  C  CA  . ASN A 1 87  ? 19.304  -15.606 -9.233  1.00 138.18 ? 180 ASN A CA  1 
ATOM   666  C  C   . ASN A 1 87  ? 18.413  -14.542 -9.895  1.00 140.06 ? 180 ASN A C   1 
ATOM   667  O  O   . ASN A 1 87  ? 18.954  -13.778 -10.691 1.00 144.13 ? 180 ASN A O   1 
ATOM   668  C  CB  . ASN A 1 87  ? 19.583  -16.700 -10.256 1.00 134.14 ? 180 ASN A CB  1 
ATOM   669  C  CG  . ASN A 1 87  ? 18.328  -17.418 -10.672 1.00 127.51 ? 180 ASN A CG  1 
ATOM   670  O  OD1 . ASN A 1 87  ? 17.262  -16.822 -10.747 1.00 129.14 ? 180 ASN A OD1 1 
ATOM   671  N  ND2 . ASN A 1 87  ? 18.448  -18.696 -10.958 1.00 117.54 ? 180 ASN A ND2 1 
ATOM   672  N  N   . ALA A 1 88  ? 17.108  -14.582 -9.619  1.00 136.08 ? 181 ALA A N   1 
ATOM   673  C  CA  . ALA A 1 88  ? 16.065  -13.643 -10.095 1.00 130.29 ? 181 ALA A CA  1 
ATOM   674  C  C   . ALA A 1 88  ? 15.849  -13.712 -11.594 1.00 127.63 ? 181 ALA A C   1 
ATOM   675  O  O   . ALA A 1 88  ? 15.575  -12.693 -12.191 1.00 112.17 ? 181 ALA A O   1 
ATOM   676  C  CB  . ALA A 1 88  ? 16.420  -12.259 -9.633  1.00 128.63 ? 181 ALA A CB  1 
ATOM   677  N  N   . SER A 1 89  ? 16.017  -14.904 -12.148 1.00 127.93 ? 182 SER A N   1 
ATOM   678  C  CA  . SER A 1 89  ? 15.777  -15.199 -13.575 1.00 122.24 ? 182 SER A CA  1 
ATOM   679  C  C   . SER A 1 89  ? 14.276  -15.258 -13.802 1.00 116.09 ? 182 SER A C   1 
ATOM   680  O  O   . SER A 1 89  ? 13.575  -15.591 -12.861 1.00 113.44 ? 182 SER A O   1 
ATOM   681  C  CB  . SER A 1 89  ? 16.342  -16.518 -13.862 1.00 124.10 ? 182 SER A CB  1 
ATOM   682  O  OG  . SER A 1 89  ? 15.859  -17.426 -12.896 1.00 128.43 ? 182 SER A OG  1 
ATOM   683  N  N   . LEU A 1 90  ? 13.845  -15.009 -15.030 1.00 106.16 ? 183 LEU A N   1 
ATOM   684  C  CA  . LEU A 1 90  ? 12.414  -15.010 -15.390 1.00 107.29 ? 183 LEU A CA  1 
ATOM   685  C  C   . LEU A 1 90  ? 11.812  -16.319 -14.929 1.00 103.88 ? 183 LEU A C   1 
ATOM   686  O  O   . LEU A 1 90  ? 10.691  -16.342 -14.483 1.00 96.18  ? 183 LEU A O   1 
ATOM   687  C  CB  . LEU A 1 90  ? 12.329  -14.915 -16.906 1.00 111.87 ? 183 LEU A CB  1 
ATOM   688  C  CG  . LEU A 1 90  ? 12.703  -13.565 -17.503 1.00 112.03 ? 183 LEU A CG  1 
ATOM   689  C  CD1 . LEU A 1 90  ? 12.245  -13.490 -18.935 1.00 110.73 ? 183 LEU A CD1 1 
ATOM   690  C  CD2 . LEU A 1 90  ? 12.075  -12.442 -16.721 1.00 109.31 ? 183 LEU A CD2 1 
ATOM   691  N  N   . HIS A 1 91  ? 12.565  -17.382 -15.075 1.00 103.96 ? 184 HIS A N   1 
ATOM   692  C  CA  . HIS A 1 91  ? 12.077  -18.687 -14.558 1.00 108.89 ? 184 HIS A CA  1 
ATOM   693  C  C   . HIS A 1 91  ? 11.800  -18.566 -13.055 1.00 108.96 ? 184 HIS A C   1 
ATOM   694  O  O   . HIS A 1 91  ? 10.695  -18.965 -12.625 1.00 104.83 ? 184 HIS A O   1 
ATOM   695  C  CB  . HIS A 1 91  ? 13.043  -19.837 -14.871 1.00 107.88 ? 184 HIS A CB  1 
ATOM   696  C  CG  . HIS A 1 91  ? 12.515  -21.156 -14.412 1.00 108.81 ? 184 HIS A CG  1 
ATOM   697  N  ND1 . HIS A 1 91  ? 13.312  -22.105 -13.800 1.00 111.56 ? 184 HIS A ND1 1 
ATOM   698  C  CD2 . HIS A 1 91  ? 11.263  -21.666 -14.429 1.00 105.34 ? 184 HIS A CD2 1 
ATOM   699  C  CE1 . HIS A 1 91  ? 12.577  -23.156 -13.485 1.00 110.34 ? 184 HIS A CE1 1 
ATOM   700  N  NE2 . HIS A 1 91  ? 11.316  -22.909 -13.859 1.00 107.61 ? 184 HIS A NE2 1 
ATOM   701  N  N   . SER A 1 92  ? 12.761  -18.034 -12.292 1.00 106.97 ? 185 SER A N   1 
ATOM   702  C  CA  . SER A 1 92  ? 12.618  -17.751 -10.839 1.00 108.68 ? 185 SER A CA  1 
ATOM   703  C  C   . SER A 1 92  ? 11.300  -16.994 -10.601 1.00 104.28 ? 185 SER A C   1 
ATOM   704  O  O   . SER A 1 92  ? 10.472  -17.472 -9.798  1.00 99.03  ? 185 SER A O   1 
ATOM   705  C  CB  . SER A 1 92  ? 13.812  -16.988 -10.293 1.00 110.66 ? 185 SER A CB  1 
ATOM   706  O  OG  . SER A 1 92  ? 15.001  -17.767 -10.357 1.00 107.28 ? 185 SER A OG  1 
ATOM   707  N  N   . ILE A 1 93  ? 11.097  -15.885 -11.322 1.00 97.86  ? 186 ILE A N   1 
ATOM   708  C  CA  . ILE A 1 93  ? 9.925   -14.969 -11.170 1.00 92.23  ? 186 ILE A CA  1 
ATOM   709  C  C   . ILE A 1 93  ? 8.637   -15.715 -11.545 1.00 93.02  ? 186 ILE A C   1 
ATOM   710  O  O   . ILE A 1 93  ? 7.605   -15.477 -10.891 1.00 99.29  ? 186 ILE A O   1 
ATOM   711  C  CB  . ILE A 1 93  ? 10.126  -13.678 -11.993 1.00 86.64  ? 186 ILE A CB  1 
ATOM   712  C  CG1 . ILE A 1 93  ? 11.304  -12.861 -11.455 1.00 89.18  ? 186 ILE A CG1 1 
ATOM   713  C  CG2 . ILE A 1 93  ? 8.849   -12.852 -12.046 1.00 83.37  ? 186 ILE A CG2 1 
ATOM   714  C  CD1 . ILE A 1 93  ? 11.664  -11.663 -12.299 1.00 92.02  ? 186 ILE A CD1 1 
ATOM   715  N  N   . ALA A 1 94  ? 8.680   -16.587 -12.553 1.00 93.24  ? 187 ALA A N   1 
ATOM   716  C  CA  . ALA A 1 94  ? 7.533   -17.442 -12.934 1.00 99.54  ? 187 ALA A CA  1 
ATOM   717  C  C   . ALA A 1 94  ? 7.169   -18.355 -11.754 1.00 104.28 ? 187 ALA A C   1 
ATOM   718  O  O   . ALA A 1 94  ? 5.961   -18.591 -11.533 1.00 98.97  ? 187 ALA A O   1 
ATOM   719  C  CB  . ALA A 1 94  ? 7.862   -18.234 -14.178 1.00 103.40 ? 187 ALA A CB  1 
ATOM   720  N  N   . SER A 1 95  ? 8.183   -18.817 -11.011 1.00 110.36 ? 188 SER A N   1 
ATOM   721  C  CA  . SER A 1 95  ? 8.083   -19.849 -9.944  1.00 112.70 ? 188 SER A CA  1 
ATOM   722  C  C   . SER A 1 95  ? 7.557   -19.251 -8.630  1.00 103.85 ? 188 SER A C   1 
ATOM   723  O  O   . SER A 1 95  ? 7.173   -20.042 -7.752  1.00 106.83 ? 188 SER A O   1 
ATOM   724  C  CB  . SER A 1 95  ? 9.410   -20.541 -9.735  1.00 120.70 ? 188 SER A CB  1 
ATOM   725  O  OG  . SER A 1 95  ? 9.949   -20.993 -10.969 1.00 127.42 ? 188 SER A OG  1 
ATOM   726  N  N   . LEU A 1 96  ? 7.525   -17.922 -8.494  1.00 93.73  ? 189 LEU A N   1 
ATOM   727  C  CA  . LEU A 1 96  ? 6.898   -17.263 -7.361  1.00 86.35  ? 189 LEU A CA  1 
ATOM   728  C  C   . LEU A 1 96  ? 5.575   -17.902 -7.003  1.00 87.17  ? 189 LEU A C   1 
ATOM   729  O  O   . LEU A 1 96  ? 5.224   -17.959 -5.812  1.00 99.94  ? 189 LEU A O   1 
ATOM   730  C  CB  . LEU A 1 96  ? 6.766   -15.735 -7.616  1.00 82.58  ? 189 LEU A CB  1 
ATOM   731  C  CG  . LEU A 1 96  ? 8.043   -14.900 -7.556  1.00 85.81  ? 189 LEU A CG  1 
ATOM   732  C  CD1 . LEU A 1 96  ? 7.721   -13.423 -7.707  1.00 85.34  ? 189 LEU A CD1 1 
ATOM   733  C  CD2 . LEU A 1 96  ? 8.811   -15.128 -6.264  1.00 89.45  ? 189 LEU A CD2 1 
ATOM   734  N  N   . ALA A 1 97  ? 4.850   -18.372 -8.020  1.00 82.62  ? 190 ALA A N   1 
ATOM   735  C  CA  . ALA A 1 97  ? 3.498   -19.035 -7.912  1.00 84.90  ? 190 ALA A CA  1 
ATOM   736  C  C   . ALA A 1 97  ? 3.583   -20.357 -7.159  1.00 86.92  ? 190 ALA A C   1 
ATOM   737  O  O   . ALA A 1 97  ? 2.505   -20.899 -6.857  1.00 92.54  ? 190 ALA A O   1 
ATOM   738  C  CB  . ALA A 1 97  ? 2.875   -19.140 -9.233  1.00 88.59  ? 190 ALA A CB  1 
ATOM   739  N  N   . ASN A 1 98  ? 4.784   -20.886 -6.902  1.00 90.88  ? 191 ASN A N   1 
ATOM   740  C  CA  . ASN A 1 98  ? 4.994   -22.254 -6.350  1.00 96.72  ? 191 ASN A CA  1 
ATOM   741  C  C   . ASN A 1 98  ? 5.690   -22.196 -4.986  1.00 94.80  ? 191 ASN A C   1 
ATOM   742  O  O   . ASN A 1 98  ? 5.395   -23.073 -4.160  1.00 98.34  ? 191 ASN A O   1 
ATOM   743  C  CB  . ASN A 1 98  ? 5.781   -23.131 -7.325  1.00 96.71  ? 191 ASN A CB  1 
ATOM   744  C  CG  . ASN A 1 98  ? 5.072   -23.265 -8.654  1.00 95.31  ? 191 ASN A CG  1 
ATOM   745  O  OD1 . ASN A 1 98  ? 5.660   -23.004 -9.698  1.00 104.73 ? 191 ASN A OD1 1 
ATOM   746  N  ND2 . ASN A 1 98  ? 3.800   -23.631 -8.617  1.00 88.23  ? 191 ASN A ND2 1 
ATOM   747  N  N   . TYR A 1 99  ? 6.586   -21.229 -4.775  1.00 94.39  ? 192 TYR A N   1 
ATOM   748  C  CA  . TYR A 1 99  ? 7.282   -20.985 -3.484  1.00 100.04 ? 192 TYR A CA  1 
ATOM   749  C  C   . TYR A 1 99  ? 6.325   -20.262 -2.529  1.00 102.43 ? 192 TYR A C   1 
ATOM   750  O  O   . TYR A 1 99  ? 5.335   -19.663 -2.996  1.00 97.55  ? 192 TYR A O   1 
ATOM   751  C  CB  . TYR A 1 99  ? 8.602   -20.250 -3.725  1.00 103.80 ? 192 TYR A CB  1 
ATOM   752  C  CG  . TYR A 1 99  ? 9.662   -21.155 -4.294  1.00 114.55 ? 192 TYR A CG  1 
ATOM   753  C  CD1 . TYR A 1 99  ? 9.571   -21.626 -5.594  1.00 123.29 ? 192 TYR A CD1 1 
ATOM   754  C  CD2 . TYR A 1 99  ? 10.719  -21.596 -3.519  1.00 120.05 ? 192 TYR A CD2 1 
ATOM   755  C  CE1 . TYR A 1 99  ? 10.522  -22.485 -6.120  1.00 129.50 ? 192 TYR A CE1 1 
ATOM   756  C  CE2 . TYR A 1 99  ? 11.676  -22.457 -4.029  1.00 127.33 ? 192 TYR A CE2 1 
ATOM   757  C  CZ  . TYR A 1 99  ? 11.579  -22.903 -5.334  1.00 129.49 ? 192 TYR A CZ  1 
ATOM   758  O  OH  . TYR A 1 99  ? 12.519  -23.750 -5.842  1.00 133.55 ? 192 TYR A OH  1 
ATOM   759  N  N   . ARG A 1 100 ? 6.591   -20.358 -1.222  1.00 107.77 ? 193 ARG A N   1 
ATOM   760  C  CA  . ARG A 1 100 ? 5.712   -19.801 -0.163  1.00 104.04 ? 193 ARG A CA  1 
ATOM   761  C  C   . ARG A 1 100 ? 5.783   -18.273 -0.216  1.00 101.22 ? 193 ARG A C   1 
ATOM   762  O  O   . ARG A 1 100 ? 6.915   -17.730 -0.143  1.00 92.62  ? 193 ARG A O   1 
ATOM   763  C  CB  . ARG A 1 100 ? 6.098   -20.296 1.235   1.00 110.26 ? 193 ARG A CB  1 
ATOM   764  C  CG  . ARG A 1 100 ? 5.310   -19.617 2.349   1.00 108.93 ? 193 ARG A CG  1 
ATOM   765  C  CD  . ARG A 1 100 ? 5.379   -20.279 3.711   1.00 103.83 ? 193 ARG A CD  1 
ATOM   766  N  NE  . ARG A 1 100 ? 4.931   -21.663 3.676   1.00 99.27  ? 193 ARG A NE  1 
ATOM   767  C  CZ  . ARG A 1 100 ? 5.734   -22.723 3.669   1.00 94.36  ? 193 ARG A CZ  1 
ATOM   768  N  NH1 . ARG A 1 100 ? 7.048   -22.570 3.691   1.00 90.92  ? 193 ARG A NH1 1 
ATOM   769  N  NH2 . ARG A 1 100 ? 5.216   -23.937 3.631   1.00 93.70  ? 193 ARG A NH2 1 
ATOM   770  N  N   . GLN A 1 101 ? 4.615   -17.630 -0.329  1.00 96.80  ? 194 GLN A N   1 
ATOM   771  C  CA  . GLN A 1 101 ? 4.438   -16.154 -0.252  1.00 94.22  ? 194 GLN A CA  1 
ATOM   772  C  C   . GLN A 1 101 ? 3.969   -15.785 1.160   1.00 90.54  ? 194 GLN A C   1 
ATOM   773  O  O   . GLN A 1 101 ? 3.046   -16.457 1.667   1.00 87.02  ? 194 GLN A O   1 
ATOM   774  C  CB  . GLN A 1 101 ? 3.425   -15.670 -1.297  1.00 96.57  ? 194 GLN A CB  1 
ATOM   775  C  CG  . GLN A 1 101 ? 3.325   -14.150 -1.386  1.00 92.07  ? 194 GLN A CG  1 
ATOM   776  C  CD  . GLN A 1 101 ? 2.291   -13.636 -2.359  1.00 85.46  ? 194 GLN A CD  1 
ATOM   777  O  OE1 . GLN A 1 101 ? 1.462   -14.370 -2.889  1.00 77.29  ? 194 GLN A OE1 1 
ATOM   778  N  NE2 . GLN A 1 101 ? 2.327   -12.335 -2.590  1.00 88.98  ? 194 GLN A NE2 1 
ATOM   779  N  N   . ILE A 1 102 ? 4.588   -14.759 1.756   1.00 88.48  ? 195 ILE A N   1 
ATOM   780  C  CA  . ILE A 1 102 ? 4.137   -14.082 3.011   1.00 87.95  ? 195 ILE A CA  1 
ATOM   781  C  C   . ILE A 1 102 ? 3.221   -12.916 2.611   1.00 87.35  ? 195 ILE A C   1 
ATOM   782  O  O   . ILE A 1 102 ? 3.741   -11.919 2.083   1.00 91.51  ? 195 ILE A O   1 
ATOM   783  C  CB  . ILE A 1 102 ? 5.347   -13.605 3.842   1.00 90.85  ? 195 ILE A CB  1 
ATOM   784  C  CG1 . ILE A 1 102 ? 6.414   -14.694 3.985   1.00 94.30  ? 195 ILE A CG1 1 
ATOM   785  C  CG2 . ILE A 1 102 ? 4.902   -13.081 5.197   1.00 92.57  ? 195 ILE A CG2 1 
ATOM   786  C  CD1 . ILE A 1 102 ? 5.873   -16.028 4.453   1.00 95.75  ? 195 ILE A CD1 1 
ATOM   787  N  N   . SER A 1 103 ? 1.907   -13.051 2.816   1.00 85.21  ? 196 SER A N   1 
ATOM   788  C  CA  . SER A 1 103 ? 0.875   -12.062 2.400   1.00 90.75  ? 196 SER A CA  1 
ATOM   789  C  C   . SER A 1 103 ? 0.230   -11.432 3.639   1.00 90.83  ? 196 SER A C   1 
ATOM   790  O  O   . SER A 1 103 ? 0.244   -12.068 4.699   1.00 96.48  ? 196 SER A O   1 
ATOM   791  C  CB  . SER A 1 103 ? -0.165  -12.698 1.507   1.00 89.78  ? 196 SER A CB  1 
ATOM   792  O  OG  . SER A 1 103 ? 0.424   -13.207 0.318   1.00 89.62  ? 196 SER A OG  1 
ATOM   793  N  N   . LEU A 1 104 ? -0.304  -10.217 3.507   1.00 89.50  ? 197 LEU A N   1 
ATOM   794  C  CA  . LEU A 1 104 ? -1.118  -9.562  4.563   1.00 88.05  ? 197 LEU A CA  1 
ATOM   795  C  C   . LEU A 1 104 ? -2.501  -10.215 4.560   1.00 86.11  ? 197 LEU A C   1 
ATOM   796  O  O   . LEU A 1 104 ? -3.086  -10.330 3.468   1.00 95.48  ? 197 LEU A O   1 
ATOM   797  C  CB  . LEU A 1 104 ? -1.211  -8.055  4.289   1.00 91.98  ? 197 LEU A CB  1 
ATOM   798  C  CG  . LEU A 1 104 ? -0.118  -7.193  4.917   1.00 90.96  ? 197 LEU A CG  1 
ATOM   799  C  CD1 . LEU A 1 104 ? 1.263   -7.734  4.609   1.00 92.45  ? 197 LEU A CD1 1 
ATOM   800  C  CD2 . LEU A 1 104 ? -0.224  -5.759  4.435   1.00 92.94  ? 197 LEU A CD2 1 
ATOM   801  N  N   . GLY A 1 105 ? -2.991  -10.630 5.731   1.00 82.60  ? 198 GLY A N   1 
ATOM   802  C  CA  . GLY A 1 105 ? -4.356  -11.162 5.915   1.00 81.50  ? 198 GLY A CA  1 
ATOM   803  C  C   . GLY A 1 105 ? -5.378  -10.045 5.852   1.00 78.26  ? 198 GLY A C   1 
ATOM   804  O  O   . GLY A 1 105 ? -4.968  -8.899  5.651   1.00 85.40  ? 198 GLY A O   1 
ATOM   805  N  N   . SER A 1 106 ? -6.662  -10.364 6.014   1.00 83.02  ? 199 SER A N   1 
ATOM   806  C  CA  . SER A 1 106 ? -7.771  -9.376  6.102   1.00 91.00  ? 199 SER A CA  1 
ATOM   807  C  C   . SER A 1 106 ? -8.861  -9.898  7.046   1.00 93.70  ? 199 SER A C   1 
ATOM   808  O  O   . SER A 1 106 ? -9.091  -11.115 7.056   1.00 100.91 ? 199 SER A O   1 
ATOM   809  C  CB  . SER A 1 106 ? -8.326  -9.052  4.735   1.00 92.60  ? 199 SER A CB  1 
ATOM   810  O  OG  . SER A 1 106 ? -8.804  -10.219 4.080   1.00 92.67  ? 199 SER A OG  1 
ATOM   811  N  N   . ARG A 1 107 ? -9.500  -9.011  7.811   1.00 98.48  ? 200 ARG A N   1 
ATOM   812  C  CA  . ARG A 1 107 ? -10.640 -9.361  8.700   1.00 105.65 ? 200 ARG A CA  1 
ATOM   813  C  C   . ARG A 1 107 ? -11.651 -10.202 7.909   1.00 104.73 ? 200 ARG A C   1 
ATOM   814  O  O   . ARG A 1 107 ? -11.978 -11.314 8.362   1.00 109.34 ? 200 ARG A O   1 
ATOM   815  C  CB  . ARG A 1 107 ? -11.309 -8.102  9.261   1.00 112.63 ? 200 ARG A CB  1 
ATOM   816  C  CG  . ARG A 1 107 ? -10.500 -7.387  10.333  1.00 116.40 ? 200 ARG A CG  1 
ATOM   817  C  CD  . ARG A 1 107 ? -11.234 -6.191  10.913  1.00 122.54 ? 200 ARG A CD  1 
ATOM   818  N  NE  . ARG A 1 107 ? -10.398 -5.496  11.883  1.00 129.95 ? 200 ARG A NE  1 
ATOM   819  C  CZ  . ARG A 1 107 ? -9.420  -4.641  11.587  1.00 132.64 ? 200 ARG A CZ  1 
ATOM   820  N  NH1 . ARG A 1 107 ? -9.141  -4.340  10.328  1.00 134.22 ? 200 ARG A NH1 1 
ATOM   821  N  NH2 . ARG A 1 107 ? -8.721  -4.082  12.559  1.00 131.52 ? 200 ARG A NH2 1 
ATOM   822  N  N   . SER A 1 108 ? -12.099 -9.697  6.756   1.00 103.77 ? 201 SER A N   1 
ATOM   823  C  CA  . SER A 1 108 ? -13.148 -10.319 5.905   1.00 107.04 ? 201 SER A CA  1 
ATOM   824  C  C   . SER A 1 108 ? -12.652 -11.648 5.319   1.00 112.09 ? 201 SER A C   1 
ATOM   825  O  O   . SER A 1 108 ? -13.506 -12.464 4.908   1.00 120.64 ? 201 SER A O   1 
ATOM   826  C  CB  . SER A 1 108 ? -13.595 -9.373  4.818   1.00 104.82 ? 201 SER A CB  1 
ATOM   827  O  OG  . SER A 1 108 ? -12.493 -8.932  4.041   1.00 102.68 ? 201 SER A OG  1 
ATOM   828  N  N   . GLY A 1 109 ? -11.330 -11.849 5.261   1.00 110.09 ? 202 GLY A N   1 
ATOM   829  C  CA  . GLY A 1 109 ? -10.691 -13.041 4.670   1.00 104.61 ? 202 GLY A CA  1 
ATOM   830  C  C   . GLY A 1 109 ? -10.547 -12.903 3.164   1.00 107.76 ? 202 GLY A C   1 
ATOM   831  O  O   . GLY A 1 109 ? -9.599  -13.487 2.612   1.00 110.87 ? 202 GLY A O   1 
ATOM   832  N  N   . GLN A 1 110 ? -11.456 -12.151 2.531   1.00 108.54 ? 203 GLN A N   1 
ATOM   833  C  CA  . GLN A 1 110 ? -11.477 -11.868 1.071   1.00 109.55 ? 203 GLN A CA  1 
ATOM   834  C  C   . GLN A 1 110 ? -10.385 -10.849 0.714   1.00 101.31 ? 203 GLN A C   1 
ATOM   835  O  O   . GLN A 1 110 ? -9.924  -10.130 1.620   1.00 100.31 ? 203 GLN A O   1 
ATOM   836  C  CB  . GLN A 1 110 ? -12.871 -11.380 0.671   1.00 119.41 ? 203 GLN A CB  1 
ATOM   837  C  CG  . GLN A 1 110 ? -13.910 -12.494 0.615   1.00 126.59 ? 203 GLN A CG  1 
ATOM   838  C  CD  . GLN A 1 110 ? -13.695 -13.400 -0.575  1.00 134.23 ? 203 GLN A CD  1 
ATOM   839  O  OE1 . GLN A 1 110 ? -13.944 -13.024 -1.719  1.00 138.31 ? 203 GLN A OE1 1 
ATOM   840  N  NE2 . GLN A 1 110 ? -13.220 -14.607 -0.312  1.00 132.35 ? 203 GLN A NE2 1 
ATOM   841  N  N   . HIS A 1 111 ? -9.989  -10.809 -0.565  1.00 97.35  ? 204 HIS A N   1 
ATOM   842  C  CA  . HIS A 1 111 ? -8.936  -9.923  -1.137  1.00 91.10  ? 204 HIS A CA  1 
ATOM   843  C  C   . HIS A 1 111 ? -9.317  -9.462  -2.547  1.00 89.08  ? 204 HIS A C   1 
ATOM   844  O  O   . HIS A 1 111 ? -9.862  -10.274 -3.312  1.00 85.64  ? 204 HIS A O   1 
ATOM   845  C  CB  . HIS A 1 111 ? -7.596  -10.654 -1.243  1.00 87.50  ? 204 HIS A CB  1 
ATOM   846  C  CG  . HIS A 1 111 ? -6.851  -10.794 0.037   1.00 88.61  ? 204 HIS A CG  1 
ATOM   847  N  ND1 . HIS A 1 111 ? -7.149  -11.779 0.955   1.00 87.44  ? 204 HIS A ND1 1 
ATOM   848  C  CD2 . HIS A 1 111 ? -5.790  -10.115 0.529   1.00 88.51  ? 204 HIS A CD2 1 
ATOM   849  C  CE1 . HIS A 1 111 ? -6.314  -11.691 1.970   1.00 92.44  ? 204 HIS A CE1 1 
ATOM   850  N  NE2 . HIS A 1 111 ? -5.468  -10.675 1.733   1.00 90.17  ? 204 HIS A NE2 1 
ATOM   851  N  N   . SER A 1 112 ? -8.977  -8.221  -2.896  1.00 94.21  ? 205 SER A N   1 
ATOM   852  C  CA  . SER A 1 112 ? -9.086  -7.679  -4.275  1.00 93.93  ? 205 SER A CA  1 
ATOM   853  C  C   . SER A 1 112 ? -8.110  -8.425  -5.186  1.00 93.88  ? 205 SER A C   1 
ATOM   854  O  O   . SER A 1 112 ? -7.064  -8.891  -4.684  1.00 89.13  ? 205 SER A O   1 
ATOM   855  C  CB  . SER A 1 112 ? -8.816  -6.203  -4.301  1.00 96.64  ? 205 SER A CB  1 
ATOM   856  O  OG  . SER A 1 112 ? -7.493  -5.935  -3.859  1.00 101.57 ? 205 SER A OG  1 
ATOM   857  N  N   . ASN A 1 113 ? -8.438  -8.514  -6.478  1.00 98.48  ? 206 ASN A N   1 
ATOM   858  C  CA  . ASN A 1 113 ? -7.558  -9.085  -7.533  1.00 95.42  ? 206 ASN A CA  1 
ATOM   859  C  C   . ASN A 1 113 ? -6.153  -8.504  -7.366  1.00 86.76  ? 206 ASN A C   1 
ATOM   860  O  O   . ASN A 1 113 ? -5.178  -9.269  -7.462  1.00 93.05  ? 206 ASN A O   1 
ATOM   861  C  CB  . ASN A 1 113 ? -8.086  -8.798  -8.941  1.00 100.68 ? 206 ASN A CB  1 
ATOM   862  C  CG  . ASN A 1 113 ? -9.398  -9.491  -9.245  1.00 102.95 ? 206 ASN A CG  1 
ATOM   863  O  OD1 . ASN A 1 113 ? -9.863  -10.329 -8.474  1.00 110.69 ? 206 ASN A OD1 1 
ATOM   864  N  ND2 . ASN A 1 113 ? -10.000 -9.151  -10.371 1.00 105.30 ? 206 ASN A ND2 1 
ATOM   865  N  N   . LEU A 1 114 ? -6.078  -7.198  -7.104  1.00 82.75  ? 207 LEU A N   1 
ATOM   866  C  CA  . LEU A 1 114 ? -4.820  -6.411  -7.053  1.00 78.11  ? 207 LEU A CA  1 
ATOM   867  C  C   . LEU A 1 114 ? -3.932  -6.886  -5.903  1.00 77.49  ? 207 LEU A C   1 
ATOM   868  O  O   . LEU A 1 114 ? -2.696  -6.856  -6.086  1.00 76.69  ? 207 LEU A O   1 
ATOM   869  C  CB  . LEU A 1 114 ? -5.158  -4.929  -6.882  1.00 76.21  ? 207 LEU A CB  1 
ATOM   870  C  CG  . LEU A 1 114 ? -3.950  -4.010  -6.725  1.00 75.25  ? 207 LEU A CG  1 
ATOM   871  C  CD1 . LEU A 1 114 ? -3.167  -3.912  -8.025  1.00 72.36  ? 207 LEU A CD1 1 
ATOM   872  C  CD2 . LEU A 1 114 ? -4.384  -2.637  -6.250  1.00 80.11  ? 207 LEU A CD2 1 
ATOM   873  N  N   . LEU A 1 115 ? -4.528  -7.267  -4.767  1.00 78.11  ? 208 LEU A N   1 
ATOM   874  C  CA  . LEU A 1 115 ? -3.796  -7.471  -3.488  1.00 81.45  ? 208 LEU A CA  1 
ATOM   875  C  C   . LEU A 1 115 ? -3.737  -8.948  -3.084  1.00 84.44  ? 208 LEU A C   1 
ATOM   876  O  O   . LEU A 1 115 ? -2.914  -9.251  -2.201  1.00 89.70  ? 208 LEU A O   1 
ATOM   877  C  CB  . LEU A 1 115 ? -4.448  -6.638  -2.381  1.00 83.00  ? 208 LEU A CB  1 
ATOM   878  C  CG  . LEU A 1 115 ? -4.037  -5.166  -2.334  1.00 81.72  ? 208 LEU A CG  1 
ATOM   879  C  CD1 . LEU A 1 115 ? -4.743  -4.459  -1.194  1.00 84.52  ? 208 LEU A CD1 1 
ATOM   880  C  CD2 . LEU A 1 115 ? -2.530  -5.014  -2.187  1.00 79.74  ? 208 LEU A CD2 1 
ATOM   881  N  N   . ARG A 1 116 ? -4.540  -9.837  -3.682  1.00 86.03  ? 209 ARG A N   1 
ATOM   882  C  CA  . ARG A 1 116 ? -4.571  -11.267 -3.264  1.00 89.39  ? 209 ARG A CA  1 
ATOM   883  C  C   . ARG A 1 116 ? -3.231  -11.921 -3.600  1.00 87.45  ? 209 ARG A C   1 
ATOM   884  O  O   . ARG A 1 116 ? -2.453  -11.397 -4.398  1.00 82.85  ? 209 ARG A O   1 
ATOM   885  C  CB  . ARG A 1 116 ? -5.764  -12.016 -3.868  1.00 96.10  ? 209 ARG A CB  1 
ATOM   886  C  CG  . ARG A 1 116 ? -5.516  -12.651 -5.229  1.00 104.86 ? 209 ARG A CG  1 
ATOM   887  C  CD  . ARG A 1 116 ? -6.787  -13.280 -5.768  1.00 110.40 ? 209 ARG A CD  1 
ATOM   888  N  NE  . ARG A 1 116 ? -7.871  -12.306 -5.790  1.00 118.47 ? 209 ARG A NE  1 
ATOM   889  C  CZ  . ARG A 1 116 ? -9.162  -12.594 -5.896  1.00 125.20 ? 209 ARG A CZ  1 
ATOM   890  N  NH1 . ARG A 1 116 ? -9.564  -13.851 -5.991  1.00 135.68 ? 209 ARG A NH1 1 
ATOM   891  N  NH2 . ARG A 1 116 ? -10.051 -11.615 -5.903  1.00 124.40 ? 209 ARG A NH2 1 
ATOM   892  N  N   . PRO A 1 117 ? -2.908  -13.075 -2.975  1.00 89.17  ? 210 PRO A N   1 
ATOM   893  C  CA  . PRO A 1 117 ? -1.632  -13.748 -3.211  1.00 93.33  ? 210 PRO A CA  1 
ATOM   894  C  C   . PRO A 1 117 ? -1.619  -14.467 -4.569  1.00 94.74  ? 210 PRO A C   1 
ATOM   895  O  O   . PRO A 1 117 ? -2.658  -14.946 -4.992  1.00 89.81  ? 210 PRO A O   1 
ATOM   896  C  CB  . PRO A 1 117 ? -1.511  -14.753 -2.052  1.00 92.22  ? 210 PRO A CB  1 
ATOM   897  C  CG  . PRO A 1 117 ? -2.697  -14.470 -1.138  1.00 90.60  ? 210 PRO A CG  1 
ATOM   898  C  CD  . PRO A 1 117 ? -3.739  -13.798 -2.002  1.00 88.62  ? 210 PRO A CD  1 
ATOM   899  N  N   . VAL A 1 118 ? -0.446  -14.532 -5.202  1.00 96.33  ? 211 VAL A N   1 
ATOM   900  C  CA  . VAL A 1 118 ? -0.225  -15.167 -6.537  1.00 101.97 ? 211 VAL A CA  1 
ATOM   901  C  C   . VAL A 1 118 ? 0.150   -16.645 -6.356  1.00 106.09 ? 211 VAL A C   1 
ATOM   902  O  O   . VAL A 1 118 ? 0.144   -17.376 -7.369  1.00 109.01 ? 211 VAL A O   1 
ATOM   903  C  CB  . VAL A 1 118 ? 0.866   -14.417 -7.328  1.00 105.80 ? 211 VAL A CB  1 
ATOM   904  C  CG1 . VAL A 1 118 ? 0.510   -12.949 -7.512  1.00 106.97 ? 211 VAL A CG1 1 
ATOM   905  C  CG2 . VAL A 1 118 ? 2.245   -14.563 -6.692  1.00 101.09 ? 211 VAL A CG2 1 
ATOM   906  N  N   . SER A 1 119 ? 0.471   -17.055 -5.122  1.00 106.06 ? 212 SER A N   1 
ATOM   907  C  CA  . SER A 1 119 ? 1.048   -18.377 -4.760  1.00 97.88  ? 212 SER A CA  1 
ATOM   908  C  C   . SER A 1 119 ? -0.014  -19.259 -4.093  1.00 101.71 ? 212 SER A C   1 
ATOM   909  O  O   . SER A 1 119 ? -0.931  -18.695 -3.460  1.00 100.25 ? 212 SER A O   1 
ATOM   910  C  CB  . SER A 1 119 ? 2.241   -18.190 -3.866  1.00 89.81  ? 212 SER A CB  1 
ATOM   911  O  OG  . SER A 1 119 ? 2.983   -19.389 -3.764  1.00 92.25  ? 212 SER A OG  1 
ATOM   912  N  N   . ASP A 1 120 ? 0.109   -20.585 -4.235  1.00 112.56 ? 213 ASP A N   1 
ATOM   913  C  CA  . ASP A 1 120 ? -0.740  -21.601 -3.550  1.00 118.94 ? 213 ASP A CA  1 
ATOM   914  C  C   . ASP A 1 120 ? -0.249  -21.742 -2.106  1.00 121.16 ? 213 ASP A C   1 
ATOM   915  O  O   . ASP A 1 120 ? -1.086  -21.749 -1.178  1.00 127.84 ? 213 ASP A O   1 
ATOM   916  C  CB  . ASP A 1 120 ? -0.684  -22.973 -4.227  1.00 119.88 ? 213 ASP A CB  1 
ATOM   917  C  CG  . ASP A 1 120 ? -0.681  -22.935 -5.743  1.00 128.49 ? 213 ASP A CG  1 
ATOM   918  O  OD1 . ASP A 1 120 ? 0.109   -22.158 -6.309  1.00 133.24 ? 213 ASP A OD1 1 
ATOM   919  O  OD2 . ASP A 1 120 ? -1.464  -23.688 -6.346  1.00 146.18 ? 213 ASP A OD2 1 
ATOM   920  N  N   . LYS A 1 121 ? 1.070   -21.865 -1.939  1.00 115.37 ? 214 LYS A N   1 
ATOM   921  C  CA  . LYS A 1 121 ? 1.758   -21.852 -0.624  1.00 116.34 ? 214 LYS A CA  1 
ATOM   922  C  C   . LYS A 1 121 ? 1.675   -20.379 -0.201  1.00 114.56 ? 214 LYS A C   1 
ATOM   923  O  O   . LYS A 1 121 ? 2.343   -19.537 -0.835  1.00 109.64 ? 214 LYS A O   1 
ATOM   924  C  CB  . LYS A 1 121 ? 3.171   -22.428 -0.764  1.00 117.90 ? 214 LYS A CB  1 
ATOM   925  C  CG  . LYS A 1 121 ? 3.234   -23.915 -1.100  1.00 116.49 ? 214 LYS A CG  1 
ATOM   926  C  CD  . LYS A 1 121 ? 4.642   -24.449 -1.298  1.00 116.03 ? 214 LYS A CD  1 
ATOM   927  C  CE  . LYS A 1 121 ? 5.531   -24.289 -0.081  1.00 117.49 ? 214 LYS A CE  1 
ATOM   928  N  NZ  . LYS A 1 121 ? 6.966   -24.413 -0.427  1.00 117.85 ? 214 LYS A NZ  1 
ATOM   929  N  N   . VAL A 1 122 ? 0.874   -20.089 0.830   1.00 112.43 ? 215 VAL A N   1 
ATOM   930  C  CA  . VAL A 1 122 ? 0.600   -18.707 1.326   1.00 111.02 ? 215 VAL A CA  1 
ATOM   931  C  C   . VAL A 1 122 ? 0.569   -18.783 2.859   1.00 102.67 ? 215 VAL A C   1 
ATOM   932  O  O   . VAL A 1 122 ? -0.043  -19.723 3.392   1.00 105.88 ? 215 VAL A O   1 
ATOM   933  C  CB  . VAL A 1 122 ? -0.673  -18.048 0.752   1.00 112.63 ? 215 VAL A CB  1 
ATOM   934  C  CG1 . VAL A 1 122 ? -1.903  -18.938 0.875   1.00 114.62 ? 215 VAL A CG1 1 
ATOM   935  C  CG2 . VAL A 1 122 ? -0.936  -16.689 1.379   1.00 111.92 ? 215 VAL A CG2 1 
ATOM   936  N  N   . LEU A 1 123 ? 1.216   -17.826 3.529   1.00 95.96  ? 216 LEU A N   1 
ATOM   937  C  CA  . LEU A 1 123 ? 1.200   -17.657 5.006   1.00 95.72  ? 216 LEU A CA  1 
ATOM   938  C  C   . LEU A 1 123 ? 0.873   -16.195 5.339   1.00 93.56  ? 216 LEU A C   1 
ATOM   939  O  O   . LEU A 1 123 ? 1.716   -15.320 5.044   1.00 94.75  ? 216 LEU A O   1 
ATOM   940  C  CB  . LEU A 1 123 ? 2.568   -18.057 5.571   1.00 96.57  ? 216 LEU A CB  1 
ATOM   941  C  CG  . LEU A 1 123 ? 2.702   -17.971 7.091   1.00 97.11  ? 216 LEU A CG  1 
ATOM   942  C  CD1 . LEU A 1 123 ? 1.923   -19.092 7.764   1.00 98.83  ? 216 LEU A CD1 1 
ATOM   943  C  CD2 . LEU A 1 123 ? 4.163   -18.004 7.514   1.00 93.14  ? 216 LEU A CD2 1 
ATOM   944  N  N   . PHE A 1 124 ? -0.290  -15.944 5.950   1.00 86.44  ? 217 PHE A N   1 
ATOM   945  C  CA  . PHE A 1 124 ? -0.806  -14.581 6.244   1.00 84.37  ? 217 PHE A CA  1 
ATOM   946  C  C   . PHE A 1 124 ? -0.157  -14.001 7.513   1.00 84.87  ? 217 PHE A C   1 
ATOM   947  O  O   . PHE A 1 124 ? 0.167   -14.751 8.444   1.00 87.26  ? 217 PHE A O   1 
ATOM   948  C  CB  . PHE A 1 124 ? -2.332  -14.595 6.347   1.00 82.60  ? 217 PHE A CB  1 
ATOM   949  C  CG  . PHE A 1 124 ? -3.048  -14.843 5.045   1.00 88.25  ? 217 PHE A CG  1 
ATOM   950  C  CD1 . PHE A 1 124 ? -2.676  -14.176 3.887   1.00 94.21  ? 217 PHE A CD1 1 
ATOM   951  C  CD2 . PHE A 1 124 ? -4.114  -15.725 4.977   1.00 94.56  ? 217 PHE A CD2 1 
ATOM   952  C  CE1 . PHE A 1 124 ? -3.343  -14.402 2.693   1.00 96.72  ? 217 PHE A CE1 1 
ATOM   953  C  CE2 . PHE A 1 124 ? -4.779  -15.952 3.781   1.00 92.07  ? 217 PHE A CE2 1 
ATOM   954  C  CZ  . PHE A 1 124 ? -4.394  -15.289 2.642   1.00 93.44  ? 217 PHE A CZ  1 
ATOM   955  N  N   . VAL A 1 125 ? 0.040   -12.680 7.516   1.00 85.42  ? 218 VAL A N   1 
ATOM   956  C  CA  . VAL A 1 125 ? 0.478   -11.854 8.681   1.00 89.40  ? 218 VAL A CA  1 
ATOM   957  C  C   . VAL A 1 125 ? -0.483  -10.661 8.772   1.00 99.14  ? 218 VAL A C   1 
ATOM   958  O  O   . VAL A 1 125 ? -1.488  -10.672 8.036   1.00 109.41 ? 218 VAL A O   1 
ATOM   959  C  CB  . VAL A 1 125 ? 1.947   -11.411 8.539   1.00 89.48  ? 218 VAL A CB  1 
ATOM   960  C  CG1 . VAL A 1 125 ? 2.894   -12.598 8.533   1.00 88.51  ? 218 VAL A CG1 1 
ATOM   961  C  CG2 . VAL A 1 125 ? 2.180   -10.549 7.308   1.00 93.15  ? 218 VAL A CG2 1 
ATOM   962  N  N   . GLU A 1 126 ? -0.207  -9.672  9.629   1.00 103.65 ? 219 GLU A N   1 
ATOM   963  C  CA  . GLU A 1 126 ? -1.120  -8.517  9.838   1.00 105.40 ? 219 GLU A CA  1 
ATOM   964  C  C   . GLU A 1 126 ? -0.471  -7.214  9.366   1.00 101.76 ? 219 GLU A C   1 
ATOM   965  O  O   . GLU A 1 126 ? -1.219  -6.226  9.217   1.00 107.13 ? 219 GLU A O   1 
ATOM   966  C  CB  . GLU A 1 126 ? -1.523  -8.421  11.310  1.00 114.66 ? 219 GLU A CB  1 
ATOM   967  C  CG  . GLU A 1 126 ? -2.992  -8.090  11.507  1.00 123.65 ? 219 GLU A CG  1 
ATOM   968  C  CD  . GLU A 1 126 ? -3.684  -8.952  12.548  1.00 134.04 ? 219 GLU A CD  1 
ATOM   969  O  OE1 . GLU A 1 126 ? -3.103  -9.142  13.638  1.00 137.76 ? 219 GLU A OE1 1 
ATOM   970  O  OE2 . GLU A 1 126 ? -4.794  -9.448  12.258  1.00 138.32 ? 219 GLU A OE2 1 
ATOM   971  N  N   . ASN A 1 127 ? 0.844   -7.207  9.126   1.00 94.35  ? 220 ASN A N   1 
ATOM   972  C  CA  . ASN A 1 127 ? 1.592   -5.982  8.737   1.00 95.27  ? 220 ASN A CA  1 
ATOM   973  C  C   . ASN A 1 127 ? 2.942   -6.345  8.114   1.00 88.78  ? 220 ASN A C   1 
ATOM   974  O  O   . ASN A 1 127 ? 3.372   -7.503  8.234   1.00 84.74  ? 220 ASN A O   1 
ATOM   975  C  CB  . ASN A 1 127 ? 1.825   -5.073  9.940   1.00 96.64  ? 220 ASN A CB  1 
ATOM   976  C  CG  . ASN A 1 127 ? 2.505   -5.817  11.066  1.00 93.51  ? 220 ASN A CG  1 
ATOM   977  O  OD1 . ASN A 1 127 ? 1.941   -6.762  11.608  1.00 96.77  ? 220 ASN A OD1 1 
ATOM   978  N  ND2 . ASN A 1 127 ? 3.723   -5.420  11.396  1.00 89.10  ? 220 ASN A ND2 1 
ATOM   979  N  N   . PHE A 1 128 ? 3.601   -5.350  7.523   1.00 86.01  ? 221 PHE A N   1 
ATOM   980  C  CA  . PHE A 1 128 ? 4.832   -5.509  6.713   1.00 86.58  ? 221 PHE A CA  1 
ATOM   981  C  C   . PHE A 1 128 ? 6.042   -5.791  7.612   1.00 89.68  ? 221 PHE A C   1 
ATOM   982  O  O   . PHE A 1 128 ? 7.087   -6.155  7.056   1.00 99.42  ? 221 PHE A O   1 
ATOM   983  C  CB  . PHE A 1 128 ? 5.046   -4.277  5.829   1.00 86.78  ? 221 PHE A CB  1 
ATOM   984  C  CG  . PHE A 1 128 ? 3.984   -4.082  4.775   1.00 84.68  ? 221 PHE A CG  1 
ATOM   985  C  CD1 . PHE A 1 128 ? 3.743   -5.056  3.820   1.00 81.07  ? 221 PHE A CD1 1 
ATOM   986  C  CD2 . PHE A 1 128 ? 3.218   -2.928  4.741   1.00 86.23  ? 221 PHE A CD2 1 
ATOM   987  C  CE1 . PHE A 1 128 ? 2.758   -4.881  2.860   1.00 81.34  ? 221 PHE A CE1 1 
ATOM   988  C  CE2 . PHE A 1 128 ? 2.238   -2.751  3.776   1.00 83.19  ? 221 PHE A CE2 1 
ATOM   989  C  CZ  . PHE A 1 128 ? 2.008   -3.731  2.839   1.00 79.57  ? 221 PHE A CZ  1 
ATOM   990  N  N   . ASP A 1 129 ? 5.925   -5.633  8.933   1.00 94.18  ? 222 ASP A N   1 
ATOM   991  C  CA  . ASP A 1 129 ? 7.028   -5.952  9.882   1.00 96.76  ? 222 ASP A CA  1 
ATOM   992  C  C   . ASP A 1 129 ? 7.014   -7.457  10.152  1.00 89.59  ? 222 ASP A C   1 
ATOM   993  O  O   . ASP A 1 129 ? 8.056   -8.100  9.945   1.00 87.97  ? 222 ASP A O   1 
ATOM   994  C  CB  . ASP A 1 129 ? 6.933   -5.127  11.164  1.00 106.43 ? 222 ASP A CB  1 
ATOM   995  C  CG  . ASP A 1 129 ? 7.312   -3.672  10.955  1.00 115.68 ? 222 ASP A CG  1 
ATOM   996  O  OD1 . ASP A 1 129 ? 8.487   -3.423  10.597  1.00 118.24 ? 222 ASP A OD1 1 
ATOM   997  O  OD2 . ASP A 1 129 ? 6.426   -2.803  11.123  1.00 121.72 ? 222 ASP A OD2 1 
ATOM   998  N  N   . ASP A 1 130 ? 5.864   -7.984  10.579  1.00 86.62  ? 223 ASP A N   1 
ATOM   999  C  CA  . ASP A 1 130 ? 5.601   -9.442  10.692  1.00 90.19  ? 223 ASP A CA  1 
ATOM   1000 C  C   . ASP A 1 130 ? 6.047   -10.127 9.397   1.00 90.29  ? 223 ASP A C   1 
ATOM   1001 O  O   . ASP A 1 130 ? 6.666   -11.202 9.495   1.00 97.37  ? 223 ASP A O   1 
ATOM   1002 C  CB  . ASP A 1 130 ? 4.122   -9.735  10.958  1.00 98.08  ? 223 ASP A CB  1 
ATOM   1003 C  CG  . ASP A 1 130 ? 3.696   -9.653  12.416  1.00 100.73 ? 223 ASP A CG  1 
ATOM   1004 O  OD1 . ASP A 1 130 ? 4.523   -9.229  13.257  1.00 98.73  ? 223 ASP A OD1 1 
ATOM   1005 O  OD2 . ASP A 1 130 ? 2.533   -10.024 12.700  1.00 101.66 ? 223 ASP A OD2 1 
ATOM   1006 N  N   . MET A 1 131 ? 5.745   -9.522  8.241   1.00 91.14  ? 224 MET A N   1 
ATOM   1007 C  CA  . MET A 1 131 ? 6.117   -10.039 6.895   1.00 89.11  ? 224 MET A CA  1 
ATOM   1008 C  C   . MET A 1 131 ? 7.646   -10.122 6.759   1.00 90.30  ? 224 MET A C   1 
ATOM   1009 O  O   . MET A 1 131 ? 8.149   -11.225 6.483   1.00 94.83  ? 224 MET A O   1 
ATOM   1010 C  CB  . MET A 1 131 ? 5.572   -9.150  5.772   1.00 85.84  ? 224 MET A CB  1 
ATOM   1011 C  CG  . MET A 1 131 ? 6.144   -9.504  4.403   1.00 84.99  ? 224 MET A CG  1 
ATOM   1012 S  SD  . MET A 1 131 ? 5.596   -8.417  3.073   1.00 80.27  ? 224 MET A SD  1 
ATOM   1013 C  CE  . MET A 1 131 ? 3.886   -8.931  2.936   1.00 81.48  ? 224 MET A CE  1 
ATOM   1014 N  N   . LEU A 1 132 ? 8.353   -9.000  6.912   1.00 88.30  ? 225 LEU A N   1 
ATOM   1015 C  CA  . LEU A 1 132 ? 9.807   -8.901  6.611   1.00 96.27  ? 225 LEU A CA  1 
ATOM   1016 C  C   . LEU A 1 132 ? 10.637  -9.631  7.678   1.00 104.72 ? 225 LEU A C   1 
ATOM   1017 O  O   . LEU A 1 132 ? 11.815  -9.939  7.392   1.00 113.96 ? 225 LEU A O   1 
ATOM   1018 C  CB  . LEU A 1 132 ? 10.202  -7.426  6.500   1.00 99.88  ? 225 LEU A CB  1 
ATOM   1019 C  CG  . LEU A 1 132 ? 9.565   -6.658  5.340   1.00 101.42 ? 225 LEU A CG  1 
ATOM   1020 C  CD1 . LEU A 1 132 ? 10.213  -5.286  5.187   1.00 103.72 ? 225 LEU A CD1 1 
ATOM   1021 C  CD2 . LEU A 1 132 ? 9.650   -7.437  4.035   1.00 101.21 ? 225 LEU A CD2 1 
ATOM   1022 N  N   . ARG A 1 133 ? 10.061  -9.902  8.851   1.00 108.32 ? 226 ARG A N   1 
ATOM   1023 C  CA  . ARG A 1 133 ? 10.654  -10.819 9.861   1.00 110.22 ? 226 ARG A CA  1 
ATOM   1024 C  C   . ARG A 1 133 ? 10.718  -12.224 9.247   1.00 105.13 ? 226 ARG A C   1 
ATOM   1025 O  O   . ARG A 1 133 ? 11.841  -12.732 9.032   1.00 108.74 ? 226 ARG A O   1 
ATOM   1026 C  CB  . ARG A 1 133 ? 9.828   -10.797 11.151  1.00 118.88 ? 226 ARG A CB  1 
ATOM   1027 C  CG  . ARG A 1 133 ? 10.456  -11.540 12.324  1.00 125.44 ? 226 ARG A CG  1 
ATOM   1028 C  CD  . ARG A 1 133 ? 9.570   -11.531 13.557  1.00 128.82 ? 226 ARG A CD  1 
ATOM   1029 N  NE  . ARG A 1 133 ? 8.776   -10.307 13.661  1.00 134.82 ? 226 ARG A NE  1 
ATOM   1030 C  CZ  . ARG A 1 133 ? 9.240   -9.107  14.021  1.00 134.47 ? 226 ARG A CZ  1 
ATOM   1031 N  NH1 . ARG A 1 133 ? 10.518  -8.934  14.322  1.00 135.19 ? 226 ARG A NH1 1 
ATOM   1032 N  NH2 . ARG A 1 133 ? 8.415   -8.073  14.070  1.00 127.49 ? 226 ARG A NH2 1 
ATOM   1033 N  N   . LEU A 1 134 ? 9.550   -12.788 8.920   1.00 90.56  ? 227 LEU A N   1 
ATOM   1034 C  CA  . LEU A 1 134 ? 9.380   -14.146 8.335   1.00 89.71  ? 227 LEU A CA  1 
ATOM   1035 C  C   . LEU A 1 134 ? 10.218  -14.263 7.053   1.00 97.34  ? 227 LEU A C   1 
ATOM   1036 O  O   . LEU A 1 134 ? 10.515  -15.403 6.664   1.00 107.92 ? 227 LEU A O   1 
ATOM   1037 C  CB  . LEU A 1 134 ? 7.885   -14.429 8.157   1.00 86.56  ? 227 LEU A CB  1 
ATOM   1038 C  CG  . LEU A 1 134 ? 7.088   -14.817 9.400   1.00 84.52  ? 227 LEU A CG  1 
ATOM   1039 C  CD1 . LEU A 1 134 ? 5.664   -15.175 9.008   1.00 79.80  ? 227 LEU A CD1 1 
ATOM   1040 C  CD2 . LEU A 1 134 ? 7.734   -15.980 10.138  1.00 88.03  ? 227 LEU A CD2 1 
ATOM   1041 N  N   . VAL A 1 135 ? 10.541  -13.162 6.368   1.00 97.81  ? 228 VAL A N   1 
ATOM   1042 C  CA  . VAL A 1 135 ? 11.247  -13.219 5.054   1.00 99.96  ? 228 VAL A CA  1 
ATOM   1043 C  C   . VAL A 1 135 ? 12.777  -13.182 5.162   1.00 104.77 ? 228 VAL A C   1 
ATOM   1044 O  O   . VAL A 1 135 ? 13.424  -13.870 4.343   1.00 117.68 ? 228 VAL A O   1 
ATOM   1045 C  CB  . VAL A 1 135 ? 10.643  -12.100 4.176   1.00 97.25  ? 228 VAL A CB  1 
ATOM   1046 C  CG1 . VAL A 1 135 ? 11.521  -11.725 2.994   1.00 94.08  ? 228 VAL A CG1 1 
ATOM   1047 C  CG2 . VAL A 1 135 ? 9.251   -12.480 3.687   1.00 93.58  ? 228 VAL A CG2 1 
ATOM   1048 N  N   . GLU A 1 136 ? 13.334  -12.454 6.140   1.00 106.29 ? 229 GLU A N   1 
ATOM   1049 C  CA  . GLU A 1 136 ? 14.797  -12.439 6.431   1.00 112.60 ? 229 GLU A CA  1 
ATOM   1050 C  C   . GLU A 1 136 ? 15.211  -13.806 6.992   1.00 111.28 ? 229 GLU A C   1 
ATOM   1051 O  O   . GLU A 1 136 ? 16.337  -14.248 6.698   1.00 117.26 ? 229 GLU A O   1 
ATOM   1052 C  CB  . GLU A 1 136 ? 15.166  -11.306 7.389   1.00 119.12 ? 229 GLU A CB  1 
ATOM   1053 C  CG  . GLU A 1 136 ? 15.197  -9.937  6.732   1.00 127.57 ? 229 GLU A CG  1 
ATOM   1054 C  CD  . GLU A 1 136 ? 15.821  -8.842  7.585   1.00 133.44 ? 229 GLU A CD  1 
ATOM   1055 O  OE1 . GLU A 1 136 ? 15.676  -8.902  8.822   1.00 134.15 ? 229 GLU A OE1 1 
ATOM   1056 O  OE2 . GLU A 1 136 ? 16.446  -7.925  7.011   1.00 135.80 ? 229 GLU A OE2 1 
ATOM   1057 N  N   . ALA A 1 137 ? 14.286  -14.418 7.705   1.00 106.29 ? 230 ALA A N   1 
ATOM   1058 C  CA  . ALA A 1 137 ? 14.390  -15.844 8.029   1.00 103.63 ? 230 ALA A CA  1 
ATOM   1059 C  C   . ALA A 1 137 ? 13.716  -16.392 6.789   1.00 106.85 ? 230 ALA A C   1 
ATOM   1060 O  O   . ALA A 1 137 ? 12.552  -16.077 6.622   1.00 124.55 ? 230 ALA A O   1 
ATOM   1061 C  CB  . ALA A 1 137 ? 13.531  -16.114 9.213   1.00 102.18 ? 230 ALA A CB  1 
ATOM   1062 N  N   . GLY A 1 138 ? 14.307  -17.269 6.001   1.00 101.36 ? 231 GLY A N   1 
ATOM   1063 C  CA  . GLY A 1 138 ? 13.638  -17.515 4.712   1.00 101.40 ? 231 GLY A CA  1 
ATOM   1064 C  C   . GLY A 1 138 ? 12.435  -18.417 4.764   1.00 95.82  ? 231 GLY A C   1 
ATOM   1065 O  O   . GLY A 1 138 ? 12.465  -19.453 4.155   1.00 103.34 ? 231 GLY A O   1 
ATOM   1066 N  N   . VAL A 1 139 ? 11.341  -17.952 5.319   1.00 90.64  ? 232 VAL A N   1 
ATOM   1067 C  CA  . VAL A 1 139 ? 10.158  -18.825 5.410   1.00 93.25  ? 232 VAL A CA  1 
ATOM   1068 C  C   . VAL A 1 139 ? 9.429   -18.698 4.100   1.00 96.27  ? 232 VAL A C   1 
ATOM   1069 O  O   . VAL A 1 139 ? 8.740   -19.620 3.727   1.00 92.41  ? 232 VAL A O   1 
ATOM   1070 C  CB  . VAL A 1 139 ? 9.285   -18.317 6.546   1.00 96.00  ? 232 VAL A CB  1 
ATOM   1071 C  CG1 . VAL A 1 139 ? 8.261   -19.352 6.921   1.00 95.04  ? 232 VAL A CG1 1 
ATOM   1072 C  CG2 . VAL A 1 139 ? 10.153  -17.950 7.721   1.00 99.28  ? 232 VAL A CG2 1 
ATOM   1073 N  N   . GLY A 1 140 ? 9.565   -17.534 3.491   1.00 102.66 ? 233 GLY A N   1 
ATOM   1074 C  CA  . GLY A 1 140 ? 8.960   -17.246 2.176   1.00 99.40  ? 233 GLY A CA  1 
ATOM   1075 C  C   . GLY A 1 140 ? 9.546   -15.998 1.534   1.00 95.82  ? 233 GLY A C   1 
ATOM   1076 O  O   . GLY A 1 140 ? 10.675  -15.591 1.922   1.00 91.54  ? 233 GLY A O   1 
ATOM   1077 N  N   . TRP A 1 141 ? 8.810   -15.452 0.557   1.00 88.30  ? 234 TRP A N   1 
ATOM   1078 C  CA  . TRP A 1 141 ? 9.047   -14.154 -0.134  1.00 82.92  ? 234 TRP A CA  1 
ATOM   1079 C  C   . TRP A 1 141 ? 7.785   -13.301 0.044   1.00 84.81  ? 234 TRP A C   1 
ATOM   1080 O  O   . TRP A 1 141 ? 6.717   -13.904 0.316   1.00 76.35  ? 234 TRP A O   1 
ATOM   1081 C  CB  . TRP A 1 141 ? 9.370   -14.380 -1.621  1.00 78.47  ? 234 TRP A CB  1 
ATOM   1082 C  CG  . TRP A 1 141 ? 8.241   -15.014 -2.379  1.00 77.05  ? 234 TRP A CG  1 
ATOM   1083 C  CD1 . TRP A 1 141 ? 8.031   -16.346 -2.588  1.00 78.82  ? 234 TRP A CD1 1 
ATOM   1084 C  CD2 . TRP A 1 141 ? 7.123   -14.342 -2.989  1.00 74.18  ? 234 TRP A CD2 1 
ATOM   1085 N  NE1 . TRP A 1 141 ? 6.876   -16.547 -3.298  1.00 74.37  ? 234 TRP A NE1 1 
ATOM   1086 C  CE2 . TRP A 1 141 ? 6.293   -15.336 -3.553  1.00 71.36  ? 234 TRP A CE2 1 
ATOM   1087 C  CE3 . TRP A 1 141 ? 6.751   -12.999 -3.122  1.00 68.41  ? 234 TRP A CE3 1 
ATOM   1088 C  CZ2 . TRP A 1 141 ? 5.115   -15.031 -4.230  1.00 70.31  ? 234 TRP A CZ2 1 
ATOM   1089 C  CZ3 . TRP A 1 141 ? 5.588   -12.703 -3.791  1.00 66.81  ? 234 TRP A CZ3 1 
ATOM   1090 C  CH2 . TRP A 1 141 ? 4.783   -13.701 -4.338  1.00 68.83  ? 234 TRP A CH2 1 
ATOM   1091 N  N   . GLY A 1 142 ? 7.884   -11.975 -0.126  1.00 86.36  ? 235 GLY A N   1 
ATOM   1092 C  CA  . GLY A 1 142 ? 6.722   -11.060 -0.085  1.00 85.17  ? 235 GLY A CA  1 
ATOM   1093 C  C   . GLY A 1 142 ? 6.944   -9.779  -0.873  1.00 79.47  ? 235 GLY A C   1 
ATOM   1094 O  O   . GLY A 1 142 ? 8.115   -9.433  -1.115  1.00 76.43  ? 235 GLY A O   1 
ATOM   1095 N  N   . ILE A 1 143 ? 5.855   -9.107  -1.266  1.00 78.30  ? 236 ILE A N   1 
ATOM   1096 C  CA  . ILE A 1 143 ? 5.875   -7.726  -1.838  1.00 82.41  ? 236 ILE A CA  1 
ATOM   1097 C  C   . ILE A 1 143 ? 5.677   -6.764  -0.669  1.00 77.70  ? 236 ILE A C   1 
ATOM   1098 O  O   . ILE A 1 143 ? 4.691   -6.939  0.074   1.00 77.64  ? 236 ILE A O   1 
ATOM   1099 C  CB  . ILE A 1 143 ? 4.794   -7.493  -2.918  1.00 91.72  ? 236 ILE A CB  1 
ATOM   1100 C  CG1 . ILE A 1 143 ? 4.930   -8.437  -4.109  1.00 103.13 ? 236 ILE A CG1 1 
ATOM   1101 C  CG2 . ILE A 1 143 ? 4.788   -6.051  -3.388  1.00 94.00  ? 236 ILE A CG2 1 
ATOM   1102 C  CD1 . ILE A 1 143 ? 4.270   -9.756  -3.879  1.00 113.92 ? 236 ILE A CD1 1 
ATOM   1103 N  N   . ALA A 1 144 ? 6.557   -5.773  -0.538  1.00 72.24  ? 237 ALA A N   1 
ATOM   1104 C  CA  . ALA A 1 144 ? 6.488   -4.739  0.517   1.00 74.51  ? 237 ALA A CA  1 
ATOM   1105 C  C   . ALA A 1 144 ? 6.788   -3.368  -0.079  1.00 73.38  ? 237 ALA A C   1 
ATOM   1106 O  O   . ALA A 1 144 ? 7.486   -3.270  -1.084  1.00 71.98  ? 237 ALA A O   1 
ATOM   1107 C  CB  . ALA A 1 144 ? 7.449   -5.079  1.624   1.00 76.96  ? 237 ALA A CB  1 
ATOM   1108 N  N   . PRO A 1 145 ? 6.273   -2.274  0.530   1.00 73.69  ? 238 PRO A N   1 
ATOM   1109 C  CA  . PRO A 1 145 ? 6.556   -0.920  0.055   1.00 72.12  ? 238 PRO A CA  1 
ATOM   1110 C  C   . PRO A 1 145 ? 8.055   -0.596  0.094   1.00 71.27  ? 238 PRO A C   1 
ATOM   1111 O  O   . PRO A 1 145 ? 8.737   -1.095  0.956   1.00 71.16  ? 238 PRO A O   1 
ATOM   1112 C  CB  . PRO A 1 145 ? 5.810   -0.003  1.034   1.00 73.35  ? 238 PRO A CB  1 
ATOM   1113 C  CG  . PRO A 1 145 ? 4.788   -0.900  1.708   1.00 73.58  ? 238 PRO A CG  1 
ATOM   1114 C  CD  . PRO A 1 145 ? 5.392   -2.287  1.710   1.00 72.54  ? 238 PRO A CD  1 
ATOM   1115 N  N   . HIS A 1 146 ? 8.519   0.246   -0.824  1.00 76.42  ? 239 HIS A N   1 
ATOM   1116 C  CA  . HIS A 1 146 ? 9.937   0.670   -0.939  1.00 85.48  ? 239 HIS A CA  1 
ATOM   1117 C  C   . HIS A 1 146 ? 10.497  1.051   0.437   1.00 88.02  ? 239 HIS A C   1 
ATOM   1118 O  O   . HIS A 1 146 ? 11.572  0.540   0.783   1.00 93.91  ? 239 HIS A O   1 
ATOM   1119 C  CB  . HIS A 1 146 ? 10.078  1.829   -1.930  1.00 93.24  ? 239 HIS A CB  1 
ATOM   1120 C  CG  . HIS A 1 146 ? 11.440  2.431   -1.927  1.00 100.39 ? 239 HIS A CG  1 
ATOM   1121 N  ND1 . HIS A 1 146 ? 12.548  1.743   -2.388  1.00 102.63 ? 239 HIS A ND1 1 
ATOM   1122 C  CD2 . HIS A 1 146 ? 11.882  3.632   -1.496  1.00 105.81 ? 239 HIS A CD2 1 
ATOM   1123 C  CE1 . HIS A 1 146 ? 13.617  2.499   -2.252  1.00 110.41 ? 239 HIS A CE1 1 
ATOM   1124 N  NE2 . HIS A 1 146 ? 13.234  3.666   -1.709  1.00 116.03 ? 239 HIS A NE2 1 
ATOM   1125 N  N   . TYR A 1 147 ? 9.798   1.913   1.185   1.00 94.58  ? 240 TYR A N   1 
ATOM   1126 C  CA  . TYR A 1 147 ? 10.315  2.580   2.414   1.00 93.36  ? 240 TYR A CA  1 
ATOM   1127 C  C   . TYR A 1 147 ? 10.568  1.555   3.524   1.00 88.95  ? 240 TYR A C   1 
ATOM   1128 O  O   . TYR A 1 147 ? 11.416  1.827   4.381   1.00 92.77  ? 240 TYR A O   1 
ATOM   1129 C  CB  . TYR A 1 147 ? 9.374   3.694   2.887   1.00 93.62  ? 240 TYR A CB  1 
ATOM   1130 C  CG  . TYR A 1 147 ? 8.170   3.258   3.682   1.00 91.19  ? 240 TYR A CG  1 
ATOM   1131 C  CD1 . TYR A 1 147 ? 6.989   2.888   3.053   1.00 95.82  ? 240 TYR A CD1 1 
ATOM   1132 C  CD2 . TYR A 1 147 ? 8.189   3.258   5.066   1.00 90.30  ? 240 TYR A CD2 1 
ATOM   1133 C  CE1 . TYR A 1 147 ? 5.867   2.510   3.777   1.00 92.28  ? 240 TYR A CE1 1 
ATOM   1134 C  CE2 . TYR A 1 147 ? 7.076   2.881   5.804   1.00 91.84  ? 240 TYR A CE2 1 
ATOM   1135 C  CZ  . TYR A 1 147 ? 5.911   2.506   5.159   1.00 88.64  ? 240 TYR A CZ  1 
ATOM   1136 O  OH  . TYR A 1 147 ? 4.817   2.128   5.882   1.00 81.99  ? 240 TYR A OH  1 
ATOM   1137 N  N   . PHE A 1 148 ? 9.863   0.421   3.496   1.00 86.24  ? 241 PHE A N   1 
ATOM   1138 C  CA  . PHE A 1 148 ? 10.015  -0.703  4.458   1.00 90.07  ? 241 PHE A CA  1 
ATOM   1139 C  C   . PHE A 1 148 ? 11.291  -1.509  4.176   1.00 93.91  ? 241 PHE A C   1 
ATOM   1140 O  O   . PHE A 1 148 ? 11.757  -2.245  5.064   1.00 102.62 ? 241 PHE A O   1 
ATOM   1141 C  CB  . PHE A 1 148 ? 8.802   -1.633  4.387   1.00 89.11  ? 241 PHE A CB  1 
ATOM   1142 C  CG  . PHE A 1 148 ? 7.904   -1.548  5.588   1.00 90.27  ? 241 PHE A CG  1 
ATOM   1143 C  CD1 . PHE A 1 148 ? 8.269   -2.159  6.775   1.00 92.51  ? 241 PHE A CD1 1 
ATOM   1144 C  CD2 . PHE A 1 148 ? 6.708   -0.848  5.537   1.00 93.18  ? 241 PHE A CD2 1 
ATOM   1145 C  CE1 . PHE A 1 148 ? 7.454   -2.075  7.890   1.00 97.09  ? 241 PHE A CE1 1 
ATOM   1146 C  CE2 . PHE A 1 148 ? 5.893   -0.768  6.655   1.00 98.34  ? 241 PHE A CE2 1 
ATOM   1147 C  CZ  . PHE A 1 148 ? 6.266   -1.381  7.830   1.00 100.98 ? 241 PHE A CZ  1 
ATOM   1148 N  N   . VAL A 1 149 ? 11.835  -1.384  2.967   1.00 93.81  ? 242 VAL A N   1 
ATOM   1149 C  CA  . VAL A 1 149 ? 12.787  -2.365  2.375   1.00 89.04  ? 242 VAL A CA  1 
ATOM   1150 C  C   . VAL A 1 149 ? 14.134  -1.687  2.081   1.00 90.17  ? 242 VAL A C   1 
ATOM   1151 O  O   . VAL A 1 149 ? 15.155  -2.380  2.199   1.00 92.11  ? 242 VAL A O   1 
ATOM   1152 C  CB  . VAL A 1 149 ? 12.132  -3.010  1.136   1.00 87.62  ? 242 VAL A CB  1 
ATOM   1153 C  CG1 . VAL A 1 149 ? 13.132  -3.645  0.189   1.00 93.70  ? 242 VAL A CG1 1 
ATOM   1154 C  CG2 . VAL A 1 149 ? 11.075  -4.025  1.539   1.00 82.91  ? 242 VAL A CG2 1 
ATOM   1155 N  N   . GLU A 1 150 ? 14.164  -0.394  1.733   1.00 97.35  ? 243 GLU A N   1 
ATOM   1156 C  CA  . GLU A 1 150 ? 15.422  0.326   1.384   1.00 108.71 ? 243 GLU A CA  1 
ATOM   1157 C  C   . GLU A 1 150 ? 16.552  -0.009  2.365   1.00 118.21 ? 243 GLU A C   1 
ATOM   1158 O  O   . GLU A 1 150 ? 17.692  -0.220  1.900   1.00 124.18 ? 243 GLU A O   1 
ATOM   1159 C  CB  . GLU A 1 150 ? 15.245  1.847   1.413   1.00 113.04 ? 243 GLU A CB  1 
ATOM   1160 C  CG  . GLU A 1 150 ? 16.566  2.604   1.340   1.00 119.73 ? 243 GLU A CG  1 
ATOM   1161 C  CD  . GLU A 1 150 ? 16.490  4.102   1.074   1.00 126.94 ? 243 GLU A CD  1 
ATOM   1162 O  OE1 . GLU A 1 150 ? 17.475  4.805   1.391   1.00 132.98 ? 243 GLU A OE1 1 
ATOM   1163 O  OE2 . GLU A 1 150 ? 15.462  4.565   0.541   1.00 127.07 ? 243 GLU A OE2 1 
ATOM   1164 N  N   . GLU A 1 151 ? 16.269  -0.098  3.653   1.00 124.91 ? 244 GLU A N   1 
ATOM   1165 C  CA  . GLU A 1 151 ? 17.363  -0.320  4.626   1.00 123.71 ? 244 GLU A CA  1 
ATOM   1166 C  C   . GLU A 1 151 ? 17.878  -1.738  4.464   1.00 111.59 ? 244 GLU A C   1 
ATOM   1167 O  O   . GLU A 1 151 ? 19.036  -1.928  4.171   1.00 102.95 ? 244 GLU A O   1 
ATOM   1168 C  CB  . GLU A 1 151 ? 16.820  -0.261  6.045   1.00 133.91 ? 244 GLU A CB  1 
ATOM   1169 C  CG  . GLU A 1 151 ? 15.306  -0.356  6.106   1.00 141.01 ? 244 GLU A CG  1 
ATOM   1170 C  CD  . GLU A 1 151 ? 14.712  -1.146  7.265   1.00 142.67 ? 244 GLU A CD  1 
ATOM   1171 O  OE1 . GLU A 1 151 ? 13.524  -1.499  7.173   1.00 137.64 ? 244 GLU A OE1 1 
ATOM   1172 O  OE2 . GLU A 1 151 ? 15.424  -1.396  8.266   1.00 143.46 ? 244 GLU A OE2 1 
ATOM   1173 N  N   . ARG A 1 152 ? 17.007  -2.699  4.653   1.00 106.53 ? 245 ARG A N   1 
ATOM   1174 C  CA  . ARG A 1 152 ? 17.466  -4.113  4.697   1.00 107.29 ? 245 ARG A CA  1 
ATOM   1175 C  C   . ARG A 1 152 ? 18.092  -4.524  3.352   1.00 109.71 ? 245 ARG A C   1 
ATOM   1176 O  O   . ARG A 1 152 ? 18.722  -5.600  3.318   1.00 116.62 ? 245 ARG A O   1 
ATOM   1177 C  CB  . ARG A 1 152 ? 16.298  -5.029  5.079   1.00 99.76  ? 245 ARG A CB  1 
ATOM   1178 C  CG  . ARG A 1 152 ? 15.608  -4.668  6.390   1.00 99.02  ? 245 ARG A CG  1 
ATOM   1179 C  CD  . ARG A 1 152 ? 14.116  -4.500  6.174   1.00 105.22 ? 245 ARG A CD  1 
ATOM   1180 N  NE  . ARG A 1 152 ? 13.274  -4.528  7.365   1.00 104.49 ? 245 ARG A NE  1 
ATOM   1181 C  CZ  . ARG A 1 152 ? 12.960  -5.621  8.062   1.00 104.66 ? 245 ARG A CZ  1 
ATOM   1182 N  NH1 . ARG A 1 152 ? 12.154  -5.525  9.107   1.00 108.66 ? 245 ARG A NH1 1 
ATOM   1183 N  NH2 . ARG A 1 152 ? 13.458  -6.800  7.736   1.00 102.50 ? 245 ARG A NH2 1 
ATOM   1184 N  N   . LEU A 1 153 ? 17.939  -3.731  2.285   1.00 109.00 ? 246 LEU A N   1 
ATOM   1185 C  CA  . LEU A 1 153 ? 18.516  -4.058  0.951   1.00 113.73 ? 246 LEU A CA  1 
ATOM   1186 C  C   . LEU A 1 153 ? 20.004  -3.700  0.944   1.00 116.53 ? 246 LEU A C   1 
ATOM   1187 O  O   . LEU A 1 153 ? 20.813  -4.598  0.647   1.00 117.83 ? 246 LEU A O   1 
ATOM   1188 C  CB  . LEU A 1 153 ? 17.762  -3.328  -0.169  1.00 112.68 ? 246 LEU A CB  1 
ATOM   1189 C  CG  . LEU A 1 153 ? 16.436  -3.957  -0.604  1.00 110.47 ? 246 LEU A CG  1 
ATOM   1190 C  CD1 . LEU A 1 153 ? 15.856  -3.217  -1.800  1.00 111.20 ? 246 LEU A CD1 1 
ATOM   1191 C  CD2 . LEU A 1 153 ? 16.584  -5.438  -0.928  1.00 108.01 ? 246 LEU A CD2 1 
ATOM   1192 N  N   . ARG A 1 154 ? 20.346  -2.446  1.262   1.00 121.17 ? 247 ARG A N   1 
ATOM   1193 C  CA  . ARG A 1 154 ? 21.755  -1.962  1.317   1.00 124.85 ? 247 ARG A CA  1 
ATOM   1194 C  C   . ARG A 1 154 ? 22.466  -2.611  2.516   1.00 123.16 ? 247 ARG A C   1 
ATOM   1195 O  O   . ARG A 1 154 ? 23.710  -2.678  2.492   1.00 123.17 ? 247 ARG A O   1 
ATOM   1196 C  CB  . ARG A 1 154 ? 21.808  -0.430  1.358   1.00 125.10 ? 247 ARG A CB  1 
ATOM   1197 C  CG  . ARG A 1 154 ? 21.344  0.178   2.673   1.00 128.06 ? 247 ARG A CG  1 
ATOM   1198 C  CD  . ARG A 1 154 ? 21.227  1.687   2.617   1.00 131.41 ? 247 ARG A CD  1 
ATOM   1199 N  NE  . ARG A 1 154 ? 20.531  2.190   3.793   1.00 136.60 ? 247 ARG A NE  1 
ATOM   1200 C  CZ  . ARG A 1 154 ? 20.190  3.460   3.998   1.00 139.04 ? 247 ARG A CZ  1 
ATOM   1201 N  NH1 . ARG A 1 154 ? 20.483  4.389   3.102   1.00 140.55 ? 247 ARG A NH1 1 
ATOM   1202 N  NH2 . ARG A 1 154 ? 19.543  3.794   5.101   1.00 140.12 ? 247 ARG A NH2 1 
ATOM   1203 N  N   . ASN A 1 155 ? 21.707  -3.095  3.509   1.00 117.58 ? 248 ASN A N   1 
ATOM   1204 C  CA  . ASN A 1 155 ? 22.222  -3.885  4.663   1.00 113.54 ? 248 ASN A CA  1 
ATOM   1205 C  C   . ASN A 1 155 ? 22.381  -5.362  4.269   1.00 110.83 ? 248 ASN A C   1 
ATOM   1206 O  O   . ASN A 1 155 ? 22.546  -6.190  5.185   1.00 115.61 ? 248 ASN A O   1 
ATOM   1207 C  CB  . ASN A 1 155 ? 21.312  -3.774  5.893   1.00 117.14 ? 248 ASN A CB  1 
ATOM   1208 C  CG  . ASN A 1 155 ? 21.438  -2.457  6.633   1.00 121.27 ? 248 ASN A CG  1 
ATOM   1209 O  OD1 . ASN A 1 155 ? 22.198  -1.577  6.235   1.00 122.95 ? 248 ASN A OD1 1 
ATOM   1210 N  ND2 . ASN A 1 155 ? 20.696  -2.316  7.719   1.00 119.35 ? 248 ASN A ND2 1 
ATOM   1211 N  N   . GLY A 1 156 ? 22.296  -5.694  2.974   1.00 105.95 ? 249 GLY A N   1 
ATOM   1212 C  CA  . GLY A 1 156 ? 22.576  -7.040  2.429   1.00 102.14 ? 249 GLY A CA  1 
ATOM   1213 C  C   . GLY A 1 156 ? 21.629  -8.123  2.939   1.00 100.09 ? 249 GLY A C   1 
ATOM   1214 O  O   . GLY A 1 156 ? 21.668  -9.237  2.382   1.00 93.16  ? 249 GLY A O   1 
ATOM   1215 N  N   . THR A 1 157 ? 20.789  -7.822  3.937   1.00 97.52  ? 250 THR A N   1 
ATOM   1216 C  CA  . THR A 1 157 ? 19.969  -8.811  4.687   1.00 100.06 ? 250 THR A CA  1 
ATOM   1217 C  C   . THR A 1 157 ? 18.761  -9.253  3.851   1.00 102.02 ? 250 THR A C   1 
ATOM   1218 O  O   . THR A 1 157 ? 18.163  -10.289 4.215   1.00 101.29 ? 250 THR A O   1 
ATOM   1219 C  CB  . THR A 1 157 ? 19.540  -8.237  6.043   1.00 105.92 ? 250 THR A CB  1 
ATOM   1220 O  OG1 . THR A 1 157 ? 19.125  -6.886  5.845   1.00 106.95 ? 250 THR A OG1 1 
ATOM   1221 C  CG2 . THR A 1 157 ? 20.647  -8.259  7.073   1.00 110.74 ? 250 THR A CG2 1 
ATOM   1222 N  N   . LEU A 1 158 ? 18.409  -8.492  2.801   1.00 107.85 ? 251 LEU A N   1 
ATOM   1223 C  CA  . LEU A 1 158 ? 17.312  -8.797  1.833   1.00 105.02 ? 251 LEU A CA  1 
ATOM   1224 C  C   . LEU A 1 158 ? 17.794  -8.588  0.390   1.00 104.82 ? 251 LEU A C   1 
ATOM   1225 O  O   . LEU A 1 158 ? 18.679  -7.724  0.164   1.00 96.38  ? 251 LEU A O   1 
ATOM   1226 C  CB  . LEU A 1 158 ? 16.106  -7.891  2.109   1.00 101.84 ? 251 LEU A CB  1 
ATOM   1227 C  CG  . LEU A 1 158 ? 15.129  -8.351  3.191   1.00 94.27  ? 251 LEU A CG  1 
ATOM   1228 C  CD1 . LEU A 1 158 ? 13.946  -7.399  3.273   1.00 90.17  ? 251 LEU A CD1 1 
ATOM   1229 C  CD2 . LEU A 1 158 ? 14.644  -9.772  2.941   1.00 91.67  ? 251 LEU A CD2 1 
ATOM   1230 N  N   . ALA A 1 159 ? 17.195  -9.326  -0.552  1.00 107.36 ? 252 ALA A N   1 
ATOM   1231 C  CA  . ALA A 1 159 ? 17.455  -9.233  -2.009  1.00 110.62 ? 252 ALA A CA  1 
ATOM   1232 C  C   . ALA A 1 159 ? 16.129  -9.062  -2.763  1.00 109.18 ? 252 ALA A C   1 
ATOM   1233 O  O   . ALA A 1 159 ? 15.103  -9.613  -2.303  1.00 109.85 ? 252 ALA A O   1 
ATOM   1234 C  CB  . ALA A 1 159 ? 18.201  -10.458 -2.480  1.00 112.84 ? 252 ALA A CB  1 
ATOM   1235 N  N   . VAL A 1 160 ? 16.172  -8.337  -3.886  1.00 98.84  ? 253 VAL A N   1 
ATOM   1236 C  CA  . VAL A 1 160 ? 15.009  -8.034  -4.773  1.00 94.42  ? 253 VAL A CA  1 
ATOM   1237 C  C   . VAL A 1 160 ? 14.884  -9.159  -5.805  1.00 88.92  ? 253 VAL A C   1 
ATOM   1238 O  O   . VAL A 1 160 ? 15.921  -9.624  -6.286  1.00 89.73  ? 253 VAL A O   1 
ATOM   1239 C  CB  . VAL A 1 160 ? 15.194  -6.672  -5.474  1.00 97.38  ? 253 VAL A CB  1 
ATOM   1240 C  CG1 . VAL A 1 160 ? 13.990  -6.302  -6.324  1.00 102.24 ? 253 VAL A CG1 1 
ATOM   1241 C  CG2 . VAL A 1 160 ? 15.514  -5.554  -4.493  1.00 99.17  ? 253 VAL A CG2 1 
ATOM   1242 N  N   . LEU A 1 161 ? 13.664  -9.566  -6.155  1.00 90.56  ? 254 LEU A N   1 
ATOM   1243 C  CA  . LEU A 1 161 ? 13.411  -10.510 -7.281  1.00 92.08  ? 254 LEU A CA  1 
ATOM   1244 C  C   . LEU A 1 161 ? 12.733  -9.793  -8.460  1.00 92.52  ? 254 LEU A C   1 
ATOM   1245 O  O   . LEU A 1 161 ? 12.884  -10.289 -9.592  1.00 103.71 ? 254 LEU A O   1 
ATOM   1246 C  CB  . LEU A 1 161 ? 12.546  -11.679 -6.793  1.00 90.26  ? 254 LEU A CB  1 
ATOM   1247 C  CG  . LEU A 1 161 ? 12.926  -12.300 -5.447  1.00 87.47  ? 254 LEU A CG  1 
ATOM   1248 C  CD1 . LEU A 1 161 ? 12.147  -13.588 -5.214  1.00 84.16  ? 254 LEU A CD1 1 
ATOM   1249 C  CD2 . LEU A 1 161 ? 14.421  -12.567 -5.348  1.00 84.94  ? 254 LEU A CD2 1 
ATOM   1250 N  N   . SER A 1 162 ? 12.042  -8.671  -8.210  1.00 92.08  ? 255 SER A N   1 
ATOM   1251 C  CA  . SER A 1 162 ? 11.054  -8.012  -9.114  1.00 88.02  ? 255 SER A CA  1 
ATOM   1252 C  C   . SER A 1 162 ? 11.701  -7.442  -10.387 1.00 90.29  ? 255 SER A C   1 
ATOM   1253 O  O   . SER A 1 162 ? 10.964  -7.276  -11.379 1.00 87.74  ? 255 SER A O   1 
ATOM   1254 C  CB  . SER A 1 162 ? 10.305  -6.919  -8.381  1.00 87.79  ? 255 SER A CB  1 
ATOM   1255 O  OG  . SER A 1 162 ? 11.051  -5.703  -8.353  1.00 91.18  ? 255 SER A OG  1 
ATOM   1256 N  N   . GLU A 1 163 ? 13.004  -7.137  -10.368 1.00 88.44  ? 256 GLU A N   1 
ATOM   1257 C  CA  . GLU A 1 163 ? 13.653  -6.221  -11.347 1.00 88.74  ? 256 GLU A CA  1 
ATOM   1258 C  C   . GLU A 1 163 ? 13.387  -6.654  -12.794 1.00 86.11  ? 256 GLU A C   1 
ATOM   1259 O  O   . GLU A 1 163 ? 13.103  -5.765  -13.615 1.00 86.58  ? 256 GLU A O   1 
ATOM   1260 C  CB  . GLU A 1 163 ? 15.147  -6.089  -11.058 1.00 90.94  ? 256 GLU A CB  1 
ATOM   1261 C  CG  . GLU A 1 163 ? 15.422  -5.187  -9.871  1.00 102.23 ? 256 GLU A CG  1 
ATOM   1262 C  CD  . GLU A 1 163 ? 14.871  -3.776  -10.020 1.00 105.76 ? 256 GLU A CD  1 
ATOM   1263 O  OE1 . GLU A 1 163 ? 15.187  -3.138  -11.044 1.00 101.68 ? 256 GLU A OE1 1 
ATOM   1264 O  OE2 . GLU A 1 163 ? 14.111  -3.328  -9.126  1.00 105.98 ? 256 GLU A OE2 1 
ATOM   1265 N  N   . LEU A 1 164 ? 13.462  -7.949  -13.106 1.00 84.30  ? 257 LEU A N   1 
ATOM   1266 C  CA  . LEU A 1 164 ? 13.268  -8.440  -14.498 1.00 82.62  ? 257 LEU A CA  1 
ATOM   1267 C  C   . LEU A 1 164 ? 11.784  -8.427  -14.865 1.00 78.39  ? 257 LEU A C   1 
ATOM   1268 O  O   . LEU A 1 164 ? 11.494  -8.446  -16.067 1.00 79.01  ? 257 LEU A O   1 
ATOM   1269 C  CB  . LEU A 1 164 ? 13.854  -9.844  -14.663 1.00 89.08  ? 257 LEU A CB  1 
ATOM   1270 C  CG  . LEU A 1 164 ? 15.316  -9.897  -15.098 1.00 91.58  ? 257 LEU A CG  1 
ATOM   1271 C  CD1 . LEU A 1 164 ? 15.705  -11.317 -15.473 1.00 98.30  ? 257 LEU A CD1 1 
ATOM   1272 C  CD2 . LEU A 1 164 ? 15.581  -8.952  -16.261 1.00 90.69  ? 257 LEU A CD2 1 
ATOM   1273 N  N   . TYR A 1 165 ? 10.885  -8.417  -13.877 1.00 75.85  ? 258 TYR A N   1 
ATOM   1274 C  CA  . TYR A 1 165 ? 9.425   -8.246  -14.088 1.00 72.22  ? 258 TYR A CA  1 
ATOM   1275 C  C   . TYR A 1 165 ? 9.124   -6.768  -14.363 1.00 73.28  ? 258 TYR A C   1 
ATOM   1276 O  O   . TYR A 1 165 ? 8.424   -6.453  -15.350 1.00 74.76  ? 258 TYR A O   1 
ATOM   1277 C  CB  . TYR A 1 165 ? 8.614   -8.732  -12.884 1.00 70.11  ? 258 TYR A CB  1 
ATOM   1278 C  CG  . TYR A 1 165 ? 7.150   -8.416  -13.012 1.00 67.82  ? 258 TYR A CG  1 
ATOM   1279 C  CD1 . TYR A 1 165 ? 6.299   -9.272  -13.693 1.00 69.27  ? 258 TYR A CD1 1 
ATOM   1280 C  CD2 . TYR A 1 165 ? 6.627   -7.237  -12.509 1.00 64.31  ? 258 TYR A CD2 1 
ATOM   1281 C  CE1 . TYR A 1 165 ? 4.954   -8.981  -13.842 1.00 69.62  ? 258 TYR A CE1 1 
ATOM   1282 C  CE2 . TYR A 1 165 ? 5.286   -6.925  -12.657 1.00 65.59  ? 258 TYR A CE2 1 
ATOM   1283 C  CZ  . TYR A 1 165 ? 4.448   -7.802  -13.323 1.00 68.39  ? 258 TYR A CZ  1 
ATOM   1284 O  OH  . TYR A 1 165 ? 3.125   -7.510  -13.468 1.00 73.59  ? 258 TYR A OH  1 
ATOM   1285 N  N   . GLU A 1 166 ? 9.625   -5.888  -13.494 1.00 72.40  ? 259 GLU A N   1 
ATOM   1286 C  CA  . GLU A 1 166 ? 9.426   -4.422  -13.601 1.00 75.01  ? 259 GLU A CA  1 
ATOM   1287 C  C   . GLU A 1 166 ? 10.654  -3.706  -13.050 1.00 77.83  ? 259 GLU A C   1 
ATOM   1288 O  O   . GLU A 1 166 ? 10.768  -3.467  -11.845 1.00 77.71  ? 259 GLU A O   1 
ATOM   1289 C  CB  . GLU A 1 166 ? 8.155   -4.003  -12.867 1.00 79.63  ? 259 GLU A CB  1 
ATOM   1290 C  CG  . GLU A 1 166 ? 7.795   -2.548  -13.095 1.00 83.23  ? 259 GLU A CG  1 
ATOM   1291 C  CD  . GLU A 1 166 ? 6.324   -2.219  -12.918 1.00 83.89  ? 259 GLU A CD  1 
ATOM   1292 O  OE1 . GLU A 1 166 ? 5.561   -3.107  -12.480 1.00 83.72  ? 259 GLU A OE1 1 
ATOM   1293 O  OE2 . GLU A 1 166 ? 5.944   -1.073  -13.212 1.00 82.41  ? 259 GLU A OE2 1 
ATOM   1294 N  N   . PRO A 1 167 ? 11.618  -3.353  -13.927 1.00 76.80  ? 260 PRO A N   1 
ATOM   1295 C  CA  . PRO A 1 167 ? 12.792  -2.593  -13.506 1.00 73.93  ? 260 PRO A CA  1 
ATOM   1296 C  C   . PRO A 1 167 ? 12.361  -1.371  -12.688 1.00 73.10  ? 260 PRO A C   1 
ATOM   1297 O  O   . PRO A 1 167 ? 11.340  -0.799  -13.003 1.00 76.10  ? 260 PRO A O   1 
ATOM   1298 C  CB  . PRO A 1 167 ? 13.452  -2.174  -14.825 1.00 73.30  ? 260 PRO A CB  1 
ATOM   1299 C  CG  . PRO A 1 167 ? 13.006  -3.237  -15.813 1.00 77.54  ? 260 PRO A CG  1 
ATOM   1300 C  CD  . PRO A 1 167 ? 11.622  -3.658  -15.366 1.00 75.18  ? 260 PRO A CD  1 
ATOM   1301 N  N   . GLY A 1 168 ? 13.135  -1.028  -11.656 1.00 77.63  ? 261 GLY A N   1 
ATOM   1302 C  CA  . GLY A 1 168 ? 12.911  0.151   -10.796 1.00 78.15  ? 261 GLY A CA  1 
ATOM   1303 C  C   . GLY A 1 168 ? 11.866  -0.117  -9.728  1.00 77.91  ? 261 GLY A C   1 
ATOM   1304 O  O   . GLY A 1 168 ? 11.590  0.798   -8.941  1.00 74.74  ? 261 GLY A O   1 
ATOM   1305 N  N   . GLY A 1 169 ? 11.315  -1.333  -9.685  1.00 80.60  ? 262 GLY A N   1 
ATOM   1306 C  CA  . GLY A 1 169 ? 10.250  -1.714  -8.741  1.00 78.76  ? 262 GLY A CA  1 
ATOM   1307 C  C   . GLY A 1 169 ? 8.873   -1.556  -9.358  1.00 76.55  ? 262 GLY A C   1 
ATOM   1308 O  O   . GLY A 1 169 ? 8.724   -0.755  -10.302 1.00 77.51  ? 262 GLY A O   1 
ATOM   1309 N  N   . ILE A 1 170 ? 7.902   -2.293  -8.817  1.00 73.33  ? 263 ILE A N   1 
ATOM   1310 C  CA  . ILE A 1 170 ? 6.515   -2.431  -9.349  1.00 71.00  ? 263 ILE A CA  1 
ATOM   1311 C  C   . ILE A 1 170 ? 5.745   -1.144  -9.051  1.00 70.94  ? 263 ILE A C   1 
ATOM   1312 O  O   . ILE A 1 170 ? 5.409   -0.922  -7.880  1.00 72.86  ? 263 ILE A O   1 
ATOM   1313 C  CB  . ILE A 1 170 ? 5.836   -3.663  -8.721  1.00 69.60  ? 263 ILE A CB  1 
ATOM   1314 C  CG1 . ILE A 1 170 ? 6.559   -4.955  -9.106  1.00 71.80  ? 263 ILE A CG1 1 
ATOM   1315 C  CG2 . ILE A 1 170 ? 4.360   -3.718  -9.073  1.00 67.79  ? 263 ILE A CG2 1 
ATOM   1316 C  CD1 . ILE A 1 170 ? 6.267   -6.118  -8.189  1.00 72.77  ? 263 ILE A CD1 1 
ATOM   1317 N  N   . ASP A 1 171 ? 5.469   -0.331  -10.071 1.00 75.44  ? 264 ASP A N   1 
ATOM   1318 C  CA  . ASP A 1 171 ? 4.637   0.890   -9.921  1.00 79.90  ? 264 ASP A CA  1 
ATOM   1319 C  C   . ASP A 1 171 ? 3.241   0.484   -9.452  1.00 79.84  ? 264 ASP A C   1 
ATOM   1320 O  O   . ASP A 1 171 ? 2.663   -0.453  -10.032 1.00 80.06  ? 264 ASP A O   1 
ATOM   1321 C  CB  . ASP A 1 171 ? 4.589   1.723   -11.199 1.00 85.21  ? 264 ASP A CB  1 
ATOM   1322 C  CG  . ASP A 1 171 ? 5.551   2.890   -11.121 1.00 95.84  ? 264 ASP A CG  1 
ATOM   1323 O  OD1 . ASP A 1 171 ? 5.285   3.800   -10.310 1.00 103.66 ? 264 ASP A OD1 1 
ATOM   1324 O  OD2 . ASP A 1 171 ? 6.586   2.846   -11.816 1.00 102.52 ? 264 ASP A OD2 1 
ATOM   1325 N  N   . THR A 1 172 ? 2.756   1.155   -8.406  1.00 80.81  ? 265 THR A N   1 
ATOM   1326 C  CA  . THR A 1 172 ? 1.393   0.985   -7.842  1.00 79.60  ? 265 THR A CA  1 
ATOM   1327 C  C   . THR A 1 172 ? 0.796   2.376   -7.639  1.00 75.30  ? 265 THR A C   1 
ATOM   1328 O  O   . THR A 1 172 ? 1.502   3.237   -7.082  1.00 70.36  ? 265 THR A O   1 
ATOM   1329 C  CB  . THR A 1 172 ? 1.428   0.175   -6.541  1.00 82.33  ? 265 THR A CB  1 
ATOM   1330 O  OG1 . THR A 1 172 ? 1.930   1.024   -5.510  1.00 86.29  ? 265 THR A OG1 1 
ATOM   1331 C  CG2 . THR A 1 172 ? 2.285   -1.067  -6.642  1.00 82.96  ? 265 THR A CG2 1 
ATOM   1332 N  N   . LYS A 1 173 ? -0.436  2.591   -8.104  1.00 74.68  ? 266 LYS A N   1 
ATOM   1333 C  CA  . LYS A 1 173 ? -1.145  3.882   -7.923  1.00 73.12  ? 266 LYS A CA  1 
ATOM   1334 C  C   . LYS A 1 173 ? -1.566  4.002   -6.459  1.00 76.05  ? 266 LYS A C   1 
ATOM   1335 O  O   . LYS A 1 173 ? -1.932  2.964   -5.848  1.00 80.66  ? 266 LYS A O   1 
ATOM   1336 C  CB  . LYS A 1 173 ? -2.359  3.993   -8.848  1.00 70.93  ? 266 LYS A CB  1 
ATOM   1337 C  CG  . LYS A 1 173 ? -2.017  4.346   -10.284 1.00 71.49  ? 266 LYS A CG  1 
ATOM   1338 C  CD  . LYS A 1 173 ? -3.161  4.138   -11.230 1.00 72.55  ? 266 LYS A CD  1 
ATOM   1339 C  CE  . LYS A 1 173 ? -2.834  4.595   -12.631 1.00 73.36  ? 266 LYS A CE  1 
ATOM   1340 N  NZ  . LYS A 1 173 ? -4.060  5.022   -13.342 1.00 77.78  ? 266 LYS A NZ  1 
ATOM   1341 N  N   . VAL A 1 174 ? -1.470  5.216   -5.920  1.00 72.09  ? 267 VAL A N   1 
ATOM   1342 C  CA  . VAL A 1 174 ? -2.078  5.597   -4.618  1.00 69.81  ? 267 VAL A CA  1 
ATOM   1343 C  C   . VAL A 1 174 ? -3.422  6.249   -4.930  1.00 70.23  ? 267 VAL A C   1 
ATOM   1344 O  O   . VAL A 1 174 ? -3.436  7.324   -5.550  1.00 72.52  ? 267 VAL A O   1 
ATOM   1345 C  CB  . VAL A 1 174 ? -1.153  6.524   -3.816  1.00 68.52  ? 267 VAL A CB  1 
ATOM   1346 C  CG1 . VAL A 1 174 ? -1.815  6.995   -2.531  1.00 66.99  ? 267 VAL A CG1 1 
ATOM   1347 C  CG2 . VAL A 1 174 ? 0.179   5.842   -3.537  1.00 68.42  ? 267 VAL A CG2 1 
ATOM   1348 N  N   . TYR A 1 175 ? -4.505  5.580   -4.549  1.00 73.14  ? 268 TYR A N   1 
ATOM   1349 C  CA  . TYR A 1 175 ? -5.897  6.034   -4.761  1.00 72.25  ? 268 TYR A CA  1 
ATOM   1350 C  C   . TYR A 1 175 ? -6.319  6.919   -3.591  1.00 76.30  ? 268 TYR A C   1 
ATOM   1351 O  O   . TYR A 1 175 ? -5.802  6.748   -2.472  1.00 75.33  ? 268 TYR A O   1 
ATOM   1352 C  CB  . TYR A 1 175 ? -6.807  4.824   -4.956  1.00 70.72  ? 268 TYR A CB  1 
ATOM   1353 C  CG  . TYR A 1 175 ? -6.500  4.116   -6.245  1.00 75.06  ? 268 TYR A CG  1 
ATOM   1354 C  CD1 . TYR A 1 175 ? -6.818  4.709   -7.454  1.00 78.01  ? 268 TYR A CD1 1 
ATOM   1355 C  CD2 . TYR A 1 175 ? -5.837  2.899   -6.269  1.00 75.58  ? 268 TYR A CD2 1 
ATOM   1356 C  CE1 . TYR A 1 175 ? -6.521  4.096   -8.657  1.00 78.68  ? 268 TYR A CE1 1 
ATOM   1357 C  CE2 . TYR A 1 175 ? -5.532  2.270   -7.466  1.00 75.65  ? 268 TYR A CE2 1 
ATOM   1358 C  CZ  . TYR A 1 175 ? -5.876  2.874   -8.663  1.00 74.60  ? 268 TYR A CZ  1 
ATOM   1359 O  OH  . TYR A 1 175 ? -5.591  2.290   -9.860  1.00 80.39  ? 268 TYR A OH  1 
ATOM   1360 N  N   . CYS A 1 176 ? -7.205  7.868   -3.880  1.00 81.43  ? 269 CYS A N   1 
ATOM   1361 C  CA  . CYS A 1 176 ? -7.949  8.680   -2.889  1.00 82.54  ? 269 CYS A CA  1 
ATOM   1362 C  C   . CYS A 1 176 ? -9.441  8.392   -3.062  1.00 74.43  ? 269 CYS A C   1 
ATOM   1363 O  O   . CYS A 1 176 ? -9.997  8.789   -4.093  1.00 74.93  ? 269 CYS A O   1 
ATOM   1364 C  CB  . CYS A 1 176 ? -7.651  10.162  -3.063  1.00 86.84  ? 269 CYS A CB  1 
ATOM   1365 S  SG  . CYS A 1 176 ? -8.652  11.204  -1.975  1.00 98.97  ? 269 CYS A SG  1 
ATOM   1366 N  N   . TYR A 1 177 ? -10.036 7.671   -2.114  1.00 73.52  ? 270 TYR A N   1 
ATOM   1367 C  CA  . TYR A 1 177 ? -11.495 7.401   -2.049  1.00 78.35  ? 270 TYR A CA  1 
ATOM   1368 C  C   . TYR A 1 177 ? -12.126 8.424   -1.109  1.00 77.62  ? 270 TYR A C   1 
ATOM   1369 O  O   . TYR A 1 177 ? -11.864 8.350   0.098   1.00 84.36  ? 270 TYR A O   1 
ATOM   1370 C  CB  . TYR A 1 177 ? -11.780 5.977   -1.567  1.00 79.76  ? 270 TYR A CB  1 
ATOM   1371 C  CG  . TYR A 1 177 ? -11.258 4.906   -2.484  1.00 78.47  ? 270 TYR A CG  1 
ATOM   1372 C  CD1 . TYR A 1 177 ? -9.966  4.429   -2.351  1.00 81.71  ? 270 TYR A CD1 1 
ATOM   1373 C  CD2 . TYR A 1 177 ? -12.044 4.388   -3.498  1.00 77.21  ? 270 TYR A CD2 1 
ATOM   1374 C  CE1 . TYR A 1 177 ? -9.471  3.454   -3.199  1.00 85.60  ? 270 TYR A CE1 1 
ATOM   1375 C  CE2 . TYR A 1 177 ? -11.566 3.411   -4.353  1.00 78.64  ? 270 TYR A CE2 1 
ATOM   1376 C  CZ  . TYR A 1 177 ? -10.276 2.942   -4.199  1.00 82.74  ? 270 TYR A CZ  1 
ATOM   1377 O  OH  . TYR A 1 177 ? -9.786  1.989   -5.036  1.00 86.47  ? 270 TYR A OH  1 
ATOM   1378 N  N   . TYR A 1 178 ? -12.920 9.343   -1.654  1.00 75.65  ? 271 TYR A N   1 
ATOM   1379 C  CA  . TYR A 1 178 ? -13.503 10.492  -0.921  1.00 77.45  ? 271 TYR A CA  1 
ATOM   1380 C  C   . TYR A 1 178 ? -15.030 10.403  -0.979  1.00 76.04  ? 271 TYR A C   1 
ATOM   1381 O  O   . TYR A 1 178 ? -15.571 10.087  -2.043  1.00 73.91  ? 271 TYR A O   1 
ATOM   1382 C  CB  . TYR A 1 178 ? -12.975 11.804  -1.503  1.00 78.19  ? 271 TYR A CB  1 
ATOM   1383 C  CG  . TYR A 1 178 ? -13.408 12.080  -2.917  1.00 77.11  ? 271 TYR A CG  1 
ATOM   1384 C  CD1 . TYR A 1 178 ? -14.594 12.738  -3.179  1.00 79.45  ? 271 TYR A CD1 1 
ATOM   1385 C  CD2 . TYR A 1 178 ? -12.636 11.679  -3.993  1.00 83.23  ? 271 TYR A CD2 1 
ATOM   1386 C  CE1 . TYR A 1 178 ? -15.005 12.995  -4.475  1.00 87.14  ? 271 TYR A CE1 1 
ATOM   1387 C  CE2 . TYR A 1 178 ? -13.031 11.929  -5.297  1.00 89.30  ? 271 TYR A CE2 1 
ATOM   1388 C  CZ  . TYR A 1 178 ? -14.220 12.597  -5.544  1.00 89.20  ? 271 TYR A CZ  1 
ATOM   1389 O  OH  . TYR A 1 178 ? -14.637 12.847  -6.823  1.00 85.55  ? 271 TYR A OH  1 
ATOM   1390 N  N   . ASN A 1 179 ? -15.685 10.669  0.151   1.00 79.52  ? 272 ASN A N   1 
ATOM   1391 C  CA  . ASN A 1 179 ? -17.164 10.732  0.277   1.00 85.47  ? 272 ASN A CA  1 
ATOM   1392 C  C   . ASN A 1 179 ? -17.687 11.719  -0.768  1.00 85.42  ? 272 ASN A C   1 
ATOM   1393 O  O   . ASN A 1 179 ? -17.113 12.816  -0.874  1.00 80.93  ? 272 ASN A O   1 
ATOM   1394 C  CB  . ASN A 1 179 ? -17.589 11.134  1.692   1.00 91.16  ? 272 ASN A CB  1 
ATOM   1395 C  CG  . ASN A 1 179 ? -19.018 10.755  2.007   1.00 92.22  ? 272 ASN A CG  1 
ATOM   1396 O  OD1 . ASN A 1 179 ? -19.950 11.410  1.544   1.00 93.07  ? 272 ASN A OD1 1 
ATOM   1397 N  ND2 . ASN A 1 179 ? -19.190 9.703   2.795   1.00 93.09  ? 272 ASN A ND2 1 
ATOM   1398 N  N   . THR A 1 180 ? -18.721 11.325  -1.518  1.00 91.40  ? 273 THR A N   1 
ATOM   1399 C  CA  . THR A 1 180 ? -19.272 12.077  -2.680  1.00 94.18  ? 273 THR A CA  1 
ATOM   1400 C  C   . THR A 1 180 ? -19.550 13.521  -2.250  1.00 94.84  ? 273 THR A C   1 
ATOM   1401 O  O   . THR A 1 180 ? -19.281 14.438  -3.052  1.00 91.59  ? 273 THR A O   1 
ATOM   1402 C  CB  . THR A 1 180 ? -20.518 11.385  -3.241  1.00 95.67  ? 273 THR A CB  1 
ATOM   1403 O  OG1 . THR A 1 180 ? -20.204 9.996   -3.380  1.00 95.45  ? 273 THR A OG1 1 
ATOM   1404 C  CG2 . THR A 1 180 ? -20.966 11.958  -4.569  1.00 99.71  ? 273 THR A CG2 1 
ATOM   1405 N  N   . ALA A 1 181 ? -20.039 13.690  -1.016  1.00 95.21  ? 274 ALA A N   1 
ATOM   1406 C  CA  . ALA A 1 181 ? -20.284 14.982  -0.334  1.00 94.25  ? 274 ALA A CA  1 
ATOM   1407 C  C   . ALA A 1 181 ? -19.180 16.024  -0.571  1.00 97.08  ? 274 ALA A C   1 
ATOM   1408 O  O   . ALA A 1 181 ? -19.519 17.214  -0.701  1.00 108.94 ? 274 ALA A O   1 
ATOM   1409 C  CB  . ALA A 1 181 ? -20.388 14.747  1.152   1.00 90.01  ? 274 ALA A CB  1 
ATOM   1410 N  N   . LEU A 1 182 ? -17.917 15.588  -0.647  1.00 94.60  ? 275 LEU A N   1 
ATOM   1411 C  CA  . LEU A 1 182 ? -16.720 16.476  -0.612  1.00 96.92  ? 275 LEU A CA  1 
ATOM   1412 C  C   . LEU A 1 182 ? -16.424 16.990  -2.031  1.00 99.58  ? 275 LEU A C   1 
ATOM   1413 O  O   . LEU A 1 182 ? -15.575 17.896  -2.139  1.00 102.91 ? 275 LEU A O   1 
ATOM   1414 C  CB  . LEU A 1 182 ? -15.502 15.745  -0.037  1.00 97.57  ? 275 LEU A CB  1 
ATOM   1415 C  CG  . LEU A 1 182 ? -15.377 15.751  1.486   1.00 96.11  ? 275 LEU A CG  1 
ATOM   1416 C  CD1 . LEU A 1 182 ? -16.467 14.911  2.137   1.00 96.83  ? 275 LEU A CD1 1 
ATOM   1417 C  CD2 . LEU A 1 182 ? -14.004 15.250  1.906   1.00 98.51  ? 275 LEU A CD2 1 
ATOM   1418 N  N   . GLU A 1 183 ? -17.054 16.449  -3.081  1.00 99.69  ? 276 GLU A N   1 
ATOM   1419 C  CA  . GLU A 1 183 ? -16.940 17.021  -4.452  1.00 103.14 ? 276 GLU A CA  1 
ATOM   1420 C  C   . GLU A 1 183 ? -17.658 18.373  -4.422  1.00 113.94 ? 276 GLU A C   1 
ATOM   1421 O  O   . GLU A 1 183 ? -18.704 18.465  -3.739  1.00 117.79 ? 276 GLU A O   1 
ATOM   1422 C  CB  . GLU A 1 183 ? -17.467 16.050  -5.515  1.00 109.19 ? 276 GLU A CB  1 
ATOM   1423 C  CG  . GLU A 1 183 ? -18.978 16.057  -5.709  1.00 117.43 ? 276 GLU A CG  1 
ATOM   1424 C  CD  . GLU A 1 183 ? -19.559 14.854  -6.443  1.00 121.17 ? 276 GLU A CD  1 
ATOM   1425 O  OE1 . GLU A 1 183 ? -18.835 13.854  -6.626  1.00 123.30 ? 276 GLU A OE1 1 
ATOM   1426 O  OE2 . GLU A 1 183 ? -20.746 14.915  -6.829  1.00 124.92 ? 276 GLU A OE2 1 
ATOM   1427 N  N   . SER A 1 184 ? -17.094 19.387  -5.084  1.00 121.91 ? 277 SER A N   1 
ATOM   1428 C  CA  . SER A 1 184 ? -17.536 20.808  -5.019  1.00 123.55 ? 277 SER A CA  1 
ATOM   1429 C  C   . SER A 1 184 ? -17.517 21.296  -3.560  1.00 119.50 ? 277 SER A C   1 
ATOM   1430 O  O   . SER A 1 184 ? -18.551 21.807  -3.082  1.00 117.35 ? 277 SER A O   1 
ATOM   1431 C  CB  . SER A 1 184 ? -18.891 21.002  -5.673  1.00 125.67 ? 277 SER A CB  1 
ATOM   1432 O  OG  . SER A 1 184 ? -19.905 20.271  -4.999  1.00 125.33 ? 277 SER A OG  1 
ATOM   1433 N  N   . GLU A 1 185 ? -16.383 21.093  -2.880  1.00 115.69 ? 278 GLU A N   1 
ATOM   1434 C  CA  . GLU A 1 185 ? -15.994 21.740  -1.597  1.00 111.00 ? 278 GLU A CA  1 
ATOM   1435 C  C   . GLU A 1 185 ? -14.560 22.243  -1.759  1.00 106.64 ? 278 GLU A C   1 
ATOM   1436 O  O   . GLU A 1 185 ? -13.652 21.400  -1.744  1.00 100.63 ? 278 GLU A O   1 
ATOM   1437 C  CB  . GLU A 1 185 ? -16.050 20.757  -0.426  1.00 109.36 ? 278 GLU A CB  1 
ATOM   1438 C  CG  . GLU A 1 185 ? -17.444 20.266  -0.102  1.00 115.80 ? 278 GLU A CG  1 
ATOM   1439 C  CD  . GLU A 1 185 ? -18.258 21.217  0.755   1.00 120.88 ? 278 GLU A CD  1 
ATOM   1440 O  OE1 . GLU A 1 185 ? -18.633 20.815  1.875   1.00 124.31 ? 278 GLU A OE1 1 
ATOM   1441 O  OE2 . GLU A 1 185 ? -18.516 22.350  0.300   1.00 124.46 ? 278 GLU A OE2 1 
ATOM   1442 N  N   . ARG A 1 186 ? -14.368 23.549  -1.947  1.00 113.83 ? 279 ARG A N   1 
ATOM   1443 C  CA  . ARG A 1 186 ? -13.041 24.137  -2.275  1.00 123.43 ? 279 ARG A CA  1 
ATOM   1444 C  C   . ARG A 1 186 ? -11.972 23.526  -1.356  1.00 120.61 ? 279 ARG A C   1 
ATOM   1445 O  O   . ARG A 1 186 ? -10.872 23.221  -1.860  1.00 121.50 ? 279 ARG A O   1 
ATOM   1446 C  CB  . ARG A 1 186 ? -13.076 25.665  -2.171  1.00 131.51 ? 279 ARG A CB  1 
ATOM   1447 C  CG  . ARG A 1 186 ? -13.784 26.348  -3.331  1.00 138.16 ? 279 ARG A CG  1 
ATOM   1448 C  CD  . ARG A 1 186 ? -13.527 27.843  -3.383  1.00 144.61 ? 279 ARG A CD  1 
ATOM   1449 N  NE  . ARG A 1 186 ? -14.442 28.514  -4.299  1.00 149.98 ? 279 ARG A NE  1 
ATOM   1450 C  CZ  . ARG A 1 186 ? -14.338 28.527  -5.629  1.00 146.33 ? 279 ARG A CZ  1 
ATOM   1451 N  NH1 . ARG A 1 186 ? -13.344 27.900  -6.237  1.00 148.00 ? 279 ARG A NH1 1 
ATOM   1452 N  NH2 . ARG A 1 186 ? -15.239 29.171  -6.350  1.00 143.07 ? 279 ARG A NH2 1 
ATOM   1453 N  N   . SER A 1 187 ? -12.299 23.340  -0.070  1.00 111.27 ? 280 SER A N   1 
ATOM   1454 C  CA  . SER A 1 187 ? -11.407 22.792  0.987   1.00 106.67 ? 280 SER A CA  1 
ATOM   1455 C  C   . SER A 1 187 ? -10.784 21.458  0.548   1.00 99.05  ? 280 SER A C   1 
ATOM   1456 O  O   . SER A 1 187 ? -9.562  21.288  0.736   1.00 90.43  ? 280 SER A O   1 
ATOM   1457 C  CB  . SER A 1 187 ? -12.148 22.653  2.292   1.00 106.53 ? 280 SER A CB  1 
ATOM   1458 O  OG  . SER A 1 187 ? -13.492 22.257  2.067   1.00 112.60 ? 280 SER A OG  1 
ATOM   1459 N  N   . PHE A 1 188 ? -11.590 20.556  -0.020  1.00 96.88  ? 281 PHE A N   1 
ATOM   1460 C  CA  . PHE A 1 188 ? -11.148 19.222  -0.505  1.00 93.56  ? 281 PHE A CA  1 
ATOM   1461 C  C   . PHE A 1 188 ? -10.360 19.366  -1.816  1.00 91.29  ? 281 PHE A C   1 
ATOM   1462 O  O   . PHE A 1 188 ? -9.267  18.779  -1.921  1.00 89.23  ? 281 PHE A O   1 
ATOM   1463 C  CB  . PHE A 1 188 ? -12.328 18.263  -0.683  1.00 90.25  ? 281 PHE A CB  1 
ATOM   1464 C  CG  . PHE A 1 188 ? -11.907 16.925  -1.235  1.00 91.46  ? 281 PHE A CG  1 
ATOM   1465 C  CD1 . PHE A 1 188 ? -11.158 16.047  -0.468  1.00 89.10  ? 281 PHE A CD1 1 
ATOM   1466 C  CD2 . PHE A 1 188 ? -12.203 16.570  -2.542  1.00 94.12  ? 281 PHE A CD2 1 
ATOM   1467 C  CE1 . PHE A 1 188 ? -10.741 14.832  -0.985  1.00 87.55  ? 281 PHE A CE1 1 
ATOM   1468 C  CE2 . PHE A 1 188 ? -11.788 15.352  -3.057  1.00 92.36  ? 281 PHE A CE2 1 
ATOM   1469 C  CZ  . PHE A 1 188 ? -11.057 14.487  -2.278  1.00 90.40  ? 281 PHE A CZ  1 
ATOM   1470 N  N   . LEU A 1 189 ? -10.891 20.103  -2.797  1.00 90.05  ? 282 LEU A N   1 
ATOM   1471 C  CA  . LEU A 1 189 ? -10.185 20.346  -4.084  1.00 99.11  ? 282 LEU A CA  1 
ATOM   1472 C  C   . LEU A 1 189 ? -8.836  21.028  -3.792  1.00 103.03 ? 282 LEU A C   1 
ATOM   1473 O  O   . LEU A 1 189 ? -7.861  20.747  -4.530  1.00 100.41 ? 282 LEU A O   1 
ATOM   1474 C  CB  . LEU A 1 189 ? -11.075 21.178  -5.016  1.00 105.31 ? 282 LEU A CB  1 
ATOM   1475 C  CG  . LEU A 1 189 ? -10.443 21.589  -6.351  1.00 115.68 ? 282 LEU A CG  1 
ATOM   1476 C  CD1 . LEU A 1 189 ? -9.864  20.391  -7.096  1.00 116.65 ? 282 LEU A CD1 1 
ATOM   1477 C  CD2 . LEU A 1 189 ? -11.448 22.318  -7.231  1.00 116.08 ? 282 LEU A CD2 1 
ATOM   1478 N  N   . ARG A 1 190 ? -8.773  21.865  -2.745  1.00 104.80 ? 283 ARG A N   1 
ATOM   1479 C  CA  . ARG A 1 190 ? -7.520  22.507  -2.256  1.00 102.86 ? 283 ARG A CA  1 
ATOM   1480 C  C   . ARG A 1 190 ? -6.580  21.421  -1.720  1.00 91.01  ? 283 ARG A C   1 
ATOM   1481 O  O   . ARG A 1 190 ? -5.404  21.415  -2.124  1.00 90.77  ? 283 ARG A O   1 
ATOM   1482 C  CB  . ARG A 1 190 ? -7.797  23.573  -1.187  1.00 112.28 ? 283 ARG A CB  1 
ATOM   1483 C  CG  . ARG A 1 190 ? -8.026  24.976  -1.740  1.00 121.97 ? 283 ARG A CG  1 
ATOM   1484 C  CD  . ARG A 1 190 ? -7.924  26.076  -0.687  1.00 126.42 ? 283 ARG A CD  1 
ATOM   1485 N  NE  . ARG A 1 190 ? -9.159  26.143  0.099   1.00 129.84 ? 283 ARG A NE  1 
ATOM   1486 C  CZ  . ARG A 1 190 ? -10.247 26.852  -0.218  1.00 132.62 ? 283 ARG A CZ  1 
ATOM   1487 N  NH1 . ARG A 1 190 ? -10.270 27.601  -1.315  1.00 136.55 ? 283 ARG A NH1 1 
ATOM   1488 N  NH2 . ARG A 1 190 ? -11.337 26.767  0.550   1.00 128.49 ? 283 ARG A NH2 1 
ATOM   1489 N  N   . PHE A 1 191 ? -7.076  20.537  -0.854  1.00 84.28  ? 284 PHE A N   1 
ATOM   1490 C  CA  . PHE A 1 191 ? -6.310  19.387  -0.299  1.00 88.81  ? 284 PHE A CA  1 
ATOM   1491 C  C   . PHE A 1 191 ? -5.712  18.550  -1.433  1.00 93.72  ? 284 PHE A C   1 
ATOM   1492 O  O   . PHE A 1 191 ? -4.517  18.200  -1.377  1.00 95.21  ? 284 PHE A O   1 
ATOM   1493 C  CB  . PHE A 1 191 ? -7.191  18.466  0.545   1.00 87.52  ? 284 PHE A CB  1 
ATOM   1494 C  CG  . PHE A 1 191 ? -6.675  17.055  0.671   1.00 84.87  ? 284 PHE A CG  1 
ATOM   1495 C  CD1 . PHE A 1 191 ? -5.493  16.789  1.340   1.00 85.00  ? 284 PHE A CD1 1 
ATOM   1496 C  CD2 . PHE A 1 191 ? -7.373  15.988  0.126   1.00 89.85  ? 284 PHE A CD2 1 
ATOM   1497 C  CE1 . PHE A 1 191 ? -5.022  15.491  1.464   1.00 86.80  ? 284 PHE A CE1 1 
ATOM   1498 C  CE2 . PHE A 1 191 ? -6.902  14.690  0.251   1.00 91.01  ? 284 PHE A CE2 1 
ATOM   1499 C  CZ  . PHE A 1 191 ? -5.726  14.443  0.920   1.00 87.88  ? 284 PHE A CZ  1 
ATOM   1500 N  N   . LEU A 1 192 ? -6.554  18.222  -2.413  1.00 98.08  ? 285 LEU A N   1 
ATOM   1501 C  CA  . LEU A 1 192 ? -6.219  17.360  -3.576  1.00 97.93  ? 285 LEU A CA  1 
ATOM   1502 C  C   . LEU A 1 192 ? -5.095  18.029  -4.373  1.00 106.85 ? 285 LEU A C   1 
ATOM   1503 O  O   . LEU A 1 192 ? -4.026  17.395  -4.528  1.00 104.21 ? 285 LEU A O   1 
ATOM   1504 C  CB  . LEU A 1 192 ? -7.487  17.174  -4.418  1.00 94.99  ? 285 LEU A CB  1 
ATOM   1505 C  CG  . LEU A 1 192 ? -7.665  15.818  -5.095  1.00 90.68  ? 285 LEU A CG  1 
ATOM   1506 C  CD1 . LEU A 1 192 ? -7.371  14.670  -4.138  1.00 92.53  ? 285 LEU A CD1 1 
ATOM   1507 C  CD2 . LEU A 1 192 ? -9.073  15.694  -5.645  1.00 88.72  ? 285 LEU A CD2 1 
ATOM   1508 N  N   . GLU A 1 193 ? -5.328  19.272  -4.815  1.00 116.20 ? 286 GLU A N   1 
ATOM   1509 C  CA  . GLU A 1 193 ? -4.392  20.082  -5.642  1.00 120.00 ? 286 GLU A CA  1 
ATOM   1510 C  C   . GLU A 1 193 ? -3.023  20.141  -4.956  1.00 116.34 ? 286 GLU A C   1 
ATOM   1511 O  O   . GLU A 1 193 ? -2.013  19.879  -5.631  1.00 115.07 ? 286 GLU A O   1 
ATOM   1512 C  CB  . GLU A 1 193 ? -4.948  21.491  -5.857  1.00 126.91 ? 286 GLU A CB  1 
ATOM   1513 C  CG  . GLU A 1 193 ? -4.112  22.340  -6.802  1.00 135.34 ? 286 GLU A CG  1 
ATOM   1514 C  CD  . GLU A 1 193 ? -4.381  23.834  -6.718  1.00 141.21 ? 286 GLU A CD  1 
ATOM   1515 O  OE1 . GLU A 1 193 ? -5.460  24.215  -6.219  1.00 142.74 ? 286 GLU A OE1 1 
ATOM   1516 O  OE2 . GLU A 1 193 ? -3.506  24.614  -7.144  1.00 144.17 ? 286 GLU A OE2 1 
ATOM   1517 N  N   . SER A 1 194 ? -3.002  20.469  -3.663  1.00 111.02 ? 287 SER A N   1 
ATOM   1518 C  CA  . SER A 1 194 ? -1.767  20.663  -2.859  1.00 110.12 ? 287 SER A CA  1 
ATOM   1519 C  C   . SER A 1 194 ? -1.074  19.315  -2.624  1.00 106.73 ? 287 SER A C   1 
ATOM   1520 O  O   . SER A 1 194 ? 0.115   19.205  -2.979  1.00 110.78 ? 287 SER A O   1 
ATOM   1521 C  CB  . SER A 1 194 ? -2.069  21.374  -1.566  1.00 111.82 ? 287 SER A CB  1 
ATOM   1522 O  OG  . SER A 1 194 ? -2.659  22.644  -1.810  1.00 103.67 ? 287 SER A OG  1 
ATOM   1523 N  N   . ALA A 1 195 ? -1.785  18.335  -2.052  1.00 99.75  ? 288 ALA A N   1 
ATOM   1524 C  CA  . ALA A 1 195 ? -1.259  16.982  -1.745  1.00 99.32  ? 288 ALA A CA  1 
ATOM   1525 C  C   . ALA A 1 195 ? -0.547  16.429  -2.983  1.00 108.22 ? 288 ALA A C   1 
ATOM   1526 O  O   . ALA A 1 195 ? 0.628   16.044  -2.862  1.00 112.61 ? 288 ALA A O   1 
ATOM   1527 C  CB  . ALA A 1 195 ? -2.366  16.064  -1.296  1.00 93.79  ? 288 ALA A CB  1 
ATOM   1528 N  N   . ARG A 1 196 ? -1.229  16.432  -4.133  1.00 111.45 ? 289 ARG A N   1 
ATOM   1529 C  CA  . ARG A 1 196 ? -0.669  16.015  -5.447  1.00 112.34 ? 289 ARG A CA  1 
ATOM   1530 C  C   . ARG A 1 196 ? 0.587   16.799  -5.838  1.00 121.40 ? 289 ARG A C   1 
ATOM   1531 O  O   . ARG A 1 196 ? 1.618   16.148  -6.110  1.00 126.02 ? 289 ARG A O   1 
ATOM   1532 C  CB  . ARG A 1 196 ? -1.680  16.250  -6.572  1.00 104.79 ? 289 ARG A CB  1 
ATOM   1533 C  CG  . ARG A 1 196 ? -2.738  15.168  -6.677  1.00 98.10  ? 289 ARG A CG  1 
ATOM   1534 C  CD  . ARG A 1 196 ? -3.905  15.579  -7.549  1.00 93.66  ? 289 ARG A CD  1 
ATOM   1535 N  NE  . ARG A 1 196 ? -4.731  14.417  -7.836  1.00 91.24  ? 289 ARG A NE  1 
ATOM   1536 C  CZ  . ARG A 1 196 ? -5.923  14.450  -8.409  1.00 87.59  ? 289 ARG A CZ  1 
ATOM   1537 N  NH1 . ARG A 1 196 ? -6.458  15.603  -8.770  1.00 91.54  ? 289 ARG A NH1 1 
ATOM   1538 N  NH2 . ARG A 1 196 ? -6.580  13.320  -8.611  1.00 85.10  ? 289 ARG A NH2 1 
ATOM   1539 N  N   . GLN A 1 197 ? 0.486   18.135  -5.839  1.00 124.33 ? 290 GLN A N   1 
ATOM   1540 C  CA  . GLN A 1 197 ? 1.544   19.098  -6.263  1.00 125.76 ? 290 GLN A CA  1 
ATOM   1541 C  C   . GLN A 1 197 ? 2.789   18.842  -5.403  1.00 122.29 ? 290 GLN A C   1 
ATOM   1542 O  O   . GLN A 1 197 ? 3.901   18.902  -5.956  1.00 117.04 ? 290 GLN A O   1 
ATOM   1543 C  CB  . GLN A 1 197 ? 1.057   20.541  -6.081  1.00 133.24 ? 290 GLN A CB  1 
ATOM   1544 C  CG  . GLN A 1 197 ? 1.628   21.534  -7.087  1.00 133.17 ? 290 GLN A CG  1 
ATOM   1545 C  CD  . GLN A 1 197 ? 1.057   22.922  -6.900  1.00 136.05 ? 290 GLN A CD  1 
ATOM   1546 O  OE1 . GLN A 1 197 ? 0.768   23.358  -5.786  1.00 133.25 ? 290 GLN A OE1 1 
ATOM   1547 N  NE2 . GLN A 1 197 ? 0.889   23.638  -8.000  1.00 135.30 ? 290 GLN A NE2 1 
ATOM   1548 N  N   . ARG A 1 198 ? 2.598   18.555  -4.111  1.00 118.34 ? 291 ARG A N   1 
ATOM   1549 C  CA  . ARG A 1 198 ? 3.690   18.367  -3.119  1.00 123.87 ? 291 ARG A CA  1 
ATOM   1550 C  C   . ARG A 1 198 ? 4.228   16.928  -3.171  1.00 120.65 ? 291 ARG A C   1 
ATOM   1551 O  O   . ARG A 1 198 ? 5.223   16.655  -2.471  1.00 144.80 ? 291 ARG A O   1 
ATOM   1552 C  CB  . ARG A 1 198 ? 3.207   18.738  -1.710  1.00 130.42 ? 291 ARG A CB  1 
ATOM   1553 C  CG  . ARG A 1 198 ? 3.504   20.176  -1.302  1.00 131.07 ? 291 ARG A CG  1 
ATOM   1554 C  CD  . ARG A 1 198 ? 3.137   20.486  0.142   1.00 130.05 ? 291 ARG A CD  1 
ATOM   1555 N  NE  . ARG A 1 198 ? 3.833   19.637  1.108   1.00 132.26 ? 291 ARG A NE  1 
ATOM   1556 C  CZ  . ARG A 1 198 ? 3.660   19.678  2.429   1.00 126.58 ? 291 ARG A CZ  1 
ATOM   1557 N  NH1 . ARG A 1 198 ? 2.807   20.538  2.963   1.00 123.85 ? 291 ARG A NH1 1 
ATOM   1558 N  NH2 . ARG A 1 198 ? 4.341   18.857  3.212   1.00 117.92 ? 291 ARG A NH2 1 
ATOM   1559 N  N   . LEU A 1 199 ? 3.617   16.041  -3.957  1.00 111.64 ? 292 LEU A N   1 
ATOM   1560 C  CA  . LEU A 1 199 ? 4.103   14.647  -4.156  1.00 116.77 ? 292 LEU A CA  1 
ATOM   1561 C  C   . LEU A 1 199 ? 4.742   14.496  -5.544  1.00 121.36 ? 292 LEU A C   1 
ATOM   1562 O  O   . LEU A 1 199 ? 5.420   13.467  -5.772  1.00 111.48 ? 292 LEU A O   1 
ATOM   1563 C  CB  . LEU A 1 199 ? 2.926   13.696  -3.942  1.00 113.80 ? 292 LEU A CB  1 
ATOM   1564 C  CG  . LEU A 1 199 ? 2.296   13.803  -2.557  1.00 109.64 ? 292 LEU A CG  1 
ATOM   1565 C  CD1 . LEU A 1 199 ? 0.988   13.030  -2.490  1.00 112.44 ? 292 LEU A CD1 1 
ATOM   1566 C  CD2 . LEU A 1 199 ? 3.276   13.342  -1.491  1.00 107.74 ? 292 LEU A CD2 1 
ATOM   1567 N  N   . ARG A 1 200 ? 4.533   15.488  -6.422  1.00 128.89 ? 293 ARG A N   1 
ATOM   1568 C  CA  . ARG A 1 200 ? 5.353   15.759  -7.635  1.00 127.72 ? 293 ARG A CA  1 
ATOM   1569 C  C   . ARG A 1 200 ? 6.640   16.488  -7.212  1.00 139.20 ? 293 ARG A C   1 
ATOM   1570 O  O   . ARG A 1 200 ? 7.647   16.374  -7.939  1.00 142.55 ? 293 ARG A O   1 
ATOM   1571 C  CB  . ARG A 1 200 ? 4.555   16.583  -8.653  1.00 118.19 ? 293 ARG A CB  1 
ATOM   1572 C  CG  . ARG A 1 200 ? 3.238   15.945  -9.074  1.00 115.54 ? 293 ARG A CG  1 
ATOM   1573 C  CD  . ARG A 1 200 ? 2.705   16.448  -10.404 1.00 117.33 ? 293 ARG A CD  1 
ATOM   1574 N  NE  . ARG A 1 200 ? 1.741   17.540  -10.281 1.00 122.76 ? 293 ARG A NE  1 
ATOM   1575 C  CZ  . ARG A 1 200 ? 0.432   17.403  -10.046 1.00 120.24 ? 293 ARG A CZ  1 
ATOM   1576 N  NH1 . ARG A 1 200 ? -0.112  16.208  -9.881  1.00 118.56 ? 293 ARG A NH1 1 
ATOM   1577 N  NH2 . ARG A 1 200 ? -0.337  18.477  -9.968  1.00 115.11 ? 293 ARG A NH2 1 
ATOM   1578 N  N   . GLU A 1 201 ? 6.602   17.211  -6.083  1.00 148.55 ? 294 GLU A N   1 
ATOM   1579 C  CA  . GLU A 1 201 ? 7.784   17.836  -5.420  1.00 149.25 ? 294 GLU A CA  1 
ATOM   1580 C  C   . GLU A 1 201 ? 8.623   16.744  -4.739  1.00 144.77 ? 294 GLU A C   1 
ATOM   1581 O  O   . GLU A 1 201 ? 9.858   16.894  -4.710  1.00 146.29 ? 294 GLU A O   1 
ATOM   1582 C  CB  . GLU A 1 201 ? 7.356   18.894  -4.396  1.00 154.44 ? 294 GLU A CB  1 
ATOM   1583 C  CG  . GLU A 1 201 ? 6.554   20.046  -4.982  1.00 153.77 ? 294 GLU A CG  1 
ATOM   1584 C  CD  . GLU A 1 201 ? 7.360   21.205  -5.543  1.00 152.32 ? 294 GLU A CD  1 
ATOM   1585 O  OE1 . GLU A 1 201 ? 6.829   22.332  -5.557  1.00 149.64 ? 294 GLU A OE1 1 
ATOM   1586 O  OE2 . GLU A 1 201 ? 8.507   20.978  -5.973  1.00 155.25 ? 294 GLU A OE2 1 
ATOM   1587 N  N   . LEU A 1 202 ? 7.977   15.704  -4.192  1.00 140.15 ? 295 LEU A N   1 
ATOM   1588 C  CA  . LEU A 1 202 ? 8.637   14.469  -3.680  1.00 142.07 ? 295 LEU A CA  1 
ATOM   1589 C  C   . LEU A 1 202 ? 9.197   13.673  -4.868  1.00 150.83 ? 295 LEU A C   1 
ATOM   1590 O  O   . LEU A 1 202 ? 10.388  13.302  -4.817  1.00 161.54 ? 295 LEU A O   1 
ATOM   1591 C  CB  . LEU A 1 202 ? 7.624   13.639  -2.876  1.00 143.81 ? 295 LEU A CB  1 
ATOM   1592 C  CG  . LEU A 1 202 ? 8.117   12.311  -2.285  1.00 146.13 ? 295 LEU A CG  1 
ATOM   1593 C  CD1 . LEU A 1 202 ? 8.096   11.182  -3.311  1.00 141.53 ? 295 LEU A CD1 1 
ATOM   1594 C  CD2 . LEU A 1 202 ? 9.503   12.442  -1.670  1.00 145.07 ? 295 LEU A CD2 1 
ATOM   1595 N  N   . GLY A 1 203 ? 8.368   13.415  -5.888  1.00 147.60 ? 296 GLY A N   1 
ATOM   1596 C  CA  . GLY A 1 203 ? 8.749   12.681  -7.114  1.00 140.44 ? 296 GLY A CA  1 
ATOM   1597 C  C   . GLY A 1 203 ? 9.342   13.604  -8.168  1.00 137.65 ? 296 GLY A C   1 
ATOM   1598 O  O   . GLY A 1 203 ? 10.481  14.070  -8.072  1.00 128.26 ? 296 GLY A O   1 
HETATM 1599 O  O2  . JVO B 2 .   ? 1.938   -10.290 -6.185  1.00 88.38  ? 401 JVO A O2  1 
HETATM 1600 N  N1  . JVO B 2 .   ? 0.989   -5.236  -3.926  1.00 71.62  ? 401 JVO A N1  1 
HETATM 1601 C  C1  . JVO B 2 .   ? -0.256  -3.671  -5.387  1.00 77.06  ? 401 JVO A C1  1 
HETATM 1602 C  C2  . JVO B 2 .   ? 0.644   -4.895  -5.310  1.00 75.65  ? 401 JVO A C2  1 
HETATM 1603 C  C3  . JVO B 2 .   ? 1.889   -4.738  -6.169  1.00 73.50  ? 401 JVO A C3  1 
HETATM 1604 C  C4  . JVO B 2 .   ? 0.827   -6.393  -3.156  1.00 75.30  ? 401 JVO A C4  1 
HETATM 1605 N  N2  . JVO B 2 .   ? 0.272   -7.582  -3.478  1.00 76.60  ? 401 JVO A N2  1 
HETATM 1606 C  C5  . JVO B 2 .   ? -0.407  -7.966  -4.699  1.00 77.19  ? 401 JVO A C5  1 
HETATM 1607 C  C6  . JVO B 2 .   ? 0.093   -9.328  -5.142  1.00 78.97  ? 401 JVO A C6  1 
HETATM 1608 O  O1  . JVO B 2 .   ? -0.118  -10.341 -4.166  1.00 62.76  ? 401 JVO A O1  1 
HETATM 1609 C  C7  . JVO B 2 .   ? 1.557   -9.126  -5.452  1.00 81.17  ? 401 JVO A C7  1 
HETATM 1610 C  C8  . JVO B 2 .   ? 2.829   -10.165 -7.213  1.00 86.92  ? 401 JVO A C8  1 
HETATM 1611 C  C9  . JVO B 2 .   ? 3.952   -10.977 -7.185  1.00 88.98  ? 401 JVO A C9  1 
HETATM 1612 C  C10 . JVO B 2 .   ? 4.873   -10.913 -8.214  1.00 88.91  ? 401 JVO A C10 1 
HETATM 1613 C  C11 . JVO B 2 .   ? 4.693   -10.057 -9.287  1.00 88.12  ? 401 JVO A C11 1 
HETATM 1614 C  C12 . JVO B 2 .   ? 5.702   -10.005 -10.414 1.00 91.22  ? 401 JVO A C12 1 
HETATM 1615 C  C13 . JVO B 2 .   ? 7.091   -9.974  -9.972  1.00 90.28  ? 401 JVO A C13 1 
HETATM 1616 N  N3  . JVO B 2 .   ? 8.186   -9.859  -9.663  1.00 87.80  ? 401 JVO A N3  1 
HETATM 1617 C  C14 . JVO B 2 .   ? 3.555   -9.262  -9.302  1.00 87.58  ? 401 JVO A C14 1 
HETATM 1618 C  C15 . JVO B 2 .   ? 2.621   -9.312  -8.281  1.00 84.73  ? 401 JVO A C15 1 
HETATM 1619 N  N4  . JVO B 2 .   ? 1.290   -6.275  -1.931  1.00 80.49  ? 401 JVO A N4  1 
HETATM 1620 C  C16 . JVO B 2 .   ? 1.796   -4.983  -1.870  1.00 77.07  ? 401 JVO A C16 1 
HETATM 1621 C  C17 . JVO B 2 .   ? 2.413   -4.332  -0.806  1.00 77.27  ? 401 JVO A C17 1 
HETATM 1622 C  C18 . JVO B 2 .   ? 2.837   -3.040  -0.988  1.00 73.54  ? 401 JVO A C18 1 
HETATM 1623 C  C19 . JVO B 2 .   ? 2.646   -2.411  -2.206  1.00 70.45  ? 401 JVO A C19 1 
HETATM 1624 CL CL1 . JVO B 2 .   ? 3.208   -0.768  -2.381  1.00 94.02  ? 401 JVO A CL1 1 
HETATM 1625 C  C20 . JVO B 2 .   ? 2.039   -3.030  -3.282  1.00 70.39  ? 401 JVO A C20 1 
HETATM 1626 C  C21 . JVO B 2 .   ? 1.616   -4.336  -3.092  1.00 69.92  ? 401 JVO A C21 1 
HETATM 1627 O  O   . HOH C 3 .   ? 10.146  1.102   8.878   1.00 67.02  ? 501 HOH A O   1 
# 
